data_1QQY
# 
_entry.id   1QQY 
# 
_audit_conform.dict_name       mmcif_pdbx.dic 
_audit_conform.dict_version    5.397 
_audit_conform.dict_location   http://mmcif.pdb.org/dictionaries/ascii/mmcif_pdbx.dic 
# 
loop_
_database_2.database_id 
_database_2.database_code 
_database_2.pdbx_database_accession 
_database_2.pdbx_DOI 
PDB   1QQY         pdb_00001qqy 10.2210/pdb1qqy/pdb 
RCSB  RCSB009162   ?            ?                   
WWPDB D_1000009162 ?            ?                   
# 
loop_
_pdbx_audit_revision_history.ordinal 
_pdbx_audit_revision_history.data_content_type 
_pdbx_audit_revision_history.major_revision 
_pdbx_audit_revision_history.minor_revision 
_pdbx_audit_revision_history.revision_date 
1 'Structure model' 1 0 2000-06-09 
2 'Structure model' 1 1 2008-04-27 
3 'Structure model' 1 2 2011-07-13 
4 'Structure model' 1 3 2022-12-21 
5 'Structure model' 1 4 2024-04-03 
6 'Structure model' 1 5 2024-10-16 
# 
_pdbx_audit_revision_details.ordinal             1 
_pdbx_audit_revision_details.revision_ordinal    1 
_pdbx_audit_revision_details.data_content_type   'Structure model' 
_pdbx_audit_revision_details.provider            repository 
_pdbx_audit_revision_details.type                'Initial release' 
_pdbx_audit_revision_details.description         ? 
_pdbx_audit_revision_details.details             ? 
# 
loop_
_pdbx_audit_revision_group.ordinal 
_pdbx_audit_revision_group.revision_ordinal 
_pdbx_audit_revision_group.data_content_type 
_pdbx_audit_revision_group.group 
1 2 'Structure model' 'Version format compliance' 
2 3 'Structure model' 'Version format compliance' 
3 4 'Structure model' 'Database references'       
4 5 'Structure model' 'Data collection'           
5 5 'Structure model' 'Refinement description'    
6 6 'Structure model' 'Structure summary'         
# 
loop_
_pdbx_audit_revision_category.ordinal 
_pdbx_audit_revision_category.revision_ordinal 
_pdbx_audit_revision_category.data_content_type 
_pdbx_audit_revision_category.category 
1 4 'Structure model' database_2                    
2 4 'Structure model' struct_ref_seq_dif            
3 5 'Structure model' chem_comp_atom                
4 5 'Structure model' chem_comp_bond                
5 5 'Structure model' pdbx_initial_refinement_model 
6 6 'Structure model' pdbx_entry_details            
7 6 'Structure model' pdbx_modification_feature     
# 
loop_
_pdbx_audit_revision_item.ordinal 
_pdbx_audit_revision_item.revision_ordinal 
_pdbx_audit_revision_item.data_content_type 
_pdbx_audit_revision_item.item 
1 4 'Structure model' '_database_2.pdbx_DOI'                
2 4 'Structure model' '_database_2.pdbx_database_accession' 
3 4 'Structure model' '_struct_ref_seq_dif.details'         
# 
_pdbx_database_status.status_code                     REL 
_pdbx_database_status.entry_id                        1QQY 
_pdbx_database_status.recvd_initial_deposition_date   1999-06-09 
_pdbx_database_status.deposit_site                    RCSB 
_pdbx_database_status.process_site                    RCSB 
_pdbx_database_status.SG_entry                        . 
_pdbx_database_status.pdb_format_compatible           Y 
_pdbx_database_status.status_code_mr                  ? 
_pdbx_database_status.status_code_sf                  ? 
_pdbx_database_status.status_code_cs                  ? 
_pdbx_database_status.status_code_nmr_data            ? 
_pdbx_database_status.methods_development_category    ? 
# 
loop_
_pdbx_database_related.db_name 
_pdbx_database_related.db_id 
_pdbx_database_related.details 
_pdbx_database_related.content_type 
PDB 1dlz . unspecified 
PDB 1cml . unspecified 
# 
loop_
_audit_author.name 
_audit_author.pdbx_ordinal 
'Koshiba, T.' 1 
'Yao, M.'     2 
'Tanaka, I.'  3 
'Nitta, K.'   4 
# 
loop_
_citation.id 
_citation.title 
_citation.journal_abbrev 
_citation.journal_volume 
_citation.page_first 
_citation.page_last 
_citation.year 
_citation.journal_id_ASTM 
_citation.country 
_citation.journal_id_ISSN 
_citation.journal_id_CSD 
_citation.book_publisher 
_citation.pdbx_database_id_PubMed 
_citation.pdbx_database_id_DOI 
primary 'Structure and thermodynamics of the extraordinarily stable molten globule state of canine milk lysozyme.' Biochemistry   
39 3248 3257 2000 BICHAW US 0006-2960 0033 ? 10727216 10.1021/bi991525a        
1       
'Expression of a synthetic gene encoding canine milk lysozyme in Escherichia coli and characterization of the expressed protein' 
'Protein Eng.' 12 429  435  1999 PRENE9 UK 0269-2139 0859 ? ?        10.1093/protein/12.5.429 
# 
loop_
_citation_author.citation_id 
_citation_author.name 
_citation_author.ordinal 
_citation_author.identifier_ORCID 
primary 'Koshiba, T.'     1  ? 
primary 'Yao, M.'         2  ? 
primary 'Kobashigawa, Y.' 3  ? 
primary 'Demura, M.'      4  ? 
primary 'Nakagawa, A.'    5  ? 
primary 'Tanaka, I.'      6  ? 
primary 'Kuwajima, K.'    7  ? 
primary 'Nitta, K.'       8  ? 
1       'Koshiba, T.'     9  ? 
1       'Hayashi, T.'     10 ? 
1       'Miwako, I.'      11 ? 
1       'Kumagai, I.'     12 ? 
1       'Ikura, T.'       13 ? 
1       'Kawano, K.'      14 ? 
1       'Nitta, K.'       15 ? 
1       'Kuwajima, K.'    16 ? 
# 
loop_
_entity.id 
_entity.type 
_entity.src_method 
_entity.pdbx_description 
_entity.formula_weight 
_entity.pdbx_number_of_molecules 
_entity.pdbx_ec 
_entity.pdbx_mutation 
_entity.pdbx_fragment 
_entity.details 
1 polymer man 'LYSOZYME C' 14621.643 1  3.2.1.17 ? ? ? 
2 water   nat water        18.015    81 ?        ? ? ? 
# 
_entity_poly.entity_id                      1 
_entity_poly.type                           'polypeptide(L)' 
_entity_poly.nstd_linkage                   no 
_entity_poly.nstd_monomer                   no 
_entity_poly.pdbx_seq_one_letter_code       
;MKIFSKCELARKLKSMGMDGFHGYSLANWVCMAEYESNFNTQAFNGRNSNGSSDYGIFQLNSKWWCKSNSHSSANACNIM
CSKFLDDNIDDDIACAKRVVKDPNGMSAWVAWVKHCKGKDLSKYLASCNL
;
_entity_poly.pdbx_seq_one_letter_code_can   
;MKIFSKCELARKLKSMGMDGFHGYSLANWVCMAEYESNFNTQAFNGRNSNGSSDYGIFQLNSKWWCKSNSHSSANACNIM
CSKFLDDNIDDDIACAKRVVKDPNGMSAWVAWVKHCKGKDLSKYLASCNL
;
_entity_poly.pdbx_strand_id                 A 
_entity_poly.pdbx_target_identifier         ? 
# 
_pdbx_entity_nonpoly.entity_id   2 
_pdbx_entity_nonpoly.name        water 
_pdbx_entity_nonpoly.comp_id     HOH 
# 
loop_
_entity_poly_seq.entity_id 
_entity_poly_seq.num 
_entity_poly_seq.mon_id 
_entity_poly_seq.hetero 
1 1   MET n 
1 2   LYS n 
1 3   ILE n 
1 4   PHE n 
1 5   SER n 
1 6   LYS n 
1 7   CYS n 
1 8   GLU n 
1 9   LEU n 
1 10  ALA n 
1 11  ARG n 
1 12  LYS n 
1 13  LEU n 
1 14  LYS n 
1 15  SER n 
1 16  MET n 
1 17  GLY n 
1 18  MET n 
1 19  ASP n 
1 20  GLY n 
1 21  PHE n 
1 22  HIS n 
1 23  GLY n 
1 24  TYR n 
1 25  SER n 
1 26  LEU n 
1 27  ALA n 
1 28  ASN n 
1 29  TRP n 
1 30  VAL n 
1 31  CYS n 
1 32  MET n 
1 33  ALA n 
1 34  GLU n 
1 35  TYR n 
1 36  GLU n 
1 37  SER n 
1 38  ASN n 
1 39  PHE n 
1 40  ASN n 
1 41  THR n 
1 42  GLN n 
1 43  ALA n 
1 44  PHE n 
1 45  ASN n 
1 46  GLY n 
1 47  ARG n 
1 48  ASN n 
1 49  SER n 
1 50  ASN n 
1 51  GLY n 
1 52  SER n 
1 53  SER n 
1 54  ASP n 
1 55  TYR n 
1 56  GLY n 
1 57  ILE n 
1 58  PHE n 
1 59  GLN n 
1 60  LEU n 
1 61  ASN n 
1 62  SER n 
1 63  LYS n 
1 64  TRP n 
1 65  TRP n 
1 66  CYS n 
1 67  LYS n 
1 68  SER n 
1 69  ASN n 
1 70  SER n 
1 71  HIS n 
1 72  SER n 
1 73  SER n 
1 74  ALA n 
1 75  ASN n 
1 76  ALA n 
1 77  CYS n 
1 78  ASN n 
1 79  ILE n 
1 80  MET n 
1 81  CYS n 
1 82  SER n 
1 83  LYS n 
1 84  PHE n 
1 85  LEU n 
1 86  ASP n 
1 87  ASP n 
1 88  ASN n 
1 89  ILE n 
1 90  ASP n 
1 91  ASP n 
1 92  ASP n 
1 93  ILE n 
1 94  ALA n 
1 95  CYS n 
1 96  ALA n 
1 97  LYS n 
1 98  ARG n 
1 99  VAL n 
1 100 VAL n 
1 101 LYS n 
1 102 ASP n 
1 103 PRO n 
1 104 ASN n 
1 105 GLY n 
1 106 MET n 
1 107 SER n 
1 108 ALA n 
1 109 TRP n 
1 110 VAL n 
1 111 ALA n 
1 112 TRP n 
1 113 VAL n 
1 114 LYS n 
1 115 HIS n 
1 116 CYS n 
1 117 LYS n 
1 118 GLY n 
1 119 LYS n 
1 120 ASP n 
1 121 LEU n 
1 122 SER n 
1 123 LYS n 
1 124 TYR n 
1 125 LEU n 
1 126 ALA n 
1 127 SER n 
1 128 CYS n 
1 129 ASN n 
1 130 LEU n 
# 
_entity_src_gen.entity_id                          1 
_entity_src_gen.pdbx_src_id                        1 
_entity_src_gen.pdbx_alt_source_flag               sample 
_entity_src_gen.pdbx_seq_type                      ? 
_entity_src_gen.pdbx_beg_seq_num                   ? 
_entity_src_gen.pdbx_end_seq_num                   ? 
_entity_src_gen.gene_src_common_name               dog 
_entity_src_gen.gene_src_genus                     Canis 
_entity_src_gen.pdbx_gene_src_gene                 ? 
_entity_src_gen.gene_src_species                   'Canis lupus' 
_entity_src_gen.gene_src_strain                    familiaris 
_entity_src_gen.gene_src_tissue                    ? 
_entity_src_gen.gene_src_tissue_fraction           ? 
_entity_src_gen.gene_src_details                   ? 
_entity_src_gen.pdbx_gene_src_fragment             ? 
_entity_src_gen.pdbx_gene_src_scientific_name      'Canis lupus familiaris' 
_entity_src_gen.pdbx_gene_src_ncbi_taxonomy_id     9615 
_entity_src_gen.pdbx_gene_src_variant              ? 
_entity_src_gen.pdbx_gene_src_cell_line            ? 
_entity_src_gen.pdbx_gene_src_atcc                 ? 
_entity_src_gen.pdbx_gene_src_organ                ? 
_entity_src_gen.pdbx_gene_src_organelle            ? 
_entity_src_gen.pdbx_gene_src_cell                 ? 
_entity_src_gen.pdbx_gene_src_cellular_location    ? 
_entity_src_gen.host_org_common_name               ? 
_entity_src_gen.pdbx_host_org_scientific_name      'Escherichia coli' 
_entity_src_gen.pdbx_host_org_ncbi_taxonomy_id     562 
_entity_src_gen.host_org_genus                     Escherichia 
_entity_src_gen.pdbx_host_org_gene                 ? 
_entity_src_gen.pdbx_host_org_organ                ? 
_entity_src_gen.host_org_species                   ? 
_entity_src_gen.pdbx_host_org_tissue               ? 
_entity_src_gen.pdbx_host_org_tissue_fraction      ? 
_entity_src_gen.pdbx_host_org_strain               ? 
_entity_src_gen.pdbx_host_org_variant              ? 
_entity_src_gen.pdbx_host_org_cell_line            ? 
_entity_src_gen.pdbx_host_org_atcc                 ? 
_entity_src_gen.pdbx_host_org_culture_collection   ? 
_entity_src_gen.pdbx_host_org_cell                 ? 
_entity_src_gen.pdbx_host_org_organelle            ? 
_entity_src_gen.pdbx_host_org_cellular_location    ? 
_entity_src_gen.pdbx_host_org_vector_type          ? 
_entity_src_gen.pdbx_host_org_vector               ? 
_entity_src_gen.host_org_details                   ? 
_entity_src_gen.expression_system_id               ? 
_entity_src_gen.plasmid_name                       'PLASMID PSCREEN 1-B(+)' 
_entity_src_gen.plasmid_details                    ? 
_entity_src_gen.pdbx_description                   ? 
# 
loop_
_chem_comp.id 
_chem_comp.type 
_chem_comp.mon_nstd_flag 
_chem_comp.name 
_chem_comp.pdbx_synonyms 
_chem_comp.formula 
_chem_comp.formula_weight 
ALA 'L-peptide linking' y ALANINE         ? 'C3 H7 N O2'     89.093  
ARG 'L-peptide linking' y ARGININE        ? 'C6 H15 N4 O2 1' 175.209 
ASN 'L-peptide linking' y ASPARAGINE      ? 'C4 H8 N2 O3'    132.118 
ASP 'L-peptide linking' y 'ASPARTIC ACID' ? 'C4 H7 N O4'     133.103 
CYS 'L-peptide linking' y CYSTEINE        ? 'C3 H7 N O2 S'   121.158 
GLN 'L-peptide linking' y GLUTAMINE       ? 'C5 H10 N2 O3'   146.144 
GLU 'L-peptide linking' y 'GLUTAMIC ACID' ? 'C5 H9 N O4'     147.129 
GLY 'peptide linking'   y GLYCINE         ? 'C2 H5 N O2'     75.067  
HIS 'L-peptide linking' y HISTIDINE       ? 'C6 H10 N3 O2 1' 156.162 
HOH non-polymer         . WATER           ? 'H2 O'           18.015  
ILE 'L-peptide linking' y ISOLEUCINE      ? 'C6 H13 N O2'    131.173 
LEU 'L-peptide linking' y LEUCINE         ? 'C6 H13 N O2'    131.173 
LYS 'L-peptide linking' y LYSINE          ? 'C6 H15 N2 O2 1' 147.195 
MET 'L-peptide linking' y METHIONINE      ? 'C5 H11 N O2 S'  149.211 
PHE 'L-peptide linking' y PHENYLALANINE   ? 'C9 H11 N O2'    165.189 
PRO 'L-peptide linking' y PROLINE         ? 'C5 H9 N O2'     115.130 
SER 'L-peptide linking' y SERINE          ? 'C3 H7 N O3'     105.093 
THR 'L-peptide linking' y THREONINE       ? 'C4 H9 N O3'     119.119 
TRP 'L-peptide linking' y TRYPTOPHAN      ? 'C11 H12 N2 O2'  204.225 
TYR 'L-peptide linking' y TYROSINE        ? 'C9 H11 N O3'    181.189 
VAL 'L-peptide linking' y VALINE          ? 'C5 H11 N O2'    117.146 
# 
loop_
_pdbx_poly_seq_scheme.asym_id 
_pdbx_poly_seq_scheme.entity_id 
_pdbx_poly_seq_scheme.seq_id 
_pdbx_poly_seq_scheme.mon_id 
_pdbx_poly_seq_scheme.ndb_seq_num 
_pdbx_poly_seq_scheme.pdb_seq_num 
_pdbx_poly_seq_scheme.auth_seq_num 
_pdbx_poly_seq_scheme.pdb_mon_id 
_pdbx_poly_seq_scheme.auth_mon_id 
_pdbx_poly_seq_scheme.pdb_strand_id 
_pdbx_poly_seq_scheme.pdb_ins_code 
_pdbx_poly_seq_scheme.hetero 
A 1 1   MET 1   -1  -1  MET MET A . n 
A 1 2   LYS 2   1   1   LYS LYS A . n 
A 1 3   ILE 3   2   2   ILE ILE A . n 
A 1 4   PHE 4   3   3   PHE PHE A . n 
A 1 5   SER 5   4   4   SER SER A . n 
A 1 6   LYS 6   5   5   LYS LYS A . n 
A 1 7   CYS 7   6   6   CYS CYS A . n 
A 1 8   GLU 8   7   7   GLU GLU A . n 
A 1 9   LEU 9   8   8   LEU LEU A . n 
A 1 10  ALA 10  9   9   ALA ALA A . n 
A 1 11  ARG 11  10  10  ARG ARG A . n 
A 1 12  LYS 12  11  11  LYS LYS A . n 
A 1 13  LEU 13  12  12  LEU LEU A . n 
A 1 14  LYS 14  13  13  LYS LYS A . n 
A 1 15  SER 15  14  14  SER SER A . n 
A 1 16  MET 16  15  15  MET MET A . n 
A 1 17  GLY 17  16  16  GLY GLY A . n 
A 1 18  MET 18  17  17  MET MET A . n 
A 1 19  ASP 19  18  18  ASP ASP A . n 
A 1 20  GLY 20  19  19  GLY GLY A . n 
A 1 21  PHE 21  20  20  PHE PHE A . n 
A 1 22  HIS 22  21  21  HIS HIS A . n 
A 1 23  GLY 23  22  22  GLY GLY A . n 
A 1 24  TYR 24  23  23  TYR TYR A . n 
A 1 25  SER 25  24  24  SER SER A . n 
A 1 26  LEU 26  25  25  LEU LEU A . n 
A 1 27  ALA 27  26  26  ALA ALA A . n 
A 1 28  ASN 28  27  27  ASN ASN A . n 
A 1 29  TRP 29  28  28  TRP TRP A . n 
A 1 30  VAL 30  29  29  VAL VAL A . n 
A 1 31  CYS 31  30  30  CYS CYS A . n 
A 1 32  MET 32  31  31  MET MET A . n 
A 1 33  ALA 33  32  32  ALA ALA A . n 
A 1 34  GLU 34  33  33  GLU GLU A . n 
A 1 35  TYR 35  34  34  TYR TYR A . n 
A 1 36  GLU 36  35  35  GLU GLU A . n 
A 1 37  SER 37  36  36  SER SER A . n 
A 1 38  ASN 38  37  37  ASN ASN A . n 
A 1 39  PHE 39  38  38  PHE PHE A . n 
A 1 40  ASN 40  39  39  ASN ASN A . n 
A 1 41  THR 41  40  40  THR THR A . n 
A 1 42  GLN 42  41  41  GLN GLN A . n 
A 1 43  ALA 43  42  42  ALA ALA A . n 
A 1 44  PHE 44  43  43  PHE PHE A . n 
A 1 45  ASN 45  44  44  ASN ASN A . n 
A 1 46  GLY 46  45  45  GLY GLY A . n 
A 1 47  ARG 47  46  46  ARG ARG A . n 
A 1 48  ASN 48  47  47  ASN ASN A . n 
A 1 49  SER 49  48  48  SER SER A . n 
A 1 50  ASN 50  49  49  ASN ASN A . n 
A 1 51  GLY 51  50  50  GLY GLY A . n 
A 1 52  SER 52  51  51  SER SER A . n 
A 1 53  SER 53  52  52  SER SER A . n 
A 1 54  ASP 54  53  53  ASP ASP A . n 
A 1 55  TYR 55  54  54  TYR TYR A . n 
A 1 56  GLY 56  55  55  GLY GLY A . n 
A 1 57  ILE 57  56  56  ILE ILE A . n 
A 1 58  PHE 58  57  57  PHE PHE A . n 
A 1 59  GLN 59  58  58  GLN GLN A . n 
A 1 60  LEU 60  59  59  LEU LEU A . n 
A 1 61  ASN 61  60  60  ASN ASN A . n 
A 1 62  SER 62  61  61  SER SER A . n 
A 1 63  LYS 63  62  62  LYS LYS A . n 
A 1 64  TRP 64  63  63  TRP TRP A . n 
A 1 65  TRP 65  64  64  TRP TRP A . n 
A 1 66  CYS 66  65  65  CYS CYS A . n 
A 1 67  LYS 67  66  66  LYS LYS A . n 
A 1 68  SER 68  67  67  SER SER A . n 
A 1 69  ASN 69  68  68  ASN ASN A . n 
A 1 70  SER 70  69  69  SER SER A . n 
A 1 71  HIS 71  70  70  HIS HIS A . n 
A 1 72  SER 72  71  71  SER SER A . n 
A 1 73  SER 73  72  72  SER SER A . n 
A 1 74  ALA 74  73  73  ALA ALA A . n 
A 1 75  ASN 75  74  74  ASN ASN A . n 
A 1 76  ALA 76  75  75  ALA ALA A . n 
A 1 77  CYS 77  76  76  CYS CYS A . n 
A 1 78  ASN 78  77  77  ASN ASN A . n 
A 1 79  ILE 79  78  78  ILE ILE A . n 
A 1 80  MET 80  79  79  MET MET A . n 
A 1 81  CYS 81  80  80  CYS CYS A . n 
A 1 82  SER 82  81  81  SER SER A . n 
A 1 83  LYS 83  82  82  LYS LYS A . n 
A 1 84  PHE 84  83  83  PHE PHE A . n 
A 1 85  LEU 85  84  84  LEU LEU A . n 
A 1 86  ASP 86  85  85  ASP ASP A . n 
A 1 87  ASP 87  86  86  ASP ASP A . n 
A 1 88  ASN 88  87  87  ASN ASN A . n 
A 1 89  ILE 89  88  88  ILE ILE A . n 
A 1 90  ASP 90  89  89  ASP ASP A . n 
A 1 91  ASP 91  90  90  ASP ASP A . n 
A 1 92  ASP 92  91  91  ASP ASP A . n 
A 1 93  ILE 93  92  92  ILE ILE A . n 
A 1 94  ALA 94  93  93  ALA ALA A . n 
A 1 95  CYS 95  94  94  CYS CYS A . n 
A 1 96  ALA 96  95  95  ALA ALA A . n 
A 1 97  LYS 97  96  96  LYS LYS A . n 
A 1 98  ARG 98  97  97  ARG ARG A . n 
A 1 99  VAL 99  98  98  VAL VAL A . n 
A 1 100 VAL 100 99  99  VAL VAL A . n 
A 1 101 LYS 101 100 100 LYS LYS A . n 
A 1 102 ASP 102 101 101 ASP ASP A . n 
A 1 103 PRO 103 102 102 PRO PRO A . n 
A 1 104 ASN 104 103 103 ASN ASN A . n 
A 1 105 GLY 105 104 104 GLY GLY A . n 
A 1 106 MET 106 105 105 MET MET A . n 
A 1 107 SER 107 106 106 SER SER A . n 
A 1 108 ALA 108 107 107 ALA ALA A . n 
A 1 109 TRP 109 108 108 TRP TRP A . n 
A 1 110 VAL 110 109 109 VAL VAL A . n 
A 1 111 ALA 111 110 110 ALA ALA A . n 
A 1 112 TRP 112 111 111 TRP TRP A . n 
A 1 113 VAL 113 112 112 VAL VAL A . n 
A 1 114 LYS 114 113 113 LYS LYS A . n 
A 1 115 HIS 115 114 114 HIS HIS A . n 
A 1 116 CYS 116 115 115 CYS CYS A . n 
A 1 117 LYS 117 116 116 LYS LYS A . n 
A 1 118 GLY 118 117 117 GLY GLY A . n 
A 1 119 LYS 119 118 118 LYS LYS A . n 
A 1 120 ASP 120 119 119 ASP ASP A . n 
A 1 121 LEU 121 120 120 LEU LEU A . n 
A 1 122 SER 122 121 121 SER SER A . n 
A 1 123 LYS 123 122 122 LYS LYS A . n 
A 1 124 TYR 124 123 123 TYR TYR A . n 
A 1 125 LEU 125 124 124 LEU LEU A . n 
A 1 126 ALA 126 125 125 ALA ALA A . n 
A 1 127 SER 127 126 126 SER SER A . n 
A 1 128 CYS 128 127 127 CYS CYS A . n 
A 1 129 ASN 129 128 128 ASN ASN A . n 
A 1 130 LEU 130 129 129 LEU LEU A . n 
# 
loop_
_pdbx_nonpoly_scheme.asym_id 
_pdbx_nonpoly_scheme.entity_id 
_pdbx_nonpoly_scheme.mon_id 
_pdbx_nonpoly_scheme.ndb_seq_num 
_pdbx_nonpoly_scheme.pdb_seq_num 
_pdbx_nonpoly_scheme.auth_seq_num 
_pdbx_nonpoly_scheme.pdb_mon_id 
_pdbx_nonpoly_scheme.auth_mon_id 
_pdbx_nonpoly_scheme.pdb_strand_id 
_pdbx_nonpoly_scheme.pdb_ins_code 
B 2 HOH 1  130 1   HOH HOH A . 
B 2 HOH 2  131 2   HOH HOH A . 
B 2 HOH 3  132 3   HOH HOH A . 
B 2 HOH 4  133 4   HOH HOH A . 
B 2 HOH 5  134 5   HOH HOH A . 
B 2 HOH 6  135 6   HOH HOH A . 
B 2 HOH 7  136 7   HOH HOH A . 
B 2 HOH 8  137 8   HOH HOH A . 
B 2 HOH 9  138 9   HOH HOH A . 
B 2 HOH 10 139 10  HOH HOH A . 
B 2 HOH 11 140 11  HOH HOH A . 
B 2 HOH 12 141 12  HOH HOH A . 
B 2 HOH 13 142 13  HOH HOH A . 
B 2 HOH 14 143 14  HOH HOH A . 
B 2 HOH 15 144 15  HOH HOH A . 
B 2 HOH 16 145 16  HOH HOH A . 
B 2 HOH 17 146 17  HOH HOH A . 
B 2 HOH 18 147 18  HOH HOH A . 
B 2 HOH 19 148 19  HOH HOH A . 
B 2 HOH 20 149 20  HOH HOH A . 
B 2 HOH 21 150 21  HOH HOH A . 
B 2 HOH 22 151 22  HOH HOH A . 
B 2 HOH 23 152 25  HOH HOH A . 
B 2 HOH 24 153 26  HOH HOH A . 
B 2 HOH 25 154 27  HOH HOH A . 
B 2 HOH 26 155 32  HOH HOH A . 
B 2 HOH 27 156 33  HOH HOH A . 
B 2 HOH 28 157 34  HOH HOH A . 
B 2 HOH 29 158 37  HOH HOH A . 
B 2 HOH 30 159 38  HOH HOH A . 
B 2 HOH 31 160 39  HOH HOH A . 
B 2 HOH 32 161 41  HOH HOH A . 
B 2 HOH 33 162 43  HOH HOH A . 
B 2 HOH 34 163 46  HOH HOH A . 
B 2 HOH 35 164 49  HOH HOH A . 
B 2 HOH 36 165 50  HOH HOH A . 
B 2 HOH 37 166 51  HOH HOH A . 
B 2 HOH 38 167 52  HOH HOH A . 
B 2 HOH 39 168 53  HOH HOH A . 
B 2 HOH 40 169 55  HOH HOH A . 
B 2 HOH 41 170 57  HOH HOH A . 
B 2 HOH 42 171 58  HOH HOH A . 
B 2 HOH 43 172 59  HOH HOH A . 
B 2 HOH 44 173 60  HOH HOH A . 
B 2 HOH 45 174 61  HOH HOH A . 
B 2 HOH 46 175 62  HOH HOH A . 
B 2 HOH 47 176 63  HOH HOH A . 
B 2 HOH 48 177 64  HOH HOH A . 
B 2 HOH 49 178 65  HOH HOH A . 
B 2 HOH 50 179 66  HOH HOH A . 
B 2 HOH 51 180 67  HOH HOH A . 
B 2 HOH 52 181 68  HOH HOH A . 
B 2 HOH 53 182 69  HOH HOH A . 
B 2 HOH 54 183 70  HOH HOH A . 
B 2 HOH 55 184 71  HOH HOH A . 
B 2 HOH 56 185 72  HOH HOH A . 
B 2 HOH 57 186 74  HOH HOH A . 
B 2 HOH 58 187 75  HOH HOH A . 
B 2 HOH 59 188 76  HOH HOH A . 
B 2 HOH 60 189 77  HOH HOH A . 
B 2 HOH 61 190 78  HOH HOH A . 
B 2 HOH 62 191 79  HOH HOH A . 
B 2 HOH 63 192 80  HOH HOH A . 
B 2 HOH 64 193 83  HOH HOH A . 
B 2 HOH 65 194 85  HOH HOH A . 
B 2 HOH 66 195 86  HOH HOH A . 
B 2 HOH 67 196 87  HOH HOH A . 
B 2 HOH 68 197 89  HOH HOH A . 
B 2 HOH 69 198 90  HOH HOH A . 
B 2 HOH 70 199 91  HOH HOH A . 
B 2 HOH 71 200 92  HOH HOH A . 
B 2 HOH 72 201 93  HOH HOH A . 
B 2 HOH 73 202 95  HOH HOH A . 
B 2 HOH 74 203 96  HOH HOH A . 
B 2 HOH 75 204 98  HOH HOH A . 
B 2 HOH 76 205 99  HOH HOH A . 
B 2 HOH 77 206 100 HOH HOH A . 
B 2 HOH 78 207 101 HOH HOH A . 
B 2 HOH 79 208 102 HOH HOH A . 
B 2 HOH 80 209 103 HOH HOH A . 
B 2 HOH 81 210 106 HOH HOH A . 
# 
loop_
_software.name 
_software.classification 
_software.version 
_software.citation_id 
_software.pdbx_ordinal 
DENZO     'data reduction' . ? 1 
SCALEPACK 'data scaling'   . ? 2 
AMoRE     phasing          . ? 3 
CNS       refinement       . ? 4 
# 
_cell.entry_id           1QQY 
_cell.length_a           68.577 
_cell.length_b           68.577 
_cell.length_c           107.063 
_cell.angle_alpha        90.00 
_cell.angle_beta         90.00 
_cell.angle_gamma        120.00 
_cell.Z_PDB              12 
_cell.pdbx_unique_axis   ? 
# 
_symmetry.entry_id                         1QQY 
_symmetry.space_group_name_H-M             'P 61 2 2' 
_symmetry.pdbx_full_space_group_name_H-M   ? 
_symmetry.cell_setting                     ? 
_symmetry.Int_Tables_number                178 
# 
_exptl.entry_id          1QQY 
_exptl.method            'X-RAY DIFFRACTION' 
_exptl.crystals_number   1 
# 
_exptl_crystal.id                    1 
_exptl_crystal.density_meas          ? 
_exptl_crystal.density_Matthews      2.5 
_exptl_crystal.density_percent_sol   51.5 
_exptl_crystal.description           ? 
# 
_exptl_crystal_grow.crystal_id      1 
_exptl_crystal_grow.method          'VAPOR DIFFUSION, HANGING DROP' 
_exptl_crystal_grow.temp            291.0 
_exptl_crystal_grow.temp_details    ? 
_exptl_crystal_grow.pH              5.6 
_exptl_crystal_grow.pdbx_details    
'PEG 4000, tri-sodium citrate, ammonium acetate, EDTA, pH 5.6, VAPOR DIFFUSION, HANGING DROP, temperature 291.0K' 
_exptl_crystal_grow.pdbx_pH_range   ? 
# 
_diffrn.id                     1 
_diffrn.ambient_temp           277 
_diffrn.ambient_temp_details   ? 
_diffrn.crystal_id             1 
# 
_diffrn_detector.diffrn_id              1 
_diffrn_detector.detector               DIFFRACTOMETER 
_diffrn_detector.type                   WEISSENBERG 
_diffrn_detector.pdbx_collection_date   1998-11-25 
_diffrn_detector.details                ? 
# 
_diffrn_radiation.diffrn_id                        1 
_diffrn_radiation.wavelength_id                    1 
_diffrn_radiation.pdbx_monochromatic_or_laue_m_l   M 
_diffrn_radiation.monochromator                    ? 
_diffrn_radiation.pdbx_diffrn_protocol             'SINGLE WAVELENGTH' 
_diffrn_radiation.pdbx_scattering_type             x-ray 
# 
_diffrn_radiation_wavelength.id           1 
_diffrn_radiation_wavelength.wavelength   1.000 
_diffrn_radiation_wavelength.wt           1.0 
# 
_diffrn_source.diffrn_id                   1 
_diffrn_source.source                      SYNCHROTRON 
_diffrn_source.type                        'PHOTON FACTORY BEAMLINE BL-18B' 
_diffrn_source.pdbx_synchrotron_site       'Photon Factory' 
_diffrn_source.pdbx_synchrotron_beamline   BL-18B 
_diffrn_source.pdbx_wavelength             1.000 
_diffrn_source.pdbx_wavelength_list        ? 
# 
_reflns.entry_id                     1QQY 
_reflns.observed_criterion_sigma_I   1.0 
_reflns.observed_criterion_sigma_F   ? 
_reflns.d_resolution_low             100.0 
_reflns.d_resolution_high            1.85 
_reflns.number_obs                   13034 
_reflns.number_all                   ? 
_reflns.percent_possible_obs         94.8 
_reflns.pdbx_Rmerge_I_obs            0.06 
_reflns.pdbx_Rsym_value              ? 
_reflns.pdbx_netI_over_sigmaI        12.9 
_reflns.B_iso_Wilson_estimate        27.6 
_reflns.pdbx_redundancy              15.3 
_reflns.R_free_details               ? 
_reflns.limit_h_max                  ? 
_reflns.limit_h_min                  ? 
_reflns.limit_k_max                  ? 
_reflns.limit_k_min                  ? 
_reflns.limit_l_max                  ? 
_reflns.limit_l_min                  ? 
_reflns.observed_criterion_F_max     ? 
_reflns.observed_criterion_F_min     ? 
_reflns.pdbx_diffrn_id               1 
_reflns.pdbx_ordinal                 1 
# 
_reflns_shell.d_res_high             1.85 
_reflns_shell.d_res_low              1.89 
_reflns_shell.percent_possible_all   82.2 
_reflns_shell.Rmerge_I_obs           0.25 
_reflns_shell.pdbx_Rsym_value        ? 
_reflns_shell.meanI_over_sigI_obs    ? 
_reflns_shell.pdbx_redundancy        ? 
_reflns_shell.percent_possible_obs   ? 
_reflns_shell.number_unique_all      725 
_reflns_shell.pdbx_diffrn_id         ? 
_reflns_shell.pdbx_ordinal           1 
# 
_refine.entry_id                                 1QQY 
_refine.ls_number_reflns_obs                     12450 
_refine.ls_number_reflns_all                     13025 
_refine.pdbx_ls_sigma_I                          ? 
_refine.pdbx_ls_sigma_F                          2.0 
_refine.pdbx_data_cutoff_high_absF               ? 
_refine.pdbx_data_cutoff_low_absF                ? 
_refine.ls_d_res_low                             8.0 
_refine.ls_d_res_high                            1.85 
_refine.ls_percent_reflns_obs                    95.1 
_refine.ls_R_factor_obs                          ? 
_refine.ls_R_factor_all                          ? 
_refine.ls_R_factor_R_work                       0.178 
_refine.ls_R_factor_R_free                       0.215 
_refine.ls_R_factor_R_free_error                 0.006 
_refine.ls_R_factor_R_free_error_details         ? 
_refine.ls_percent_reflns_R_free                 10.0 
_refine.ls_number_reflns_R_free                  1232 
_refine.ls_number_parameters                     ? 
_refine.ls_number_restraints                     ? 
_refine.occupancy_min                            ? 
_refine.occupancy_max                            ? 
_refine.B_iso_mean                               26.2 
_refine.aniso_B[1][1]                            2.565 
_refine.aniso_B[2][2]                            2.565 
_refine.aniso_B[3][3]                            -5.13 
_refine.aniso_B[1][2]                            1.235 
_refine.aniso_B[1][3]                            0.000 
_refine.aniso_B[2][3]                            0.000 
_refine.solvent_model_details                    THROUGHOUT 
_refine.solvent_model_param_ksol                 0.449 
_refine.solvent_model_param_bsol                 62.4 
_refine.pdbx_ls_cross_valid_method               THROUGHOUT 
_refine.details                                  ? 
_refine.pdbx_starting_model                      1EQL 
_refine.pdbx_method_to_determine_struct          'MOLECULAR REPLACEMENT' 
_refine.pdbx_isotropic_thermal_model             ? 
_refine.pdbx_stereochemistry_target_values       'Engh & Huber' 
_refine.pdbx_stereochem_target_val_spec_case     ? 
_refine.pdbx_overall_ESU_R                       ? 
_refine.overall_SU_ML                            ? 
_refine.ls_redundancy_reflns_obs                 ? 
_refine.pdbx_R_Free_selection_details            RANDOM 
_refine.overall_SU_B                             ? 
_refine.pdbx_overall_ESU_R_Free                  ? 
_refine.pdbx_data_cutoff_high_rms_absF           ? 
_refine.B_iso_min                                ? 
_refine.B_iso_max                                ? 
_refine.pdbx_refine_id                           'X-RAY DIFFRACTION' 
_refine.pdbx_diffrn_id                           1 
_refine.pdbx_TLS_residual_ADP_flag               ? 
_refine.correlation_coeff_Fo_to_Fc               ? 
_refine.correlation_coeff_Fo_to_Fc_free          ? 
_refine.pdbx_solvent_vdw_probe_radii             ? 
_refine.pdbx_solvent_ion_probe_radii             ? 
_refine.pdbx_solvent_shrinkage_radii             ? 
_refine.pdbx_overall_phase_error                 ? 
_refine.overall_SU_R_Cruickshank_DPI             ? 
_refine.pdbx_overall_SU_R_free_Cruickshank_DPI   ? 
_refine.pdbx_overall_SU_R_Blow_DPI               ? 
_refine.pdbx_overall_SU_R_free_Blow_DPI          ? 
# 
_refine_analyze.entry_id                        1QQY 
_refine_analyze.Luzzati_coordinate_error_obs    0.22 
_refine_analyze.Luzzati_sigma_a_obs             ? 
_refine_analyze.Luzzati_d_res_low_obs           8.0 
_refine_analyze.Luzzati_coordinate_error_free   0.27 
_refine_analyze.Luzzati_sigma_a_free            ? 
_refine_analyze.Luzzati_d_res_low_free          ? 
_refine_analyze.number_disordered_residues      ? 
_refine_analyze.occupancy_sum_hydrogen          ? 
_refine_analyze.occupancy_sum_non_hydrogen      ? 
_refine_analyze.pdbx_Luzzati_d_res_high_obs     ? 
_refine_analyze.pdbx_refine_id                  'X-RAY DIFFRACTION' 
# 
_refine_hist.pdbx_refine_id                   'X-RAY DIFFRACTION' 
_refine_hist.cycle_id                         LAST 
_refine_hist.pdbx_number_atoms_protein        1018 
_refine_hist.pdbx_number_atoms_nucleic_acid   0 
_refine_hist.pdbx_number_atoms_ligand         0 
_refine_hist.number_atoms_solvent             81 
_refine_hist.number_atoms_total               1099 
_refine_hist.d_res_high                       1.85 
_refine_hist.d_res_low                        8.0 
# 
loop_
_refine_ls_restr.type 
_refine_ls_restr.dev_ideal 
_refine_ls_restr.dev_ideal_target 
_refine_ls_restr.weight 
_refine_ls_restr.number 
_refine_ls_restr.pdbx_refine_id 
_refine_ls_restr.pdbx_restraint_function 
c_bond_d     .007  ? ? ? 'X-RAY DIFFRACTION' ? 
c_angle_deg  1.414 ? ? ? 'X-RAY DIFFRACTION' ? 
c_mcbond_it  1.347 ? ? ? 'X-RAY DIFFRACTION' ? 
c_mcangle_it 2.294 ? ? ? 'X-RAY DIFFRACTION' ? 
c_scbond_it  1.854 ? ? ? 'X-RAY DIFFRACTION' ? 
c_scangle_it 2.849 ? ? ? 'X-RAY DIFFRACTION' ? 
# 
_refine_ls_shell.pdbx_total_number_of_bins_used   24 
_refine_ls_shell.d_res_high                       1.85 
_refine_ls_shell.d_res_low                        1.88 
_refine_ls_shell.number_reflns_R_work             397 
_refine_ls_shell.R_factor_R_work                  0.21 
_refine_ls_shell.percent_reflns_obs               90.64 
_refine_ls_shell.R_factor_R_free                  0.225 
_refine_ls_shell.R_factor_R_free_error            0.043 
_refine_ls_shell.percent_reflns_R_free            8.1 
_refine_ls_shell.number_reflns_R_free             35 
_refine_ls_shell.redundancy_reflns_obs            ? 
_refine_ls_shell.number_reflns_all                ? 
_refine_ls_shell.number_reflns_obs                ? 
_refine_ls_shell.pdbx_refine_id                   'X-RAY DIFFRACTION' 
_refine_ls_shell.R_factor_all                     ? 
# 
_pdbx_xplor_file.serial_no        1 
_pdbx_xplor_file.param_file       PROTEIN_REP.PARAM 
_pdbx_xplor_file.topol_file       PROTEIN.TOP 
_pdbx_xplor_file.pdbx_refine_id   'X-RAY DIFFRACTION' 
# 
_struct.entry_id                  1QQY 
_struct.title                     'X-RAY CRYSTAL STRUCTURE ANALYSIS OF CANINE MILK LYSOZYME (APO-TYPE)' 
_struct.pdbx_model_details        ? 
_struct.pdbx_CASP_flag            ? 
_struct.pdbx_model_type_details   ? 
# 
_struct_keywords.entry_id        1QQY 
_struct_keywords.pdbx_keywords   HYDROLASE 
_struct_keywords.text            'APO-TYPE PROTEIN, CALCIUM BINDING LYSOZYME, ENZYME, HYDROLASE' 
# 
loop_
_struct_asym.id 
_struct_asym.pdbx_blank_PDB_chainid_flag 
_struct_asym.pdbx_modified 
_struct_asym.entity_id 
_struct_asym.details 
A N N 1 ? 
B N N 2 ? 
# 
_struct_ref.id                         1 
_struct_ref.db_name                    UNP 
_struct_ref.db_code                    LYSC1_CANFA 
_struct_ref.entity_id                  1 
_struct_ref.pdbx_db_accession          P81708 
_struct_ref.pdbx_align_begin           ? 
_struct_ref.pdbx_seq_one_letter_code   ? 
_struct_ref.pdbx_db_isoform            ? 
# 
_struct_ref_seq.align_id                      1 
_struct_ref_seq.ref_id                        1 
_struct_ref_seq.pdbx_PDB_id_code              1QQY 
_struct_ref_seq.pdbx_strand_id                A 
_struct_ref_seq.seq_align_beg                 1 
_struct_ref_seq.pdbx_seq_align_beg_ins_code   ? 
_struct_ref_seq.seq_align_end                 130 
_struct_ref_seq.pdbx_seq_align_end_ins_code   ? 
_struct_ref_seq.pdbx_db_accession             P81708 
_struct_ref_seq.db_align_beg                  1 
_struct_ref_seq.pdbx_db_align_beg_ins_code    ? 
_struct_ref_seq.db_align_end                  129 
_struct_ref_seq.pdbx_db_align_end_ins_code    ? 
_struct_ref_seq.pdbx_auth_seq_align_beg       -1 
_struct_ref_seq.pdbx_auth_seq_align_end       129 
# 
_struct_ref_seq_dif.align_id                     1 
_struct_ref_seq_dif.pdbx_pdb_id_code             1QQY 
_struct_ref_seq_dif.mon_id                       MET 
_struct_ref_seq_dif.pdbx_pdb_strand_id           A 
_struct_ref_seq_dif.seq_num                      1 
_struct_ref_seq_dif.pdbx_pdb_ins_code            ? 
_struct_ref_seq_dif.pdbx_seq_db_name             UNP 
_struct_ref_seq_dif.pdbx_seq_db_accession_code   P81708 
_struct_ref_seq_dif.db_mon_id                    ? 
_struct_ref_seq_dif.pdbx_seq_db_seq_num          ? 
_struct_ref_seq_dif.details                      'initiating methionine' 
_struct_ref_seq_dif.pdbx_auth_seq_num            -1 
_struct_ref_seq_dif.pdbx_ordinal                 1 
# 
_pdbx_struct_assembly.id                   1 
_pdbx_struct_assembly.details              author_defined_assembly 
_pdbx_struct_assembly.method_details       ? 
_pdbx_struct_assembly.oligomeric_details   monomeric 
_pdbx_struct_assembly.oligomeric_count     1 
# 
_pdbx_struct_assembly_gen.assembly_id       1 
_pdbx_struct_assembly_gen.oper_expression   1 
_pdbx_struct_assembly_gen.asym_id_list      A,B 
# 
_pdbx_struct_oper_list.id                   1 
_pdbx_struct_oper_list.type                 'identity operation' 
_pdbx_struct_oper_list.name                 1_555 
_pdbx_struct_oper_list.symmetry_operation   x,y,z 
_pdbx_struct_oper_list.matrix[1][1]         1.0000000000 
_pdbx_struct_oper_list.matrix[1][2]         0.0000000000 
_pdbx_struct_oper_list.matrix[1][3]         0.0000000000 
_pdbx_struct_oper_list.vector[1]            0.0000000000 
_pdbx_struct_oper_list.matrix[2][1]         0.0000000000 
_pdbx_struct_oper_list.matrix[2][2]         1.0000000000 
_pdbx_struct_oper_list.matrix[2][3]         0.0000000000 
_pdbx_struct_oper_list.vector[2]            0.0000000000 
_pdbx_struct_oper_list.matrix[3][1]         0.0000000000 
_pdbx_struct_oper_list.matrix[3][2]         0.0000000000 
_pdbx_struct_oper_list.matrix[3][3]         1.0000000000 
_pdbx_struct_oper_list.vector[3]            0.0000000000 
# 
loop_
_struct_conf.conf_type_id 
_struct_conf.id 
_struct_conf.pdbx_PDB_helix_id 
_struct_conf.beg_label_comp_id 
_struct_conf.beg_label_asym_id 
_struct_conf.beg_label_seq_id 
_struct_conf.pdbx_beg_PDB_ins_code 
_struct_conf.end_label_comp_id 
_struct_conf.end_label_asym_id 
_struct_conf.end_label_seq_id 
_struct_conf.pdbx_end_PDB_ins_code 
_struct_conf.beg_auth_comp_id 
_struct_conf.beg_auth_asym_id 
_struct_conf.beg_auth_seq_id 
_struct_conf.end_auth_comp_id 
_struct_conf.end_auth_asym_id 
_struct_conf.end_auth_seq_id 
_struct_conf.pdbx_PDB_helix_class 
_struct_conf.details 
_struct_conf.pdbx_PDB_helix_length 
HELX_P HELX_P1 1 SER A 5   ? MET A 16  ? SER A 4   MET A 15  1 ? 12 
HELX_P HELX_P2 2 SER A 25  ? ASN A 38  ? SER A 24  ASN A 37  1 ? 14 
HELX_P HELX_P3 3 CYS A 81  ? ASP A 86  ? CYS A 80  ASP A 85  5 ? 6  
HELX_P HELX_P4 4 ILE A 89  ? VAL A 100 ? ILE A 88  VAL A 99  1 ? 12 
HELX_P HELX_P5 5 ASN A 104 ? ALA A 108 ? ASN A 103 ALA A 107 5 ? 5  
HELX_P HELX_P6 6 TRP A 109 ? CYS A 116 ? TRP A 108 CYS A 115 1 ? 8  
# 
_struct_conf_type.id          HELX_P 
_struct_conf_type.criteria    ? 
_struct_conf_type.reference   ? 
# 
loop_
_struct_conn.id 
_struct_conn.conn_type_id 
_struct_conn.pdbx_leaving_atom_flag 
_struct_conn.pdbx_PDB_id 
_struct_conn.ptnr1_label_asym_id 
_struct_conn.ptnr1_label_comp_id 
_struct_conn.ptnr1_label_seq_id 
_struct_conn.ptnr1_label_atom_id 
_struct_conn.pdbx_ptnr1_label_alt_id 
_struct_conn.pdbx_ptnr1_PDB_ins_code 
_struct_conn.pdbx_ptnr1_standard_comp_id 
_struct_conn.ptnr1_symmetry 
_struct_conn.ptnr2_label_asym_id 
_struct_conn.ptnr2_label_comp_id 
_struct_conn.ptnr2_label_seq_id 
_struct_conn.ptnr2_label_atom_id 
_struct_conn.pdbx_ptnr2_label_alt_id 
_struct_conn.pdbx_ptnr2_PDB_ins_code 
_struct_conn.ptnr1_auth_asym_id 
_struct_conn.ptnr1_auth_comp_id 
_struct_conn.ptnr1_auth_seq_id 
_struct_conn.ptnr2_auth_asym_id 
_struct_conn.ptnr2_auth_comp_id 
_struct_conn.ptnr2_auth_seq_id 
_struct_conn.ptnr2_symmetry 
_struct_conn.pdbx_ptnr3_label_atom_id 
_struct_conn.pdbx_ptnr3_label_seq_id 
_struct_conn.pdbx_ptnr3_label_comp_id 
_struct_conn.pdbx_ptnr3_label_asym_id 
_struct_conn.pdbx_ptnr3_label_alt_id 
_struct_conn.pdbx_ptnr3_PDB_ins_code 
_struct_conn.details 
_struct_conn.pdbx_dist_value 
_struct_conn.pdbx_value_order 
_struct_conn.pdbx_role 
disulf1 disulf ? ? A CYS 7  SG ? ? ? 1_555 A CYS 128 SG ? ? A CYS 6  A CYS 127 1_555 ? ? ? ? ? ? ? 2.250 ? ? 
disulf2 disulf ? ? A CYS 31 SG ? ? ? 1_555 A CYS 116 SG ? ? A CYS 30 A CYS 115 1_555 ? ? ? ? ? ? ? 2.195 ? ? 
disulf3 disulf ? ? A CYS 66 SG ? ? ? 1_555 A CYS 81  SG ? ? A CYS 65 A CYS 80  1_555 ? ? ? ? ? ? ? 2.215 ? ? 
disulf4 disulf ? ? A CYS 77 SG ? ? ? 1_555 A CYS 95  SG ? ? A CYS 76 A CYS 94  1_555 ? ? ? ? ? ? ? 2.173 ? ? 
# 
_struct_conn_type.id          disulf 
_struct_conn_type.criteria    ? 
_struct_conn_type.reference   ? 
# 
loop_
_pdbx_modification_feature.ordinal 
_pdbx_modification_feature.label_comp_id 
_pdbx_modification_feature.label_asym_id 
_pdbx_modification_feature.label_seq_id 
_pdbx_modification_feature.label_alt_id 
_pdbx_modification_feature.modified_residue_label_comp_id 
_pdbx_modification_feature.modified_residue_label_asym_id 
_pdbx_modification_feature.modified_residue_label_seq_id 
_pdbx_modification_feature.modified_residue_label_alt_id 
_pdbx_modification_feature.auth_comp_id 
_pdbx_modification_feature.auth_asym_id 
_pdbx_modification_feature.auth_seq_id 
_pdbx_modification_feature.PDB_ins_code 
_pdbx_modification_feature.symmetry 
_pdbx_modification_feature.modified_residue_auth_comp_id 
_pdbx_modification_feature.modified_residue_auth_asym_id 
_pdbx_modification_feature.modified_residue_auth_seq_id 
_pdbx_modification_feature.modified_residue_PDB_ins_code 
_pdbx_modification_feature.modified_residue_symmetry 
_pdbx_modification_feature.comp_id_linking_atom 
_pdbx_modification_feature.modified_residue_id_linking_atom 
_pdbx_modification_feature.modified_residue_id 
_pdbx_modification_feature.ref_pcm_id 
_pdbx_modification_feature.ref_comp_id 
_pdbx_modification_feature.type 
_pdbx_modification_feature.category 
1 CYS A 7  ? CYS A 128 ? CYS A 6  ? 1_555 CYS A 127 ? 1_555 SG SG . . . None 'Disulfide bridge' 
2 CYS A 31 ? CYS A 116 ? CYS A 30 ? 1_555 CYS A 115 ? 1_555 SG SG . . . None 'Disulfide bridge' 
3 CYS A 66 ? CYS A 81  ? CYS A 65 ? 1_555 CYS A 80  ? 1_555 SG SG . . . None 'Disulfide bridge' 
4 CYS A 77 ? CYS A 95  ? CYS A 76 ? 1_555 CYS A 94  ? 1_555 SG SG . . . None 'Disulfide bridge' 
# 
_struct_sheet.id               A 
_struct_sheet.type             ? 
_struct_sheet.number_strands   3 
_struct_sheet.details          ? 
# 
loop_
_struct_sheet_order.sheet_id 
_struct_sheet_order.range_id_1 
_struct_sheet_order.range_id_2 
_struct_sheet_order.offset 
_struct_sheet_order.sense 
A 1 2 ? anti-parallel 
A 2 3 ? anti-parallel 
# 
loop_
_struct_sheet_range.sheet_id 
_struct_sheet_range.id 
_struct_sheet_range.beg_label_comp_id 
_struct_sheet_range.beg_label_asym_id 
_struct_sheet_range.beg_label_seq_id 
_struct_sheet_range.pdbx_beg_PDB_ins_code 
_struct_sheet_range.end_label_comp_id 
_struct_sheet_range.end_label_asym_id 
_struct_sheet_range.end_label_seq_id 
_struct_sheet_range.pdbx_end_PDB_ins_code 
_struct_sheet_range.beg_auth_comp_id 
_struct_sheet_range.beg_auth_asym_id 
_struct_sheet_range.beg_auth_seq_id 
_struct_sheet_range.end_auth_comp_id 
_struct_sheet_range.end_auth_asym_id 
_struct_sheet_range.end_auth_seq_id 
A 1 PHE A 44 ? ASN A 45 ? PHE A 43 ASN A 44 
A 2 ASP A 54 ? TYR A 55 ? ASP A 53 TYR A 54 
A 3 LEU A 60 ? ASN A 61 ? LEU A 59 ASN A 60 
# 
loop_
_pdbx_struct_sheet_hbond.sheet_id 
_pdbx_struct_sheet_hbond.range_id_1 
_pdbx_struct_sheet_hbond.range_id_2 
_pdbx_struct_sheet_hbond.range_1_label_atom_id 
_pdbx_struct_sheet_hbond.range_1_label_comp_id 
_pdbx_struct_sheet_hbond.range_1_label_asym_id 
_pdbx_struct_sheet_hbond.range_1_label_seq_id 
_pdbx_struct_sheet_hbond.range_1_PDB_ins_code 
_pdbx_struct_sheet_hbond.range_1_auth_atom_id 
_pdbx_struct_sheet_hbond.range_1_auth_comp_id 
_pdbx_struct_sheet_hbond.range_1_auth_asym_id 
_pdbx_struct_sheet_hbond.range_1_auth_seq_id 
_pdbx_struct_sheet_hbond.range_2_label_atom_id 
_pdbx_struct_sheet_hbond.range_2_label_comp_id 
_pdbx_struct_sheet_hbond.range_2_label_asym_id 
_pdbx_struct_sheet_hbond.range_2_label_seq_id 
_pdbx_struct_sheet_hbond.range_2_PDB_ins_code 
_pdbx_struct_sheet_hbond.range_2_auth_atom_id 
_pdbx_struct_sheet_hbond.range_2_auth_comp_id 
_pdbx_struct_sheet_hbond.range_2_auth_asym_id 
_pdbx_struct_sheet_hbond.range_2_auth_seq_id 
A 1 2 O ASN A 45 ? O ASN A 44 N ASP A 54 ? N ASP A 53 
A 2 3 N TYR A 55 ? N TYR A 54 O LEU A 60 ? O LEU A 59 
# 
_pdbx_entry_details.entry_id                   1QQY 
_pdbx_entry_details.compound_details           ? 
_pdbx_entry_details.source_details             ? 
_pdbx_entry_details.nonpolymer_details         ? 
_pdbx_entry_details.sequence_details           ? 
_pdbx_entry_details.has_ligand_of_interest     ? 
_pdbx_entry_details.has_protein_modification   Y 
# 
loop_
_chem_comp_atom.comp_id 
_chem_comp_atom.atom_id 
_chem_comp_atom.type_symbol 
_chem_comp_atom.pdbx_aromatic_flag 
_chem_comp_atom.pdbx_stereo_config 
_chem_comp_atom.pdbx_ordinal 
ALA N    N N N 1   
ALA CA   C N S 2   
ALA C    C N N 3   
ALA O    O N N 4   
ALA CB   C N N 5   
ALA OXT  O N N 6   
ALA H    H N N 7   
ALA H2   H N N 8   
ALA HA   H N N 9   
ALA HB1  H N N 10  
ALA HB2  H N N 11  
ALA HB3  H N N 12  
ALA HXT  H N N 13  
ARG N    N N N 14  
ARG CA   C N S 15  
ARG C    C N N 16  
ARG O    O N N 17  
ARG CB   C N N 18  
ARG CG   C N N 19  
ARG CD   C N N 20  
ARG NE   N N N 21  
ARG CZ   C N N 22  
ARG NH1  N N N 23  
ARG NH2  N N N 24  
ARG OXT  O N N 25  
ARG H    H N N 26  
ARG H2   H N N 27  
ARG HA   H N N 28  
ARG HB2  H N N 29  
ARG HB3  H N N 30  
ARG HG2  H N N 31  
ARG HG3  H N N 32  
ARG HD2  H N N 33  
ARG HD3  H N N 34  
ARG HE   H N N 35  
ARG HH11 H N N 36  
ARG HH12 H N N 37  
ARG HH21 H N N 38  
ARG HH22 H N N 39  
ARG HXT  H N N 40  
ASN N    N N N 41  
ASN CA   C N S 42  
ASN C    C N N 43  
ASN O    O N N 44  
ASN CB   C N N 45  
ASN CG   C N N 46  
ASN OD1  O N N 47  
ASN ND2  N N N 48  
ASN OXT  O N N 49  
ASN H    H N N 50  
ASN H2   H N N 51  
ASN HA   H N N 52  
ASN HB2  H N N 53  
ASN HB3  H N N 54  
ASN HD21 H N N 55  
ASN HD22 H N N 56  
ASN HXT  H N N 57  
ASP N    N N N 58  
ASP CA   C N S 59  
ASP C    C N N 60  
ASP O    O N N 61  
ASP CB   C N N 62  
ASP CG   C N N 63  
ASP OD1  O N N 64  
ASP OD2  O N N 65  
ASP OXT  O N N 66  
ASP H    H N N 67  
ASP H2   H N N 68  
ASP HA   H N N 69  
ASP HB2  H N N 70  
ASP HB3  H N N 71  
ASP HD2  H N N 72  
ASP HXT  H N N 73  
CYS N    N N N 74  
CYS CA   C N R 75  
CYS C    C N N 76  
CYS O    O N N 77  
CYS CB   C N N 78  
CYS SG   S N N 79  
CYS OXT  O N N 80  
CYS H    H N N 81  
CYS H2   H N N 82  
CYS HA   H N N 83  
CYS HB2  H N N 84  
CYS HB3  H N N 85  
CYS HG   H N N 86  
CYS HXT  H N N 87  
GLN N    N N N 88  
GLN CA   C N S 89  
GLN C    C N N 90  
GLN O    O N N 91  
GLN CB   C N N 92  
GLN CG   C N N 93  
GLN CD   C N N 94  
GLN OE1  O N N 95  
GLN NE2  N N N 96  
GLN OXT  O N N 97  
GLN H    H N N 98  
GLN H2   H N N 99  
GLN HA   H N N 100 
GLN HB2  H N N 101 
GLN HB3  H N N 102 
GLN HG2  H N N 103 
GLN HG3  H N N 104 
GLN HE21 H N N 105 
GLN HE22 H N N 106 
GLN HXT  H N N 107 
GLU N    N N N 108 
GLU CA   C N S 109 
GLU C    C N N 110 
GLU O    O N N 111 
GLU CB   C N N 112 
GLU CG   C N N 113 
GLU CD   C N N 114 
GLU OE1  O N N 115 
GLU OE2  O N N 116 
GLU OXT  O N N 117 
GLU H    H N N 118 
GLU H2   H N N 119 
GLU HA   H N N 120 
GLU HB2  H N N 121 
GLU HB3  H N N 122 
GLU HG2  H N N 123 
GLU HG3  H N N 124 
GLU HE2  H N N 125 
GLU HXT  H N N 126 
GLY N    N N N 127 
GLY CA   C N N 128 
GLY C    C N N 129 
GLY O    O N N 130 
GLY OXT  O N N 131 
GLY H    H N N 132 
GLY H2   H N N 133 
GLY HA2  H N N 134 
GLY HA3  H N N 135 
GLY HXT  H N N 136 
HIS N    N N N 137 
HIS CA   C N S 138 
HIS C    C N N 139 
HIS O    O N N 140 
HIS CB   C N N 141 
HIS CG   C Y N 142 
HIS ND1  N Y N 143 
HIS CD2  C Y N 144 
HIS CE1  C Y N 145 
HIS NE2  N Y N 146 
HIS OXT  O N N 147 
HIS H    H N N 148 
HIS H2   H N N 149 
HIS HA   H N N 150 
HIS HB2  H N N 151 
HIS HB3  H N N 152 
HIS HD1  H N N 153 
HIS HD2  H N N 154 
HIS HE1  H N N 155 
HIS HE2  H N N 156 
HIS HXT  H N N 157 
HOH O    O N N 158 
HOH H1   H N N 159 
HOH H2   H N N 160 
ILE N    N N N 161 
ILE CA   C N S 162 
ILE C    C N N 163 
ILE O    O N N 164 
ILE CB   C N S 165 
ILE CG1  C N N 166 
ILE CG2  C N N 167 
ILE CD1  C N N 168 
ILE OXT  O N N 169 
ILE H    H N N 170 
ILE H2   H N N 171 
ILE HA   H N N 172 
ILE HB   H N N 173 
ILE HG12 H N N 174 
ILE HG13 H N N 175 
ILE HG21 H N N 176 
ILE HG22 H N N 177 
ILE HG23 H N N 178 
ILE HD11 H N N 179 
ILE HD12 H N N 180 
ILE HD13 H N N 181 
ILE HXT  H N N 182 
LEU N    N N N 183 
LEU CA   C N S 184 
LEU C    C N N 185 
LEU O    O N N 186 
LEU CB   C N N 187 
LEU CG   C N N 188 
LEU CD1  C N N 189 
LEU CD2  C N N 190 
LEU OXT  O N N 191 
LEU H    H N N 192 
LEU H2   H N N 193 
LEU HA   H N N 194 
LEU HB2  H N N 195 
LEU HB3  H N N 196 
LEU HG   H N N 197 
LEU HD11 H N N 198 
LEU HD12 H N N 199 
LEU HD13 H N N 200 
LEU HD21 H N N 201 
LEU HD22 H N N 202 
LEU HD23 H N N 203 
LEU HXT  H N N 204 
LYS N    N N N 205 
LYS CA   C N S 206 
LYS C    C N N 207 
LYS O    O N N 208 
LYS CB   C N N 209 
LYS CG   C N N 210 
LYS CD   C N N 211 
LYS CE   C N N 212 
LYS NZ   N N N 213 
LYS OXT  O N N 214 
LYS H    H N N 215 
LYS H2   H N N 216 
LYS HA   H N N 217 
LYS HB2  H N N 218 
LYS HB3  H N N 219 
LYS HG2  H N N 220 
LYS HG3  H N N 221 
LYS HD2  H N N 222 
LYS HD3  H N N 223 
LYS HE2  H N N 224 
LYS HE3  H N N 225 
LYS HZ1  H N N 226 
LYS HZ2  H N N 227 
LYS HZ3  H N N 228 
LYS HXT  H N N 229 
MET N    N N N 230 
MET CA   C N S 231 
MET C    C N N 232 
MET O    O N N 233 
MET CB   C N N 234 
MET CG   C N N 235 
MET SD   S N N 236 
MET CE   C N N 237 
MET OXT  O N N 238 
MET H    H N N 239 
MET H2   H N N 240 
MET HA   H N N 241 
MET HB2  H N N 242 
MET HB3  H N N 243 
MET HG2  H N N 244 
MET HG3  H N N 245 
MET HE1  H N N 246 
MET HE2  H N N 247 
MET HE3  H N N 248 
MET HXT  H N N 249 
PHE N    N N N 250 
PHE CA   C N S 251 
PHE C    C N N 252 
PHE O    O N N 253 
PHE CB   C N N 254 
PHE CG   C Y N 255 
PHE CD1  C Y N 256 
PHE CD2  C Y N 257 
PHE CE1  C Y N 258 
PHE CE2  C Y N 259 
PHE CZ   C Y N 260 
PHE OXT  O N N 261 
PHE H    H N N 262 
PHE H2   H N N 263 
PHE HA   H N N 264 
PHE HB2  H N N 265 
PHE HB3  H N N 266 
PHE HD1  H N N 267 
PHE HD2  H N N 268 
PHE HE1  H N N 269 
PHE HE2  H N N 270 
PHE HZ   H N N 271 
PHE HXT  H N N 272 
PRO N    N N N 273 
PRO CA   C N S 274 
PRO C    C N N 275 
PRO O    O N N 276 
PRO CB   C N N 277 
PRO CG   C N N 278 
PRO CD   C N N 279 
PRO OXT  O N N 280 
PRO H    H N N 281 
PRO HA   H N N 282 
PRO HB2  H N N 283 
PRO HB3  H N N 284 
PRO HG2  H N N 285 
PRO HG3  H N N 286 
PRO HD2  H N N 287 
PRO HD3  H N N 288 
PRO HXT  H N N 289 
SER N    N N N 290 
SER CA   C N S 291 
SER C    C N N 292 
SER O    O N N 293 
SER CB   C N N 294 
SER OG   O N N 295 
SER OXT  O N N 296 
SER H    H N N 297 
SER H2   H N N 298 
SER HA   H N N 299 
SER HB2  H N N 300 
SER HB3  H N N 301 
SER HG   H N N 302 
SER HXT  H N N 303 
THR N    N N N 304 
THR CA   C N S 305 
THR C    C N N 306 
THR O    O N N 307 
THR CB   C N R 308 
THR OG1  O N N 309 
THR CG2  C N N 310 
THR OXT  O N N 311 
THR H    H N N 312 
THR H2   H N N 313 
THR HA   H N N 314 
THR HB   H N N 315 
THR HG1  H N N 316 
THR HG21 H N N 317 
THR HG22 H N N 318 
THR HG23 H N N 319 
THR HXT  H N N 320 
TRP N    N N N 321 
TRP CA   C N S 322 
TRP C    C N N 323 
TRP O    O N N 324 
TRP CB   C N N 325 
TRP CG   C Y N 326 
TRP CD1  C Y N 327 
TRP CD2  C Y N 328 
TRP NE1  N Y N 329 
TRP CE2  C Y N 330 
TRP CE3  C Y N 331 
TRP CZ2  C Y N 332 
TRP CZ3  C Y N 333 
TRP CH2  C Y N 334 
TRP OXT  O N N 335 
TRP H    H N N 336 
TRP H2   H N N 337 
TRP HA   H N N 338 
TRP HB2  H N N 339 
TRP HB3  H N N 340 
TRP HD1  H N N 341 
TRP HE1  H N N 342 
TRP HE3  H N N 343 
TRP HZ2  H N N 344 
TRP HZ3  H N N 345 
TRP HH2  H N N 346 
TRP HXT  H N N 347 
TYR N    N N N 348 
TYR CA   C N S 349 
TYR C    C N N 350 
TYR O    O N N 351 
TYR CB   C N N 352 
TYR CG   C Y N 353 
TYR CD1  C Y N 354 
TYR CD2  C Y N 355 
TYR CE1  C Y N 356 
TYR CE2  C Y N 357 
TYR CZ   C Y N 358 
TYR OH   O N N 359 
TYR OXT  O N N 360 
TYR H    H N N 361 
TYR H2   H N N 362 
TYR HA   H N N 363 
TYR HB2  H N N 364 
TYR HB3  H N N 365 
TYR HD1  H N N 366 
TYR HD2  H N N 367 
TYR HE1  H N N 368 
TYR HE2  H N N 369 
TYR HH   H N N 370 
TYR HXT  H N N 371 
VAL N    N N N 372 
VAL CA   C N S 373 
VAL C    C N N 374 
VAL O    O N N 375 
VAL CB   C N N 376 
VAL CG1  C N N 377 
VAL CG2  C N N 378 
VAL OXT  O N N 379 
VAL H    H N N 380 
VAL H2   H N N 381 
VAL HA   H N N 382 
VAL HB   H N N 383 
VAL HG11 H N N 384 
VAL HG12 H N N 385 
VAL HG13 H N N 386 
VAL HG21 H N N 387 
VAL HG22 H N N 388 
VAL HG23 H N N 389 
VAL HXT  H N N 390 
# 
loop_
_chem_comp_bond.comp_id 
_chem_comp_bond.atom_id_1 
_chem_comp_bond.atom_id_2 
_chem_comp_bond.value_order 
_chem_comp_bond.pdbx_aromatic_flag 
_chem_comp_bond.pdbx_stereo_config 
_chem_comp_bond.pdbx_ordinal 
ALA N   CA   sing N N 1   
ALA N   H    sing N N 2   
ALA N   H2   sing N N 3   
ALA CA  C    sing N N 4   
ALA CA  CB   sing N N 5   
ALA CA  HA   sing N N 6   
ALA C   O    doub N N 7   
ALA C   OXT  sing N N 8   
ALA CB  HB1  sing N N 9   
ALA CB  HB2  sing N N 10  
ALA CB  HB3  sing N N 11  
ALA OXT HXT  sing N N 12  
ARG N   CA   sing N N 13  
ARG N   H    sing N N 14  
ARG N   H2   sing N N 15  
ARG CA  C    sing N N 16  
ARG CA  CB   sing N N 17  
ARG CA  HA   sing N N 18  
ARG C   O    doub N N 19  
ARG C   OXT  sing N N 20  
ARG CB  CG   sing N N 21  
ARG CB  HB2  sing N N 22  
ARG CB  HB3  sing N N 23  
ARG CG  CD   sing N N 24  
ARG CG  HG2  sing N N 25  
ARG CG  HG3  sing N N 26  
ARG CD  NE   sing N N 27  
ARG CD  HD2  sing N N 28  
ARG CD  HD3  sing N N 29  
ARG NE  CZ   sing N N 30  
ARG NE  HE   sing N N 31  
ARG CZ  NH1  sing N N 32  
ARG CZ  NH2  doub N N 33  
ARG NH1 HH11 sing N N 34  
ARG NH1 HH12 sing N N 35  
ARG NH2 HH21 sing N N 36  
ARG NH2 HH22 sing N N 37  
ARG OXT HXT  sing N N 38  
ASN N   CA   sing N N 39  
ASN N   H    sing N N 40  
ASN N   H2   sing N N 41  
ASN CA  C    sing N N 42  
ASN CA  CB   sing N N 43  
ASN CA  HA   sing N N 44  
ASN C   O    doub N N 45  
ASN C   OXT  sing N N 46  
ASN CB  CG   sing N N 47  
ASN CB  HB2  sing N N 48  
ASN CB  HB3  sing N N 49  
ASN CG  OD1  doub N N 50  
ASN CG  ND2  sing N N 51  
ASN ND2 HD21 sing N N 52  
ASN ND2 HD22 sing N N 53  
ASN OXT HXT  sing N N 54  
ASP N   CA   sing N N 55  
ASP N   H    sing N N 56  
ASP N   H2   sing N N 57  
ASP CA  C    sing N N 58  
ASP CA  CB   sing N N 59  
ASP CA  HA   sing N N 60  
ASP C   O    doub N N 61  
ASP C   OXT  sing N N 62  
ASP CB  CG   sing N N 63  
ASP CB  HB2  sing N N 64  
ASP CB  HB3  sing N N 65  
ASP CG  OD1  doub N N 66  
ASP CG  OD2  sing N N 67  
ASP OD2 HD2  sing N N 68  
ASP OXT HXT  sing N N 69  
CYS N   CA   sing N N 70  
CYS N   H    sing N N 71  
CYS N   H2   sing N N 72  
CYS CA  C    sing N N 73  
CYS CA  CB   sing N N 74  
CYS CA  HA   sing N N 75  
CYS C   O    doub N N 76  
CYS C   OXT  sing N N 77  
CYS CB  SG   sing N N 78  
CYS CB  HB2  sing N N 79  
CYS CB  HB3  sing N N 80  
CYS SG  HG   sing N N 81  
CYS OXT HXT  sing N N 82  
GLN N   CA   sing N N 83  
GLN N   H    sing N N 84  
GLN N   H2   sing N N 85  
GLN CA  C    sing N N 86  
GLN CA  CB   sing N N 87  
GLN CA  HA   sing N N 88  
GLN C   O    doub N N 89  
GLN C   OXT  sing N N 90  
GLN CB  CG   sing N N 91  
GLN CB  HB2  sing N N 92  
GLN CB  HB3  sing N N 93  
GLN CG  CD   sing N N 94  
GLN CG  HG2  sing N N 95  
GLN CG  HG3  sing N N 96  
GLN CD  OE1  doub N N 97  
GLN CD  NE2  sing N N 98  
GLN NE2 HE21 sing N N 99  
GLN NE2 HE22 sing N N 100 
GLN OXT HXT  sing N N 101 
GLU N   CA   sing N N 102 
GLU N   H    sing N N 103 
GLU N   H2   sing N N 104 
GLU CA  C    sing N N 105 
GLU CA  CB   sing N N 106 
GLU CA  HA   sing N N 107 
GLU C   O    doub N N 108 
GLU C   OXT  sing N N 109 
GLU CB  CG   sing N N 110 
GLU CB  HB2  sing N N 111 
GLU CB  HB3  sing N N 112 
GLU CG  CD   sing N N 113 
GLU CG  HG2  sing N N 114 
GLU CG  HG3  sing N N 115 
GLU CD  OE1  doub N N 116 
GLU CD  OE2  sing N N 117 
GLU OE2 HE2  sing N N 118 
GLU OXT HXT  sing N N 119 
GLY N   CA   sing N N 120 
GLY N   H    sing N N 121 
GLY N   H2   sing N N 122 
GLY CA  C    sing N N 123 
GLY CA  HA2  sing N N 124 
GLY CA  HA3  sing N N 125 
GLY C   O    doub N N 126 
GLY C   OXT  sing N N 127 
GLY OXT HXT  sing N N 128 
HIS N   CA   sing N N 129 
HIS N   H    sing N N 130 
HIS N   H2   sing N N 131 
HIS CA  C    sing N N 132 
HIS CA  CB   sing N N 133 
HIS CA  HA   sing N N 134 
HIS C   O    doub N N 135 
HIS C   OXT  sing N N 136 
HIS CB  CG   sing N N 137 
HIS CB  HB2  sing N N 138 
HIS CB  HB3  sing N N 139 
HIS CG  ND1  sing Y N 140 
HIS CG  CD2  doub Y N 141 
HIS ND1 CE1  doub Y N 142 
HIS ND1 HD1  sing N N 143 
HIS CD2 NE2  sing Y N 144 
HIS CD2 HD2  sing N N 145 
HIS CE1 NE2  sing Y N 146 
HIS CE1 HE1  sing N N 147 
HIS NE2 HE2  sing N N 148 
HIS OXT HXT  sing N N 149 
HOH O   H1   sing N N 150 
HOH O   H2   sing N N 151 
ILE N   CA   sing N N 152 
ILE N   H    sing N N 153 
ILE N   H2   sing N N 154 
ILE CA  C    sing N N 155 
ILE CA  CB   sing N N 156 
ILE CA  HA   sing N N 157 
ILE C   O    doub N N 158 
ILE C   OXT  sing N N 159 
ILE CB  CG1  sing N N 160 
ILE CB  CG2  sing N N 161 
ILE CB  HB   sing N N 162 
ILE CG1 CD1  sing N N 163 
ILE CG1 HG12 sing N N 164 
ILE CG1 HG13 sing N N 165 
ILE CG2 HG21 sing N N 166 
ILE CG2 HG22 sing N N 167 
ILE CG2 HG23 sing N N 168 
ILE CD1 HD11 sing N N 169 
ILE CD1 HD12 sing N N 170 
ILE CD1 HD13 sing N N 171 
ILE OXT HXT  sing N N 172 
LEU N   CA   sing N N 173 
LEU N   H    sing N N 174 
LEU N   H2   sing N N 175 
LEU CA  C    sing N N 176 
LEU CA  CB   sing N N 177 
LEU CA  HA   sing N N 178 
LEU C   O    doub N N 179 
LEU C   OXT  sing N N 180 
LEU CB  CG   sing N N 181 
LEU CB  HB2  sing N N 182 
LEU CB  HB3  sing N N 183 
LEU CG  CD1  sing N N 184 
LEU CG  CD2  sing N N 185 
LEU CG  HG   sing N N 186 
LEU CD1 HD11 sing N N 187 
LEU CD1 HD12 sing N N 188 
LEU CD1 HD13 sing N N 189 
LEU CD2 HD21 sing N N 190 
LEU CD2 HD22 sing N N 191 
LEU CD2 HD23 sing N N 192 
LEU OXT HXT  sing N N 193 
LYS N   CA   sing N N 194 
LYS N   H    sing N N 195 
LYS N   H2   sing N N 196 
LYS CA  C    sing N N 197 
LYS CA  CB   sing N N 198 
LYS CA  HA   sing N N 199 
LYS C   O    doub N N 200 
LYS C   OXT  sing N N 201 
LYS CB  CG   sing N N 202 
LYS CB  HB2  sing N N 203 
LYS CB  HB3  sing N N 204 
LYS CG  CD   sing N N 205 
LYS CG  HG2  sing N N 206 
LYS CG  HG3  sing N N 207 
LYS CD  CE   sing N N 208 
LYS CD  HD2  sing N N 209 
LYS CD  HD3  sing N N 210 
LYS CE  NZ   sing N N 211 
LYS CE  HE2  sing N N 212 
LYS CE  HE3  sing N N 213 
LYS NZ  HZ1  sing N N 214 
LYS NZ  HZ2  sing N N 215 
LYS NZ  HZ3  sing N N 216 
LYS OXT HXT  sing N N 217 
MET N   CA   sing N N 218 
MET N   H    sing N N 219 
MET N   H2   sing N N 220 
MET CA  C    sing N N 221 
MET CA  CB   sing N N 222 
MET CA  HA   sing N N 223 
MET C   O    doub N N 224 
MET C   OXT  sing N N 225 
MET CB  CG   sing N N 226 
MET CB  HB2  sing N N 227 
MET CB  HB3  sing N N 228 
MET CG  SD   sing N N 229 
MET CG  HG2  sing N N 230 
MET CG  HG3  sing N N 231 
MET SD  CE   sing N N 232 
MET CE  HE1  sing N N 233 
MET CE  HE2  sing N N 234 
MET CE  HE3  sing N N 235 
MET OXT HXT  sing N N 236 
PHE N   CA   sing N N 237 
PHE N   H    sing N N 238 
PHE N   H2   sing N N 239 
PHE CA  C    sing N N 240 
PHE CA  CB   sing N N 241 
PHE CA  HA   sing N N 242 
PHE C   O    doub N N 243 
PHE C   OXT  sing N N 244 
PHE CB  CG   sing N N 245 
PHE CB  HB2  sing N N 246 
PHE CB  HB3  sing N N 247 
PHE CG  CD1  doub Y N 248 
PHE CG  CD2  sing Y N 249 
PHE CD1 CE1  sing Y N 250 
PHE CD1 HD1  sing N N 251 
PHE CD2 CE2  doub Y N 252 
PHE CD2 HD2  sing N N 253 
PHE CE1 CZ   doub Y N 254 
PHE CE1 HE1  sing N N 255 
PHE CE2 CZ   sing Y N 256 
PHE CE2 HE2  sing N N 257 
PHE CZ  HZ   sing N N 258 
PHE OXT HXT  sing N N 259 
PRO N   CA   sing N N 260 
PRO N   CD   sing N N 261 
PRO N   H    sing N N 262 
PRO CA  C    sing N N 263 
PRO CA  CB   sing N N 264 
PRO CA  HA   sing N N 265 
PRO C   O    doub N N 266 
PRO C   OXT  sing N N 267 
PRO CB  CG   sing N N 268 
PRO CB  HB2  sing N N 269 
PRO CB  HB3  sing N N 270 
PRO CG  CD   sing N N 271 
PRO CG  HG2  sing N N 272 
PRO CG  HG3  sing N N 273 
PRO CD  HD2  sing N N 274 
PRO CD  HD3  sing N N 275 
PRO OXT HXT  sing N N 276 
SER N   CA   sing N N 277 
SER N   H    sing N N 278 
SER N   H2   sing N N 279 
SER CA  C    sing N N 280 
SER CA  CB   sing N N 281 
SER CA  HA   sing N N 282 
SER C   O    doub N N 283 
SER C   OXT  sing N N 284 
SER CB  OG   sing N N 285 
SER CB  HB2  sing N N 286 
SER CB  HB3  sing N N 287 
SER OG  HG   sing N N 288 
SER OXT HXT  sing N N 289 
THR N   CA   sing N N 290 
THR N   H    sing N N 291 
THR N   H2   sing N N 292 
THR CA  C    sing N N 293 
THR CA  CB   sing N N 294 
THR CA  HA   sing N N 295 
THR C   O    doub N N 296 
THR C   OXT  sing N N 297 
THR CB  OG1  sing N N 298 
THR CB  CG2  sing N N 299 
THR CB  HB   sing N N 300 
THR OG1 HG1  sing N N 301 
THR CG2 HG21 sing N N 302 
THR CG2 HG22 sing N N 303 
THR CG2 HG23 sing N N 304 
THR OXT HXT  sing N N 305 
TRP N   CA   sing N N 306 
TRP N   H    sing N N 307 
TRP N   H2   sing N N 308 
TRP CA  C    sing N N 309 
TRP CA  CB   sing N N 310 
TRP CA  HA   sing N N 311 
TRP C   O    doub N N 312 
TRP C   OXT  sing N N 313 
TRP CB  CG   sing N N 314 
TRP CB  HB2  sing N N 315 
TRP CB  HB3  sing N N 316 
TRP CG  CD1  doub Y N 317 
TRP CG  CD2  sing Y N 318 
TRP CD1 NE1  sing Y N 319 
TRP CD1 HD1  sing N N 320 
TRP CD2 CE2  doub Y N 321 
TRP CD2 CE3  sing Y N 322 
TRP NE1 CE2  sing Y N 323 
TRP NE1 HE1  sing N N 324 
TRP CE2 CZ2  sing Y N 325 
TRP CE3 CZ3  doub Y N 326 
TRP CE3 HE3  sing N N 327 
TRP CZ2 CH2  doub Y N 328 
TRP CZ2 HZ2  sing N N 329 
TRP CZ3 CH2  sing Y N 330 
TRP CZ3 HZ3  sing N N 331 
TRP CH2 HH2  sing N N 332 
TRP OXT HXT  sing N N 333 
TYR N   CA   sing N N 334 
TYR N   H    sing N N 335 
TYR N   H2   sing N N 336 
TYR CA  C    sing N N 337 
TYR CA  CB   sing N N 338 
TYR CA  HA   sing N N 339 
TYR C   O    doub N N 340 
TYR C   OXT  sing N N 341 
TYR CB  CG   sing N N 342 
TYR CB  HB2  sing N N 343 
TYR CB  HB3  sing N N 344 
TYR CG  CD1  doub Y N 345 
TYR CG  CD2  sing Y N 346 
TYR CD1 CE1  sing Y N 347 
TYR CD1 HD1  sing N N 348 
TYR CD2 CE2  doub Y N 349 
TYR CD2 HD2  sing N N 350 
TYR CE1 CZ   doub Y N 351 
TYR CE1 HE1  sing N N 352 
TYR CE2 CZ   sing Y N 353 
TYR CE2 HE2  sing N N 354 
TYR CZ  OH   sing N N 355 
TYR OH  HH   sing N N 356 
TYR OXT HXT  sing N N 357 
VAL N   CA   sing N N 358 
VAL N   H    sing N N 359 
VAL N   H2   sing N N 360 
VAL CA  C    sing N N 361 
VAL CA  CB   sing N N 362 
VAL CA  HA   sing N N 363 
VAL C   O    doub N N 364 
VAL C   OXT  sing N N 365 
VAL CB  CG1  sing N N 366 
VAL CB  CG2  sing N N 367 
VAL CB  HB   sing N N 368 
VAL CG1 HG11 sing N N 369 
VAL CG1 HG12 sing N N 370 
VAL CG1 HG13 sing N N 371 
VAL CG2 HG21 sing N N 372 
VAL CG2 HG22 sing N N 373 
VAL CG2 HG23 sing N N 374 
VAL OXT HXT  sing N N 375 
# 
_pdbx_initial_refinement_model.accession_code   2EQL 
_pdbx_initial_refinement_model.id               1 
_pdbx_initial_refinement_model.entity_id_list   ? 
_pdbx_initial_refinement_model.type             'experimental model' 
_pdbx_initial_refinement_model.source_name      PDB 
_pdbx_initial_refinement_model.details          ? 
# 
_atom_sites.entry_id                    1QQY 
_atom_sites.fract_transf_matrix[1][1]   -0.01382787 
_atom_sites.fract_transf_matrix[1][2]   -0.00936019 
_atom_sites.fract_transf_matrix[1][3]   -0.00216594 
_atom_sites.fract_transf_matrix[2][1]   -0.00348734 
_atom_sites.fract_transf_matrix[2][2]   -0.00648947 
_atom_sites.fract_transf_matrix[2][3]   -0.01514079 
_atom_sites.fract_transf_matrix[3][1]   0.00485636 
_atom_sites.fract_transf_matrix[3][2]   -0.00767689 
_atom_sites.fract_transf_matrix[3][3]   0.00217182 
_atom_sites.fract_transf_vector[1]      0.214067 
_atom_sites.fract_transf_vector[2]      0.849500 
_atom_sites.fract_transf_vector[3]      0.121613 
# 
loop_
_atom_type.symbol 
C 
N 
O 
S 
# 
loop_
_atom_site.group_PDB 
_atom_site.id 
_atom_site.type_symbol 
_atom_site.label_atom_id 
_atom_site.label_alt_id 
_atom_site.label_comp_id 
_atom_site.label_asym_id 
_atom_site.label_entity_id 
_atom_site.label_seq_id 
_atom_site.pdbx_PDB_ins_code 
_atom_site.Cartn_x 
_atom_site.Cartn_y 
_atom_site.Cartn_z 
_atom_site.occupancy 
_atom_site.B_iso_or_equiv 
_atom_site.pdbx_formal_charge 
_atom_site.auth_seq_id 
_atom_site.auth_comp_id 
_atom_site.auth_asym_id 
_atom_site.auth_atom_id 
_atom_site.pdbx_PDB_model_num 
ATOM   1    N N   . MET A 1 1   ? -3.704  3.002   -16.894 1.00 30.06 ? -1  MET A N   1 
ATOM   2    C CA  . MET A 1 1   ? -3.453  4.038   -15.859 1.00 29.47 ? -1  MET A CA  1 
ATOM   3    C C   . MET A 1 1   ? -4.716  4.330   -15.062 1.00 27.16 ? -1  MET A C   1 
ATOM   4    O O   . MET A 1 1   ? -5.810  4.388   -15.616 1.00 27.88 ? -1  MET A O   1 
ATOM   5    C CB  . MET A 1 1   ? -2.950  5.324   -16.517 1.00 32.68 ? -1  MET A CB  1 
ATOM   6    C CG  . MET A 1 1   ? -3.707  5.723   -17.766 1.00 38.08 ? -1  MET A CG  1 
ATOM   7    S SD  . MET A 1 1   ? -3.020  7.229   -18.518 1.00 42.96 ? -1  MET A SD  1 
ATOM   8    C CE  . MET A 1 1   ? -4.539  8.278   -18.635 1.00 41.48 ? -1  MET A CE  1 
ATOM   9    N N   . LYS A 1 2   ? -4.559  4.509   -13.755 1.00 24.37 ? 1   LYS A N   1 
ATOM   10   C CA  . LYS A 1 2   ? -5.691  4.792   -12.885 1.00 21.05 ? 1   LYS A CA  1 
ATOM   11   C C   . LYS A 1 2   ? -5.204  5.481   -11.627 1.00 20.45 ? 1   LYS A C   1 
ATOM   12   O O   . LYS A 1 2   ? -4.192  5.085   -11.041 1.00 20.53 ? 1   LYS A O   1 
ATOM   13   C CB  . LYS A 1 2   ? -6.404  3.498   -12.487 1.00 21.07 ? 1   LYS A CB  1 
ATOM   14   C CG  . LYS A 1 2   ? -7.644  3.700   -11.584 1.00 21.89 ? 1   LYS A CG  1 
ATOM   15   C CD  . LYS A 1 2   ? -8.333  2.369   -11.318 1.00 22.07 ? 1   LYS A CD  1 
ATOM   16   C CE  . LYS A 1 2   ? -9.503  2.504   -10.349 1.00 24.56 ? 1   LYS A CE  1 
ATOM   17   N NZ  . LYS A 1 2   ? -10.532 3.433   -10.859 1.00 26.62 ? 1   LYS A NZ  1 
ATOM   18   N N   . ILE A 1 3   ? -5.916  6.527   -11.232 1.00 17.92 ? 2   ILE A N   1 
ATOM   19   C CA  . ILE A 1 3   ? -5.588  7.248   -10.012 1.00 18.09 ? 2   ILE A CA  1 
ATOM   20   C C   . ILE A 1 3   ? -6.907  7.355   -9.267  1.00 18.09 ? 2   ILE A C   1 
ATOM   21   O O   . ILE A 1 3   ? -7.820  8.043   -9.716  1.00 17.03 ? 2   ILE A O   1 
ATOM   22   C CB  . ILE A 1 3   ? -5.022  8.656   -10.302 1.00 17.97 ? 2   ILE A CB  1 
ATOM   23   C CG1 . ILE A 1 3   ? -3.717  8.526   -11.105 1.00 18.74 ? 2   ILE A CG1 1 
ATOM   24   C CG2 . ILE A 1 3   ? -4.777  9.402   -8.972  1.00 17.65 ? 2   ILE A CG2 1 
ATOM   25   C CD1 . ILE A 1 3   ? -3.024  9.822   -11.449 1.00 17.96 ? 2   ILE A CD1 1 
ATOM   26   N N   . PHE A 1 4   ? -7.013  6.630   -8.153  1.00 18.24 ? 3   PHE A N   1 
ATOM   27   C CA  . PHE A 1 4   ? -8.222  6.631   -7.325  1.00 17.70 ? 3   PHE A CA  1 
ATOM   28   C C   . PHE A 1 4   ? -8.446  7.971   -6.630  1.00 17.83 ? 3   PHE A C   1 
ATOM   29   O O   . PHE A 1 4   ? -7.529  8.782   -6.511  1.00 17.91 ? 3   PHE A O   1 
ATOM   30   C CB  . PHE A 1 4   ? -8.109  5.610   -6.182  1.00 16.88 ? 3   PHE A CB  1 
ATOM   31   C CG  . PHE A 1 4   ? -8.242  4.164   -6.595  1.00 16.16 ? 3   PHE A CG  1 
ATOM   32   C CD1 . PHE A 1 4   ? -7.175  3.488   -7.172  1.00 17.06 ? 3   PHE A CD1 1 
ATOM   33   C CD2 . PHE A 1 4   ? -9.414  3.469   -6.332  1.00 15.04 ? 3   PHE A CD2 1 
ATOM   34   C CE1 . PHE A 1 4   ? -7.271  2.135   -7.477  1.00 16.14 ? 3   PHE A CE1 1 
ATOM   35   C CE2 . PHE A 1 4   ? -9.530  2.116   -6.634  1.00 17.82 ? 3   PHE A CE2 1 
ATOM   36   C CZ  . PHE A 1 4   ? -8.449  1.448   -7.210  1.00 18.29 ? 3   PHE A CZ  1 
ATOM   37   N N   . SER A 1 5   ? -9.677  8.181   -6.171  1.00 17.50 ? 4   SER A N   1 
ATOM   38   C CA  . SER A 1 5   ? -9.997  9.336   -5.348  1.00 18.74 ? 4   SER A CA  1 
ATOM   39   C C   . SER A 1 5   ? -10.089 8.650   -3.965  1.00 18.58 ? 4   SER A C   1 
ATOM   40   O O   . SER A 1 5   ? -10.226 7.430   -3.886  1.00 17.25 ? 4   SER A O   1 
ATOM   41   C CB  . SER A 1 5   ? -11.338 9.970   -5.751  1.00 20.71 ? 4   SER A CB  1 
ATOM   42   O OG  . SER A 1 5   ? -12.389 9.029   -5.748  1.00 22.66 ? 4   SER A OG  1 
ATOM   43   N N   . LYS A 1 6   ? -9.985  9.412   -2.883  1.00 18.07 ? 5   LYS A N   1 
ATOM   44   C CA  . LYS A 1 6   ? -10.054 8.839   -1.539  1.00 18.30 ? 5   LYS A CA  1 
ATOM   45   C C   . LYS A 1 6   ? -11.239 7.907   -1.243  1.00 17.84 ? 5   LYS A C   1 
ATOM   46   O O   . LYS A 1 6   ? -11.043 6.783   -0.794  1.00 18.07 ? 5   LYS A O   1 
ATOM   47   C CB  . LYS A 1 6   ? -10.032 9.968   -0.492  1.00 18.72 ? 5   LYS A CB  1 
ATOM   48   C CG  . LYS A 1 6   ? -10.039 9.453   0.948   1.00 20.21 ? 5   LYS A CG  1 
ATOM   49   C CD  . LYS A 1 6   ? -9.674  10.542  1.932   1.00 23.82 ? 5   LYS A CD  1 
ATOM   50   C CE  . LYS A 1 6   ? -10.690 11.630  1.995   1.00 25.33 ? 5   LYS A CE  1 
ATOM   51   N NZ  . LYS A 1 6   ? -10.199 12.668  2.960   1.00 28.16 ? 5   LYS A NZ  1 
ATOM   52   N N   . CYS A 1 7   ? -12.462 8.366   -1.489  1.00 18.29 ? 6   CYS A N   1 
ATOM   53   C CA  . CYS A 1 7   ? -13.631 7.561   -1.193  1.00 18.87 ? 6   CYS A CA  1 
ATOM   54   C C   . CYS A 1 7   ? -13.753 6.331   -2.072  1.00 19.23 ? 6   CYS A C   1 
ATOM   55   O O   . CYS A 1 7   ? -14.205 5.279   -1.613  1.00 18.61 ? 6   CYS A O   1 
ATOM   56   C CB  . CYS A 1 7   ? -14.898 8.419   -1.280  1.00 20.84 ? 6   CYS A CB  1 
ATOM   57   S SG  . CYS A 1 7   ? -14.876 9.789   -0.086  1.00 23.85 ? 6   CYS A SG  1 
ATOM   58   N N   . GLU A 1 8   ? -13.366 6.454   -3.337  1.00 18.88 ? 7   GLU A N   1 
ATOM   59   C CA  . GLU A 1 8   ? -13.426 5.297   -4.221  1.00 19.31 ? 7   GLU A CA  1 
ATOM   60   C C   . GLU A 1 8   ? -12.466 4.213   -3.700  1.00 17.78 ? 7   GLU A C   1 
ATOM   61   O O   . GLU A 1 8   ? -12.808 3.034   -3.674  1.00 17.94 ? 7   GLU A O   1 
ATOM   62   C CB  . GLU A 1 8   ? -13.053 5.686   -5.659  1.00 21.22 ? 7   GLU A CB  1 
ATOM   63   C CG  . GLU A 1 8   ? -12.801 4.468   -6.538  1.00 24.56 ? 7   GLU A CG  1 
ATOM   64   C CD  . GLU A 1 8   ? -12.189 4.819   -7.873  1.00 28.57 ? 7   GLU A CD  1 
ATOM   65   O OE1 . GLU A 1 8   ? -11.590 5.920   -7.994  1.00 27.64 ? 7   GLU A OE1 1 
ATOM   66   O OE2 . GLU A 1 8   ? -12.301 3.981   -8.802  1.00 30.14 ? 7   GLU A OE2 1 
ATOM   67   N N   . LEU A 1 9   ? -11.266 4.600   -3.277  1.00 16.37 ? 8   LEU A N   1 
ATOM   68   C CA  . LEU A 1 9   ? -10.308 3.618   -2.750  1.00 17.32 ? 8   LEU A CA  1 
ATOM   69   C C   . LEU A 1 9   ? -10.867 3.012   -1.466  1.00 17.04 ? 8   LEU A C   1 
ATOM   70   O O   . LEU A 1 9   ? -10.753 1.809   -1.232  1.00 16.82 ? 8   LEU A O   1 
ATOM   71   C CB  . LEU A 1 9   ? -8.958  4.275   -2.430  1.00 17.02 ? 8   LEU A CB  1 
ATOM   72   C CG  . LEU A 1 9   ? -7.600  3.557   -2.575  1.00 20.94 ? 8   LEU A CG  1 
ATOM   73   C CD1 . LEU A 1 9   ? -6.760  3.884   -1.375  1.00 18.06 ? 8   LEU A CD1 1 
ATOM   74   C CD2 . LEU A 1 9   ? -7.722  2.057   -2.774  1.00 18.25 ? 8   LEU A CD2 1 
ATOM   75   N N   . ALA A 1 10  ? -11.460 3.850   -0.624  1.00 17.30 ? 9   ALA A N   1 
ATOM   76   C CA  . ALA A 1 10  ? -12.022 3.363   0.631   1.00 17.90 ? 9   ALA A CA  1 
ATOM   77   C C   . ALA A 1 10  ? -13.065 2.274   0.371   1.00 18.30 ? 9   ALA A C   1 
ATOM   78   O O   . ALA A 1 10  ? -13.075 1.248   1.036   1.00 18.39 ? 9   ALA A O   1 
ATOM   79   C CB  . ALA A 1 10  ? -12.644 4.523   1.414   1.00 15.63 ? 9   ALA A CB  1 
ATOM   80   N N   . ARG A 1 11  ? -13.940 2.501   -0.604  1.00 21.04 ? 10  ARG A N   1 
ATOM   81   C CA  . ARG A 1 11  ? -14.972 1.526   -0.948  1.00 21.70 ? 10  ARG A CA  1 
ATOM   82   C C   . ARG A 1 11  ? -14.347 0.222   -1.425  1.00 22.31 ? 10  ARG A C   1 
ATOM   83   O O   . ARG A 1 11  ? -14.760 -0.872  -1.027  1.00 22.14 ? 10  ARG A O   1 
ATOM   84   C CB  . ARG A 1 11  ? -15.876 2.093   -2.050  1.00 24.34 ? 10  ARG A CB  1 
ATOM   85   C CG  . ARG A 1 11  ? -16.765 3.236   -1.587  1.00 28.09 ? 10  ARG A CG  1 
ATOM   86   C CD  . ARG A 1 11  ? -17.913 3.464   -2.570  1.00 30.79 ? 10  ARG A CD  1 
ATOM   87   N NE  . ARG A 1 11  ? -17.467 4.095   -3.808  1.00 33.96 ? 10  ARG A NE  1 
ATOM   88   C CZ  . ARG A 1 11  ? -17.242 5.397   -3.938  1.00 33.77 ? 10  ARG A CZ  1 
ATOM   89   N NH1 . ARG A 1 11  ? -17.424 6.203   -2.903  1.00 35.87 ? 10  ARG A NH1 1 
ATOM   90   N NH2 . ARG A 1 11  ? -16.836 5.891   -5.099  1.00 35.41 ? 10  ARG A NH2 1 
ATOM   91   N N   . LYS A 1 12  ? -13.354 0.343   -2.293  1.00 21.27 ? 11  LYS A N   1 
ATOM   92   C CA  . LYS A 1 12  ? -12.661 -0.826  -2.823  1.00 22.09 ? 11  LYS A CA  1 
ATOM   93   C C   . LYS A 1 12  ? -11.992 -1.630  -1.698  1.00 21.25 ? 11  LYS A C   1 
ATOM   94   O O   . LYS A 1 12  ? -12.135 -2.857  -1.624  1.00 21.19 ? 11  LYS A O   1 
ATOM   95   C CB  . LYS A 1 12  ? -11.613 -0.375  -3.850  1.00 22.49 ? 11  LYS A CB  1 
ATOM   96   C CG  . LYS A 1 12  ? -10.691 -1.474  -4.373  1.00 25.89 ? 11  LYS A CG  1 
ATOM   97   C CD  . LYS A 1 12  ? -11.446 -2.585  -5.112  1.00 27.67 ? 11  LYS A CD  1 
ATOM   98   C CE  . LYS A 1 12  ? -10.467 -3.617  -5.675  1.00 29.18 ? 11  LYS A CE  1 
ATOM   99   N NZ  . LYS A 1 12  ? -11.150 -4.844  -6.190  1.00 27.65 ? 11  LYS A NZ  1 
ATOM   100  N N   . LEU A 1 13  ? -11.266 -0.949  -0.816  1.00 20.41 ? 12  LEU A N   1 
ATOM   101  C CA  . LEU A 1 13  ? -10.587 -1.658  0.263   1.00 20.20 ? 12  LEU A CA  1 
ATOM   102  C C   . LEU A 1 13  ? -11.582 -2.269  1.247   1.00 21.02 ? 12  LEU A C   1 
ATOM   103  O O   . LEU A 1 13  ? -11.368 -3.369  1.750   1.00 21.87 ? 12  LEU A O   1 
ATOM   104  C CB  . LEU A 1 13  ? -9.612  -0.727  0.990   1.00 20.63 ? 12  LEU A CB  1 
ATOM   105  C CG  . LEU A 1 13  ? -8.454  -0.170  0.149   1.00 21.61 ? 12  LEU A CG  1 
ATOM   106  C CD1 . LEU A 1 13  ? -7.526  0.639   1.054   1.00 20.56 ? 12  LEU A CD1 1 
ATOM   107  C CD2 . LEU A 1 13  ? -7.685  -1.305  -0.534  1.00 20.74 ? 12  LEU A CD2 1 
ATOM   108  N N   . LYS A 1 14  ? -12.673 -1.565  1.525   1.00 21.37 ? 13  LYS A N   1 
ATOM   109  C CA  . LYS A 1 14  ? -13.668 -2.102  2.444   1.00 24.47 ? 13  LYS A CA  1 
ATOM   110  C C   . LYS A 1 14  ? -14.255 -3.404  1.889   1.00 25.62 ? 13  LYS A C   1 
ATOM   111  O O   . LYS A 1 14  ? -14.505 -4.348  2.643   1.00 25.96 ? 13  LYS A O   1 
ATOM   112  C CB  . LYS A 1 14  ? -14.800 -1.101  2.661   1.00 24.80 ? 13  LYS A CB  1 
ATOM   113  C CG  . LYS A 1 14  ? -15.735 -1.484  3.808   1.00 27.26 ? 13  LYS A CG  1 
ATOM   114  C CD  . LYS A 1 14  ? -16.947 -0.571  3.872   1.00 29.82 ? 13  LYS A CD  1 
ATOM   115  C CE  . LYS A 1 14  ? -17.419 -0.409  5.319   1.00 33.75 ? 13  LYS A CE  1 
ATOM   116  N NZ  . LYS A 1 14  ? -17.259 -1.681  6.093   1.00 34.70 ? 13  LYS A NZ  1 
ATOM   117  N N   . SER A 1 15  ? -14.468 -3.450  0.575   1.00 26.42 ? 14  SER A N   1 
ATOM   118  C CA  . SER A 1 15  ? -15.035 -4.635  -0.077  1.00 27.56 ? 14  SER A CA  1 
ATOM   119  C C   . SER A 1 15  ? -14.078 -5.820  -0.071  1.00 28.13 ? 14  SER A C   1 
ATOM   120  O O   . SER A 1 15  ? -14.493 -6.965  -0.271  1.00 27.96 ? 14  SER A O   1 
ATOM   121  C CB  . SER A 1 15  ? -15.428 -4.317  -1.526  1.00 28.17 ? 14  SER A CB  1 
ATOM   122  O OG  . SER A 1 15  ? -14.288 -4.229  -2.369  1.00 29.86 ? 14  SER A OG  1 
ATOM   123  N N   . MET A 1 16  ? -12.796 -5.547  0.149   1.00 28.23 ? 15  MET A N   1 
ATOM   124  C CA  . MET A 1 16  ? -11.790 -6.603  0.186   1.00 29.55 ? 15  MET A CA  1 
ATOM   125  C C   . MET A 1 16  ? -11.433 -6.948  1.625   1.00 28.55 ? 15  MET A C   1 
ATOM   126  O O   . MET A 1 16  ? -10.395 -7.549  1.884   1.00 29.32 ? 15  MET A O   1 
ATOM   127  C CB  . MET A 1 16  ? -10.529 -6.176  -0.576  1.00 31.36 ? 15  MET A CB  1 
ATOM   128  C CG  . MET A 1 16  ? -10.746 -5.932  -2.055  1.00 33.97 ? 15  MET A CG  1 
ATOM   129  S SD  . MET A 1 16  ? -11.132 -7.428  -2.997  1.00 40.31 ? 15  MET A SD  1 
ATOM   130  C CE  . MET A 1 16  ? -9.496  -7.987  -3.426  1.00 38.16 ? 15  MET A CE  1 
ATOM   131  N N   . GLY A 1 17  ? -12.293 -6.549  2.557   1.00 28.31 ? 16  GLY A N   1 
ATOM   132  C CA  . GLY A 1 17  ? -12.077 -6.846  3.964   1.00 27.47 ? 16  GLY A CA  1 
ATOM   133  C C   . GLY A 1 17  ? -10.903 -6.179  4.655   1.00 27.25 ? 16  GLY A C   1 
ATOM   134  O O   . GLY A 1 17  ? -10.344 -6.741  5.595   1.00 27.95 ? 16  GLY A O   1 
ATOM   135  N N   . MET A 1 18  ? -10.528 -4.979  4.218   1.00 26.29 ? 17  MET A N   1 
ATOM   136  C CA  . MET A 1 18  ? -9.409  -4.273  4.836   1.00 25.47 ? 17  MET A CA  1 
ATOM   137  C C   . MET A 1 18  ? -9.745  -3.503  6.115   1.00 25.39 ? 17  MET A C   1 
ATOM   138  O O   . MET A 1 18  ? -8.862  -3.249  6.941   1.00 23.92 ? 17  MET A O   1 
ATOM   139  C CB  . MET A 1 18  ? -8.775  -3.312  3.826   1.00 26.43 ? 17  MET A CB  1 
ATOM   140  C CG  . MET A 1 18  ? -8.157  -4.030  2.641   1.00 27.99 ? 17  MET A CG  1 
ATOM   141  S SD  . MET A 1 18  ? -6.907  -5.180  3.208   1.00 32.11 ? 17  MET A SD  1 
ATOM   142  C CE  . MET A 1 18  ? -5.471  -4.110  3.198   1.00 29.86 ? 17  MET A CE  1 
ATOM   143  N N   . ASP A 1 19  ? -11.009 -3.138  6.293   1.00 25.24 ? 18  ASP A N   1 
ATOM   144  C CA  . ASP A 1 19  ? -11.391 -2.375  7.478   1.00 25.16 ? 18  ASP A CA  1 
ATOM   145  C C   . ASP A 1 19  ? -11.217 -3.211  8.744   1.00 25.15 ? 18  ASP A C   1 
ATOM   146  O O   . ASP A 1 19  ? -11.978 -4.150  8.989   1.00 24.89 ? 18  ASP A O   1 
ATOM   147  C CB  . ASP A 1 19  ? -12.838 -1.897  7.351   1.00 26.19 ? 18  ASP A CB  1 
ATOM   148  C CG  . ASP A 1 19  ? -13.209 -0.863  8.403   1.00 26.09 ? 18  ASP A CG  1 
ATOM   149  O OD1 . ASP A 1 19  ? -12.322 -0.370  9.131   1.00 25.21 ? 18  ASP A OD1 1 
ATOM   150  O OD2 . ASP A 1 19  ? -14.403 -0.532  8.486   1.00 29.03 ? 18  ASP A OD2 1 
ATOM   151  N N   . GLY A 1 20  ? -10.198 -2.878  9.529   1.00 24.12 ? 19  GLY A N   1 
ATOM   152  C CA  . GLY A 1 20  ? -9.945  -3.606  10.762  1.00 23.73 ? 19  GLY A CA  1 
ATOM   153  C C   . GLY A 1 20  ? -9.027  -4.800  10.594  1.00 24.08 ? 19  GLY A C   1 
ATOM   154  O O   . GLY A 1 20  ? -8.796  -5.555  11.543  1.00 24.76 ? 19  GLY A O   1 
ATOM   155  N N   . PHE A 1 21  ? -8.490  -4.979  9.393   1.00 23.14 ? 20  PHE A N   1 
ATOM   156  C CA  . PHE A 1 21  ? -7.593  -6.098  9.137   1.00 23.57 ? 20  PHE A CA  1 
ATOM   157  C C   . PHE A 1 21  ? -6.369  -5.955  10.035  1.00 23.69 ? 20  PHE A C   1 
ATOM   158  O O   . PHE A 1 21  ? -5.664  -4.941  9.988   1.00 21.50 ? 20  PHE A O   1 
ATOM   159  C CB  . PHE A 1 21  ? -7.145  -6.113  7.668   1.00 23.58 ? 20  PHE A CB  1 
ATOM   160  C CG  . PHE A 1 21  ? -6.429  -7.368  7.275   1.00 24.61 ? 20  PHE A CG  1 
ATOM   161  C CD1 . PHE A 1 21  ? -7.141  -8.525  6.985   1.00 25.10 ? 20  PHE A CD1 1 
ATOM   162  C CD2 . PHE A 1 21  ? -5.044  -7.409  7.238   1.00 24.01 ? 20  PHE A CD2 1 
ATOM   163  C CE1 . PHE A 1 21  ? -6.480  -9.710  6.667   1.00 26.50 ? 20  PHE A CE1 1 
ATOM   164  C CE2 . PHE A 1 21  ? -4.373  -8.584  6.924   1.00 26.33 ? 20  PHE A CE2 1 
ATOM   165  C CZ  . PHE A 1 21  ? -5.091  -9.741  6.637   1.00 25.71 ? 20  PHE A CZ  1 
ATOM   166  N N   . HIS A 1 22  ? -6.130  -6.959  10.871  1.00 23.70 ? 21  HIS A N   1 
ATOM   167  C CA  . HIS A 1 22  ? -4.990  -6.942  11.765  1.00 25.25 ? 21  HIS A CA  1 
ATOM   168  C C   . HIS A 1 22  ? -5.067  -5.741  12.706  1.00 24.08 ? 21  HIS A C   1 
ATOM   169  O O   . HIS A 1 22  ? -4.053  -5.243  13.198  1.00 24.06 ? 21  HIS A O   1 
ATOM   170  C CB  . HIS A 1 22  ? -3.699  -6.901  10.945  1.00 28.79 ? 21  HIS A CB  1 
ATOM   171  C CG  . HIS A 1 22  ? -2.546  -7.601  11.590  1.00 32.57 ? 21  HIS A CG  1 
ATOM   172  N ND1 . HIS A 1 22  ? -2.531  -8.962  11.813  1.00 33.71 ? 21  HIS A ND1 1 
ATOM   173  C CD2 . HIS A 1 22  ? -1.365  -7.128  12.062  1.00 34.21 ? 21  HIS A CD2 1 
ATOM   174  C CE1 . HIS A 1 22  ? -1.392  -9.298  12.394  1.00 34.69 ? 21  HIS A CE1 1 
ATOM   175  N NE2 . HIS A 1 22  ? -0.666  -8.204  12.556  1.00 34.20 ? 21  HIS A NE2 1 
ATOM   176  N N   . GLY A 1 23  ? -6.286  -5.269  12.944  1.00 22.70 ? 22  GLY A N   1 
ATOM   177  C CA  . GLY A 1 23  ? -6.477  -4.152  13.851  1.00 20.19 ? 22  GLY A CA  1 
ATOM   178  C C   . GLY A 1 23  ? -6.320  -2.764  13.274  1.00 19.61 ? 22  GLY A C   1 
ATOM   179  O O   . GLY A 1 23  ? -6.451  -1.780  13.997  1.00 18.48 ? 22  GLY A O   1 
ATOM   180  N N   . TYR A 1 24  ? -6.050  -2.673  11.977  1.00 19.06 ? 23  TYR A N   1 
ATOM   181  C CA  . TYR A 1 24  ? -5.875  -1.372  11.320  1.00 18.49 ? 23  TYR A CA  1 
ATOM   182  C C   . TYR A 1 24  ? -7.158  -0.936  10.628  1.00 18.33 ? 23  TYR A C   1 
ATOM   183  O O   . TYR A 1 24  ? -7.667  -1.637  9.756   1.00 20.48 ? 23  TYR A O   1 
ATOM   184  C CB  . TYR A 1 24  ? -4.729  -1.463  10.313  1.00 16.97 ? 23  TYR A CB  1 
ATOM   185  C CG  . TYR A 1 24  ? -3.379  -1.577  10.980  1.00 16.22 ? 23  TYR A CG  1 
ATOM   186  C CD1 . TYR A 1 24  ? -2.813  -0.481  11.623  1.00 16.70 ? 23  TYR A CD1 1 
ATOM   187  C CD2 . TYR A 1 24  ? -2.683  -2.784  10.990  1.00 17.69 ? 23  TYR A CD2 1 
ATOM   188  C CE1 . TYR A 1 24  ? -1.588  -0.582  12.256  1.00 16.69 ? 23  TYR A CE1 1 
ATOM   189  C CE2 . TYR A 1 24  ? -1.456  -2.900  11.624  1.00 16.87 ? 23  TYR A CE2 1 
ATOM   190  C CZ  . TYR A 1 24  ? -0.918  -1.793  12.252  1.00 17.19 ? 23  TYR A CZ  1 
ATOM   191  O OH  . TYR A 1 24  ? 0.306   -1.885  12.865  1.00 18.53 ? 23  TYR A OH  1 
ATOM   192  N N   . SER A 1 25  ? -7.669  0.225   11.020  1.00 18.78 ? 24  SER A N   1 
ATOM   193  C CA  . SER A 1 25  ? -8.905  0.749   10.459  1.00 19.37 ? 24  SER A CA  1 
ATOM   194  C C   . SER A 1 25  ? -8.740  1.124   8.997   1.00 19.34 ? 24  SER A C   1 
ATOM   195  O O   . SER A 1 25  ? -7.624  1.334   8.523   1.00 18.56 ? 24  SER A O   1 
ATOM   196  C CB  . SER A 1 25  ? -9.356  1.991   11.227  1.00 19.43 ? 24  SER A CB  1 
ATOM   197  O OG  . SER A 1 25  ? -8.458  3.068   11.002  1.00 18.66 ? 24  SER A OG  1 
ATOM   198  N N   . LEU A 1 26  ? -9.869  1.224   8.307   1.00 18.19 ? 25  LEU A N   1 
ATOM   199  C CA  . LEU A 1 26  ? -9.901  1.590   6.905   1.00 18.13 ? 25  LEU A CA  1 
ATOM   200  C C   . LEU A 1 26  ? -9.197  2.932   6.663   1.00 17.15 ? 25  LEU A C   1 
ATOM   201  O O   . LEU A 1 26  ? -8.493  3.099   5.671   1.00 16.57 ? 25  LEU A O   1 
ATOM   202  C CB  . LEU A 1 26  ? -11.360 1.669   6.445   1.00 18.13 ? 25  LEU A CB  1 
ATOM   203  C CG  . LEU A 1 26  ? -11.630 1.851   4.952   1.00 18.70 ? 25  LEU A CG  1 
ATOM   204  C CD1 . LEU A 1 26  ? -11.069 0.649   4.190   1.00 20.10 ? 25  LEU A CD1 1 
ATOM   205  C CD2 . LEU A 1 26  ? -13.132 1.976   4.724   1.00 18.18 ? 25  LEU A CD2 1 
ATOM   206  N N   . ALA A 1 27  ? -9.400  3.893   7.562   1.00 15.17 ? 26  ALA A N   1 
ATOM   207  C CA  . ALA A 1 27  ? -8.771  5.202   7.417   1.00 15.13 ? 26  ALA A CA  1 
ATOM   208  C C   . ALA A 1 27  ? -7.259  5.061   7.350   1.00 15.07 ? 26  ALA A C   1 
ATOM   209  O O   . ALA A 1 27  ? -6.594  5.764   6.584   1.00 15.35 ? 26  ALA A O   1 
ATOM   210  C CB  . ALA A 1 27  ? -9.149  6.108   8.591   1.00 14.48 ? 26  ALA A CB  1 
ATOM   211  N N   . ASN A 1 28  ? -6.709  4.164   8.163   1.00 14.87 ? 27  ASN A N   1 
ATOM   212  C CA  . ASN A 1 28  ? -5.262  3.975   8.170   1.00 15.19 ? 27  ASN A CA  1 
ATOM   213  C C   . ASN A 1 28  ? -4.747  3.449   6.830   1.00 14.82 ? 27  ASN A C   1 
ATOM   214  O O   . ASN A 1 28  ? -3.701  3.877   6.342   1.00 14.37 ? 27  ASN A O   1 
ATOM   215  C CB  . ASN A 1 28  ? -4.854  3.032   9.309   1.00 16.17 ? 27  ASN A CB  1 
ATOM   216  C CG  . ASN A 1 28  ? -4.606  3.777   10.608  1.00 16.83 ? 27  ASN A CG  1 
ATOM   217  O OD1 . ASN A 1 28  ? -3.624  4.502   10.738  1.00 19.35 ? 27  ASN A OD1 1 
ATOM   218  N ND2 . ASN A 1 28  ? -5.505  3.619   11.563  1.00 19.05 ? 27  ASN A ND2 1 
ATOM   219  N N   . TRP A 1 29  ? -5.477  2.508   6.247   1.00 14.35 ? 28  TRP A N   1 
ATOM   220  C CA  . TRP A 1 29  ? -5.088  1.944   4.954   1.00 15.06 ? 28  TRP A CA  1 
ATOM   221  C C   . TRP A 1 29  ? -5.136  2.980   3.834   1.00 14.61 ? 28  TRP A C   1 
ATOM   222  O O   . TRP A 1 29  ? -4.226  3.049   3.003   1.00 14.91 ? 28  TRP A O   1 
ATOM   223  C CB  . TRP A 1 29  ? -6.007  0.782   4.584   1.00 16.10 ? 28  TRP A CB  1 
ATOM   224  C CG  . TRP A 1 29  ? -5.791  -0.419  5.432   1.00 17.00 ? 28  TRP A CG  1 
ATOM   225  C CD1 . TRP A 1 29  ? -6.615  -0.895  6.408   1.00 19.03 ? 28  TRP A CD1 1 
ATOM   226  C CD2 . TRP A 1 29  ? -4.658  -1.296  5.393   1.00 18.81 ? 28  TRP A CD2 1 
ATOM   227  N NE1 . TRP A 1 29  ? -6.065  -2.019  6.986   1.00 18.59 ? 28  TRP A NE1 1 
ATOM   228  C CE2 . TRP A 1 29  ? -4.863  -2.285  6.380   1.00 19.71 ? 28  TRP A CE2 1 
ATOM   229  C CE3 . TRP A 1 29  ? -3.488  -1.341  4.620   1.00 18.52 ? 28  TRP A CE3 1 
ATOM   230  C CZ2 . TRP A 1 29  ? -3.940  -3.311  6.614   1.00 19.85 ? 28  TRP A CZ2 1 
ATOM   231  C CZ3 . TRP A 1 29  ? -2.570  -2.365  4.852   1.00 18.46 ? 28  TRP A CZ3 1 
ATOM   232  C CH2 . TRP A 1 29  ? -2.804  -3.333  5.839   1.00 19.70 ? 28  TRP A CH2 1 
ATOM   233  N N   . VAL A 1 30  ? -6.200  3.775   3.809   1.00 14.43 ? 29  VAL A N   1 
ATOM   234  C CA  . VAL A 1 30  ? -6.371  4.800   2.769   1.00 14.82 ? 29  VAL A CA  1 
ATOM   235  C C   . VAL A 1 30  ? -5.351  5.920   2.936   1.00 15.56 ? 29  VAL A C   1 
ATOM   236  O O   . VAL A 1 30  ? -4.792  6.434   1.954   1.00 14.63 ? 29  VAL A O   1 
ATOM   237  C CB  . VAL A 1 30  ? -7.818  5.386   2.800   1.00 14.91 ? 29  VAL A CB  1 
ATOM   238  C CG1 . VAL A 1 30  ? -7.974  6.497   1.728   1.00 15.09 ? 29  VAL A CG1 1 
ATOM   239  C CG2 . VAL A 1 30  ? -8.837  4.258   2.549   1.00 14.70 ? 29  VAL A CG2 1 
ATOM   240  N N   . CYS A 1 31  ? -5.091  6.297   4.186   1.00 15.16 ? 30  CYS A N   1 
ATOM   241  C CA  . CYS A 1 31  ? -4.123  7.364   4.449   1.00 15.19 ? 30  CYS A CA  1 
ATOM   242  C C   . CYS A 1 31  ? -2.725  6.897   4.000   1.00 15.29 ? 30  CYS A C   1 
ATOM   243  O O   . CYS A 1 31  ? -1.935  7.673   3.462   1.00 15.67 ? 30  CYS A O   1 
ATOM   244  C CB  . CYS A 1 31  ? -4.132  7.720   5.940   1.00 15.88 ? 30  CYS A CB  1 
ATOM   245  S SG  . CYS A 1 31  ? -3.067  9.122   6.351   1.00 16.97 ? 30  CYS A SG  1 
ATOM   246  N N   . MET A 1 32  ? -2.424  5.622   4.205   1.00 14.82 ? 31  MET A N   1 
ATOM   247  C CA  . MET A 1 32  ? -1.119  5.092   3.790   1.00 16.11 ? 31  MET A CA  1 
ATOM   248  C C   . MET A 1 32  ? -0.972  5.234   2.271   1.00 15.83 ? 31  MET A C   1 
ATOM   249  O O   . MET A 1 32  ? 0.092   5.626   1.765   1.00 15.80 ? 31  MET A O   1 
ATOM   250  C CB  . MET A 1 32  ? -1.000  3.614   4.171   1.00 14.60 ? 31  MET A CB  1 
ATOM   251  C CG  . MET A 1 32  ? 0.290   2.921   3.717   1.00 15.25 ? 31  MET A CG  1 
ATOM   252  S SD  . MET A 1 32  ? 0.116   2.093   2.117   1.00 16.33 ? 31  MET A SD  1 
ATOM   253  C CE  . MET A 1 32  ? -0.899  0.689   2.581   1.00 15.43 ? 31  MET A CE  1 
ATOM   254  N N   . ALA A 1 33  ? -2.039  4.905   1.551   1.00 15.10 ? 32  ALA A N   1 
ATOM   255  C CA  . ALA A 1 33  ? -2.013  4.992   0.090   1.00 15.42 ? 32  ALA A CA  1 
ATOM   256  C C   . ALA A 1 33  ? -1.879  6.442   -0.364  1.00 15.51 ? 32  ALA A C   1 
ATOM   257  O O   . ALA A 1 33  ? -1.159  6.749   -1.315  1.00 15.40 ? 32  ALA A O   1 
ATOM   258  C CB  . ALA A 1 33  ? -3.292  4.371   -0.493  1.00 15.08 ? 32  ALA A CB  1 
ATOM   259  N N   . GLU A 1 34  ? -2.590  7.342   0.307   1.00 15.35 ? 33  GLU A N   1 
ATOM   260  C CA  . GLU A 1 34  ? -2.515  8.747   -0.061  1.00 15.34 ? 33  GLU A CA  1 
ATOM   261  C C   . GLU A 1 34  ? -1.092  9.286   0.033   1.00 14.71 ? 33  GLU A C   1 
ATOM   262  O O   . GLU A 1 34  ? -0.635  10.008  -0.854  1.00 14.95 ? 33  GLU A O   1 
ATOM   263  C CB  . GLU A 1 34  ? -3.427  9.613   0.829   1.00 16.20 ? 33  GLU A CB  1 
ATOM   264  C CG  . GLU A 1 34  ? -3.472  11.053  0.319   1.00 19.25 ? 33  GLU A CG  1 
ATOM   265  C CD  . GLU A 1 34  ? -4.379  11.970  1.131   1.00 22.59 ? 33  GLU A CD  1 
ATOM   266  O OE1 . GLU A 1 34  ? -5.086  11.501  2.044   1.00 21.27 ? 33  GLU A OE1 1 
ATOM   267  O OE2 . GLU A 1 34  ? -4.380  13.180  0.842   1.00 26.58 ? 33  GLU A OE2 1 
ATOM   268  N N   . TYR A 1 35  ? -0.382  8.945   1.102   1.00 15.05 ? 34  TYR A N   1 
ATOM   269  C CA  . TYR A 1 35  ? 0.973   9.456   1.264   1.00 14.91 ? 34  TYR A CA  1 
ATOM   270  C C   . TYR A 1 35  ? 2.071   8.650   0.578   1.00 15.67 ? 34  TYR A C   1 
ATOM   271  O O   . TYR A 1 35  ? 3.114   9.204   0.234   1.00 16.90 ? 34  TYR A O   1 
ATOM   272  C CB  . TYR A 1 35  ? 1.267   9.650   2.757   1.00 15.80 ? 34  TYR A CB  1 
ATOM   273  C CG  . TYR A 1 35  ? 0.579   10.882  3.282   1.00 14.81 ? 34  TYR A CG  1 
ATOM   274  C CD1 . TYR A 1 35  ? 1.152   12.145  3.101   1.00 15.71 ? 34  TYR A CD1 1 
ATOM   275  C CD2 . TYR A 1 35  ? -0.686  10.808  3.870   1.00 16.41 ? 34  TYR A CD2 1 
ATOM   276  C CE1 . TYR A 1 35  ? 0.488   13.302  3.487   1.00 16.47 ? 34  TYR A CE1 1 
ATOM   277  C CE2 . TYR A 1 35  ? -1.368  11.968  4.260   1.00 15.94 ? 34  TYR A CE2 1 
ATOM   278  C CZ  . TYR A 1 35  ? -0.773  13.215  4.064   1.00 17.33 ? 34  TYR A CZ  1 
ATOM   279  O OH  . TYR A 1 35  ? -1.440  14.378  4.434   1.00 16.58 ? 34  TYR A OH  1 
ATOM   280  N N   . GLU A 1 36  ? 1.850   7.359   0.364   1.00 15.13 ? 35  GLU A N   1 
ATOM   281  C CA  . GLU A 1 36  ? 2.864   6.558   -0.330  1.00 14.40 ? 35  GLU A CA  1 
ATOM   282  C C   . GLU A 1 36  ? 2.832   6.812   -1.843  1.00 14.31 ? 35  GLU A C   1 
ATOM   283  O O   . GLU A 1 36  ? 3.867   6.981   -2.472  1.00 15.26 ? 35  GLU A O   1 
ATOM   284  C CB  . GLU A 1 36  ? 2.637   5.055   -0.078  1.00 15.10 ? 35  GLU A CB  1 
ATOM   285  C CG  . GLU A 1 36  ? 3.074   4.553   1.321   1.00 16.65 ? 35  GLU A CG  1 
ATOM   286  C CD  . GLU A 1 36  ? 4.588   4.519   1.497   1.00 19.03 ? 35  GLU A CD  1 
ATOM   287  O OE1 . GLU A 1 36  ? 5.291   4.537   0.475   1.00 19.78 ? 35  GLU A OE1 1 
ATOM   288  O OE2 . GLU A 1 36  ? 5.080   4.458   2.647   1.00 18.53 ? 35  GLU A OE2 1 
ATOM   289  N N   . SER A 1 37  ? 1.639   6.859   -2.427  1.00 15.29 ? 36  SER A N   1 
ATOM   290  C CA  . SER A 1 37  ? 1.530   7.010   -3.884  1.00 15.12 ? 36  SER A CA  1 
ATOM   291  C C   . SER A 1 37  ? 0.572   8.069   -4.389  1.00 15.74 ? 36  SER A C   1 
ATOM   292  O O   . SER A 1 37  ? 0.473   8.280   -5.606  1.00 13.77 ? 36  SER A O   1 
ATOM   293  C CB  . SER A 1 37  ? 1.077   5.681   -4.490  1.00 15.17 ? 36  SER A CB  1 
ATOM   294  O OG  . SER A 1 37  ? -0.240  5.373   -4.048  1.00 15.47 ? 36  SER A OG  1 
ATOM   295  N N   . ASN A 1 38  ? -0.120  8.736   -3.468  1.00 15.09 ? 37  ASN A N   1 
ATOM   296  C CA  . ASN A 1 38  ? -1.146  9.711   -3.824  1.00 16.35 ? 37  ASN A CA  1 
ATOM   297  C C   . ASN A 1 38  ? -2.175  9.016   -4.730  1.00 16.32 ? 37  ASN A C   1 
ATOM   298  O O   . ASN A 1 38  ? -2.629  9.580   -5.723  1.00 16.71 ? 37  ASN A O   1 
ATOM   299  C CB  . ASN A 1 38  ? -0.569  10.951  -4.523  1.00 17.58 ? 37  ASN A CB  1 
ATOM   300  C CG  . ASN A 1 38  ? -1.514  12.171  -4.447  1.00 19.32 ? 37  ASN A CG  1 
ATOM   301  O OD1 . ASN A 1 38  ? -1.275  13.195  -5.088  1.00 21.68 ? 37  ASN A OD1 1 
ATOM   302  N ND2 . ASN A 1 38  ? -2.581  12.058  -3.663  1.00 18.91 ? 37  ASN A ND2 1 
ATOM   303  N N   . PHE A 1 39  ? -2.525  7.784   -4.361  1.00 15.50 ? 38  PHE A N   1 
ATOM   304  C CA  . PHE A 1 39  ? -3.541  6.970   -5.047  1.00 15.40 ? 38  PHE A CA  1 
ATOM   305  C C   . PHE A 1 39  ? -3.275  6.549   -6.492  1.00 15.89 ? 38  PHE A C   1 
ATOM   306  O O   . PHE A 1 39  ? -4.205  6.118   -7.189  1.00 14.49 ? 38  PHE A O   1 
ATOM   307  C CB  . PHE A 1 39  ? -4.896  7.688   -5.013  1.00 15.16 ? 38  PHE A CB  1 
ATOM   308  C CG  . PHE A 1 39  ? -5.330  8.128   -3.639  1.00 16.01 ? 38  PHE A CG  1 
ATOM   309  C CD1 . PHE A 1 39  ? -5.353  7.231   -2.578  1.00 17.22 ? 38  PHE A CD1 1 
ATOM   310  C CD2 . PHE A 1 39  ? -5.769  9.438   -3.425  1.00 16.56 ? 38  PHE A CD2 1 
ATOM   311  C CE1 . PHE A 1 39  ? -5.806  7.627   -1.311  1.00 17.68 ? 38  PHE A CE1 1 
ATOM   312  C CE2 . PHE A 1 39  ? -6.227  9.846   -2.163  1.00 17.59 ? 38  PHE A CE2 1 
ATOM   313  C CZ  . PHE A 1 39  ? -6.243  8.934   -1.105  1.00 16.83 ? 38  PHE A CZ  1 
ATOM   314  N N   . ASN A 1 40  ? -2.020  6.637   -6.919  1.00 15.98 ? 39  ASN A N   1 
ATOM   315  C CA  . ASN A 1 40  ? -1.618  6.302   -8.289  1.00 17.50 ? 39  ASN A CA  1 
ATOM   316  C C   . ASN A 1 40  ? -1.189  4.837   -8.423  1.00 16.92 ? 39  ASN A C   1 
ATOM   317  O O   . ASN A 1 40  ? -0.188  4.416   -7.830  1.00 17.82 ? 39  ASN A O   1 
ATOM   318  C CB  . ASN A 1 40  ? -0.474  7.239   -8.694  1.00 18.60 ? 39  ASN A CB  1 
ATOM   319  C CG  . ASN A 1 40  ? -0.059  7.079   -10.145 1.00 20.35 ? 39  ASN A CG  1 
ATOM   320  O OD1 . ASN A 1 40  ? -0.615  6.265   -10.882 1.00 19.38 ? 39  ASN A OD1 1 
ATOM   321  N ND2 . ASN A 1 40  ? 0.929   7.860   -10.559 1.00 20.48 ? 39  ASN A ND2 1 
ATOM   322  N N   . THR A 1 41  ? -1.948  4.062   -9.192  1.00 17.36 ? 40  THR A N   1 
ATOM   323  C CA  . THR A 1 41  ? -1.640  2.646   -9.375  1.00 16.37 ? 40  THR A CA  1 
ATOM   324  C C   . THR A 1 41  ? -0.330  2.408   -10.114 1.00 18.31 ? 40  THR A C   1 
ATOM   325  O O   . THR A 1 41  ? 0.253   1.331   -10.001 1.00 17.70 ? 40  THR A O   1 
ATOM   326  C CB  . THR A 1 41  ? -2.759  1.906   -10.135 1.00 17.96 ? 40  THR A CB  1 
ATOM   327  O OG1 . THR A 1 41  ? -2.942  2.512   -11.420 1.00 16.70 ? 40  THR A OG1 1 
ATOM   328  C CG2 . THR A 1 41  ? -4.078  1.965   -9.351  1.00 18.04 ? 40  THR A CG2 1 
ATOM   329  N N   . GLN A 1 42  ? 0.132   3.401   -10.871 1.00 19.63 ? 41  GLN A N   1 
ATOM   330  C CA  . GLN A 1 42  ? 1.385   3.263   -11.611 1.00 21.52 ? 41  GLN A CA  1 
ATOM   331  C C   . GLN A 1 42  ? 2.549   3.976   -10.925 1.00 20.67 ? 41  GLN A C   1 
ATOM   332  O O   . GLN A 1 42  ? 3.575   4.244   -11.552 1.00 21.41 ? 41  GLN A O   1 
ATOM   333  C CB  . GLN A 1 42  ? 1.228   3.793   -13.053 1.00 24.65 ? 41  GLN A CB  1 
ATOM   334  C CG  . GLN A 1 42  ? 0.484   2.836   -13.991 1.00 29.87 ? 41  GLN A CG  1 
ATOM   335  C CD  . GLN A 1 42  ? -1.004  2.712   -13.673 1.00 34.04 ? 41  GLN A CD  1 
ATOM   336  O OE1 . GLN A 1 42  ? -1.594  1.616   -13.742 1.00 33.11 ? 41  GLN A OE1 1 
ATOM   337  N NE2 . GLN A 1 42  ? -1.627  3.844   -13.342 1.00 36.09 ? 41  GLN A NE2 1 
ATOM   338  N N   . ALA A 1 43  ? 2.398   4.287   -9.639  1.00 20.05 ? 42  ALA A N   1 
ATOM   339  C CA  . ALA A 1 43  ? 3.469   4.964   -8.903  1.00 19.74 ? 42  ALA A CA  1 
ATOM   340  C C   . ALA A 1 43  ? 4.740   4.118   -8.897  1.00 20.44 ? 42  ALA A C   1 
ATOM   341  O O   . ALA A 1 43  ? 4.685   2.904   -8.741  1.00 17.43 ? 42  ALA A O   1 
ATOM   342  C CB  . ALA A 1 43  ? 3.034   5.248   -7.464  1.00 19.88 ? 42  ALA A CB  1 
ATOM   343  N N   . PHE A 1 44  ? 5.887   4.774   -9.056  1.00 21.52 ? 43  PHE A N   1 
ATOM   344  C CA  . PHE A 1 44  ? 7.156   4.075   -9.076  1.00 24.20 ? 43  PHE A CA  1 
ATOM   345  C C   . PHE A 1 44  ? 8.265   4.925   -8.470  1.00 26.52 ? 43  PHE A C   1 
ATOM   346  O O   . PHE A 1 44  ? 8.528   6.037   -8.933  1.00 28.35 ? 43  PHE A O   1 
ATOM   347  C CB  . PHE A 1 44  ? 7.519   3.704   -10.514 1.00 25.43 ? 43  PHE A CB  1 
ATOM   348  C CG  . PHE A 1 44  ? 8.831   2.977   -10.636 1.00 25.94 ? 43  PHE A CG  1 
ATOM   349  C CD1 . PHE A 1 44  ? 8.919   1.620   -10.346 1.00 26.37 ? 43  PHE A CD1 1 
ATOM   350  C CD2 . PHE A 1 44  ? 9.983   3.664   -11.014 1.00 27.49 ? 43  PHE A CD2 1 
ATOM   351  C CE1 . PHE A 1 44  ? 10.138  0.950   -10.429 1.00 26.90 ? 43  PHE A CE1 1 
ATOM   352  C CE2 . PHE A 1 44  ? 11.208  3.005   -11.099 1.00 27.50 ? 43  PHE A CE2 1 
ATOM   353  C CZ  . PHE A 1 44  ? 11.280  1.639   -10.805 1.00 27.07 ? 43  PHE A CZ  1 
ATOM   354  N N   . ASN A 1 45  ? 8.904   4.402   -7.428  1.00 27.48 ? 44  ASN A N   1 
ATOM   355  C CA  . ASN A 1 45  ? 9.999   5.101   -6.749  1.00 29.94 ? 44  ASN A CA  1 
ATOM   356  C C   . ASN A 1 45  ? 11.271  4.332   -7.106  1.00 31.60 ? 44  ASN A C   1 
ATOM   357  O O   . ASN A 1 45  ? 11.472  3.212   -6.656  1.00 30.92 ? 44  ASN A O   1 
ATOM   358  C CB  . ASN A 1 45  ? 9.773   5.078   -5.235  1.00 28.97 ? 44  ASN A CB  1 
ATOM   359  C CG  . ASN A 1 45  ? 10.789  5.916   -4.468  1.00 28.64 ? 44  ASN A CG  1 
ATOM   360  O OD1 . ASN A 1 45  ? 11.098  5.615   -3.315  1.00 29.22 ? 44  ASN A OD1 1 
ATOM   361  N ND2 . ASN A 1 45  ? 11.290  6.981   -5.091  1.00 27.03 ? 44  ASN A ND2 1 
ATOM   362  N N   . GLY A 1 46  ? 12.119  4.950   -7.919  1.00 35.02 ? 45  GLY A N   1 
ATOM   363  C CA  . GLY A 1 46  ? 13.339  4.312   -8.381  1.00 40.92 ? 45  GLY A CA  1 
ATOM   364  C C   . GLY A 1 46  ? 14.356  3.808   -7.377  1.00 44.98 ? 45  GLY A C   1 
ATOM   365  O O   . GLY A 1 46  ? 14.626  2.608   -7.313  1.00 46.03 ? 45  GLY A O   1 
ATOM   366  N N   . ARG A 1 47  ? 14.940  4.712   -6.600  1.00 49.27 ? 46  ARG A N   1 
ATOM   367  C CA  . ARG A 1 47  ? 15.948  4.313   -5.627  1.00 53.36 ? 46  ARG A CA  1 
ATOM   368  C C   . ARG A 1 47  ? 15.483  4.537   -4.199  1.00 55.34 ? 46  ARG A C   1 
ATOM   369  O O   . ARG A 1 47  ? 15.526  5.658   -3.686  1.00 55.98 ? 46  ARG A O   1 
ATOM   370  C CB  . ARG A 1 47  ? 17.246  5.089   -5.861  1.00 54.90 ? 46  ARG A CB  1 
ATOM   371  C CG  . ARG A 1 47  ? 17.797  5.030   -7.284  1.00 57.78 ? 46  ARG A CG  1 
ATOM   372  C CD  . ARG A 1 47  ? 18.259  3.640   -7.692  1.00 60.01 ? 46  ARG A CD  1 
ATOM   373  N NE  . ARG A 1 47  ? 17.143  2.719   -7.888  1.00 62.30 ? 46  ARG A NE  1 
ATOM   374  C CZ  . ARG A 1 47  ? 17.275  1.470   -8.324  1.00 63.34 ? 46  ARG A CZ  1 
ATOM   375  N NH1 . ARG A 1 47  ? 18.479  0.987   -8.611  1.00 64.07 ? 46  ARG A NH1 1 
ATOM   376  N NH2 . ARG A 1 47  ? 16.203  0.702   -8.475  1.00 64.11 ? 46  ARG A NH2 1 
ATOM   377  N N   . ASN A 1 48  ? 15.025  3.471   -3.559  1.00 57.45 ? 47  ASN A N   1 
ATOM   378  C CA  . ASN A 1 48  ? 14.581  3.572   -2.182  1.00 59.30 ? 47  ASN A CA  1 
ATOM   379  C C   . ASN A 1 48  ? 15.853  3.560   -1.334  1.00 60.14 ? 47  ASN A C   1 
ATOM   380  O O   . ASN A 1 48  ? 16.957  3.612   -1.877  1.00 60.25 ? 47  ASN A O   1 
ATOM   381  C CB  . ASN A 1 48  ? 13.694  2.381   -1.826  1.00 60.47 ? 47  ASN A CB  1 
ATOM   382  C CG  . ASN A 1 48  ? 12.951  2.581   -0.523  1.00 62.15 ? 47  ASN A CG  1 
ATOM   383  O OD1 . ASN A 1 48  ? 12.252  1.686   -0.053  1.00 63.87 ? 47  ASN A OD1 1 
ATOM   384  N ND2 . ASN A 1 48  ? 13.093  3.766   0.067   1.00 62.93 ? 47  ASN A ND2 1 
ATOM   385  N N   . SER A 1 49  ? 15.706  3.494   -0.013  1.00 61.02 ? 48  SER A N   1 
ATOM   386  C CA  . SER A 1 49  ? 16.864  3.472   0.878   1.00 61.40 ? 48  SER A CA  1 
ATOM   387  C C   . SER A 1 49  ? 17.818  2.338   0.489   1.00 61.39 ? 48  SER A C   1 
ATOM   388  O O   . SER A 1 49  ? 18.965  2.284   0.948   1.00 62.15 ? 48  SER A O   1 
ATOM   389  C CB  . SER A 1 49  ? 16.406  3.299   2.328   1.00 61.57 ? 48  SER A CB  1 
ATOM   390  O OG  . SER A 1 49  ? 15.574  4.376   2.722   1.00 61.89 ? 48  SER A OG  1 
ATOM   391  N N   . ASN A 1 50  ? 17.328  1.438   -0.360  1.00 60.35 ? 49  ASN A N   1 
ATOM   392  C CA  . ASN A 1 50  ? 18.106  0.301   -0.845  1.00 58.61 ? 49  ASN A CA  1 
ATOM   393  C C   . ASN A 1 50  ? 18.161  0.458   -2.360  1.00 57.06 ? 49  ASN A C   1 
ATOM   394  O O   . ASN A 1 50  ? 17.352  1.191   -2.932  1.00 57.82 ? 49  ASN A O   1 
ATOM   395  C CB  . ASN A 1 50  ? 17.390  -1.011  -0.520  1.00 59.43 ? 49  ASN A CB  1 
ATOM   396  C CG  . ASN A 1 50  ? 16.641  -0.964  0.801   1.00 60.13 ? 49  ASN A CG  1 
ATOM   397  O OD1 . ASN A 1 50  ? 15.716  -1.749  1.030   1.00 60.10 ? 49  ASN A OD1 1 
ATOM   398  N ND2 . ASN A 1 50  ? 17.038  -0.052  1.681   1.00 60.66 ? 49  ASN A ND2 1 
ATOM   399  N N   . GLY A 1 51  ? 19.100  -0.221  -3.014  1.00 54.74 ? 50  GLY A N   1 
ATOM   400  C CA  . GLY A 1 51  ? 19.178  -0.133  -4.465  1.00 50.38 ? 50  GLY A CA  1 
ATOM   401  C C   . GLY A 1 51  ? 17.893  -0.682  -5.070  1.00 47.54 ? 50  GLY A C   1 
ATOM   402  O O   . GLY A 1 51  ? 17.806  -0.957  -6.269  1.00 48.13 ? 50  GLY A O   1 
ATOM   403  N N   . SER A 1 52  ? 16.888  -0.836  -4.214  1.00 43.91 ? 51  SER A N   1 
ATOM   404  C CA  . SER A 1 52  ? 15.584  -1.359  -4.599  1.00 39.42 ? 51  SER A CA  1 
ATOM   405  C C   . SER A 1 52  ? 14.647  -0.263  -5.108  1.00 36.16 ? 51  SER A C   1 
ATOM   406  O O   . SER A 1 52  ? 14.998  0.924   -5.125  1.00 35.84 ? 51  SER A O   1 
ATOM   407  C CB  . SER A 1 52  ? 14.953  -2.062  -3.403  1.00 39.35 ? 51  SER A CB  1 
ATOM   408  O OG  . SER A 1 52  ? 14.851  -1.164  -2.314  1.00 40.09 ? 51  SER A OG  1 
ATOM   409  N N   . SER A 1 53  ? 13.450  -0.672  -5.515  1.00 31.22 ? 52  SER A N   1 
ATOM   410  C CA  . SER A 1 53  ? 12.455  0.253   -6.037  1.00 26.11 ? 52  SER A CA  1 
ATOM   411  C C   . SER A 1 53  ? 11.109  -0.056  -5.397  1.00 23.50 ? 52  SER A C   1 
ATOM   412  O O   . SER A 1 53  ? 10.892  -1.174  -4.940  1.00 21.57 ? 52  SER A O   1 
ATOM   413  C CB  . SER A 1 53  ? 12.356  0.106   -7.554  1.00 25.51 ? 52  SER A CB  1 
ATOM   414  O OG  . SER A 1 53  ? 13.606  0.377   -8.174  1.00 26.81 ? 52  SER A OG  1 
ATOM   415  N N   . ASP A 1 54  ? 10.222  0.937   -5.352  1.00 20.17 ? 53  ASP A N   1 
ATOM   416  C CA  . ASP A 1 54  ? 8.887   0.758   -4.762  1.00 19.56 ? 53  ASP A CA  1 
ATOM   417  C C   . ASP A 1 54  ? 7.862   0.786   -5.892  1.00 18.12 ? 53  ASP A C   1 
ATOM   418  O O   . ASP A 1 54  ? 7.910   1.652   -6.763  1.00 17.74 ? 53  ASP A O   1 
ATOM   419  C CB  . ASP A 1 54  ? 8.572   1.873   -3.755  1.00 19.73 ? 53  ASP A CB  1 
ATOM   420  C CG  . ASP A 1 54  ? 9.614   1.977   -2.659  1.00 22.33 ? 53  ASP A CG  1 
ATOM   421  O OD1 . ASP A 1 54  ? 9.952   0.939   -2.064  1.00 21.38 ? 53  ASP A OD1 1 
ATOM   422  O OD2 . ASP A 1 54  ? 10.093  3.100   -2.395  1.00 24.73 ? 53  ASP A OD2 1 
ATOM   423  N N   . TYR A 1 55  ? 6.913   -0.137  -5.843  1.00 16.94 ? 54  TYR A N   1 
ATOM   424  C CA  . TYR A 1 55  ? 5.919   -0.267  -6.904  1.00 16.51 ? 54  TYR A CA  1 
ATOM   425  C C   . TYR A 1 55  ? 4.454   -0.136  -6.530  1.00 15.60 ? 54  TYR A C   1 
ATOM   426  O O   . TYR A 1 55  ? 3.997   -0.742  -5.558  1.00 15.13 ? 54  TYR A O   1 
ATOM   427  C CB  . TYR A 1 55  ? 6.030   -1.645  -7.556  1.00 17.04 ? 54  TYR A CB  1 
ATOM   428  C CG  . TYR A 1 55  ? 7.318   -1.942  -8.268  1.00 20.24 ? 54  TYR A CG  1 
ATOM   429  C CD1 . TYR A 1 55  ? 8.497   -2.158  -7.562  1.00 20.41 ? 54  TYR A CD1 1 
ATOM   430  C CD2 . TYR A 1 55  ? 7.348   -2.037  -9.659  1.00 20.52 ? 54  TYR A CD2 1 
ATOM   431  C CE1 . TYR A 1 55  ? 9.687   -2.467  -8.225  1.00 22.38 ? 54  TYR A CE1 1 
ATOM   432  C CE2 . TYR A 1 55  ? 8.529   -2.347  -10.334 1.00 22.96 ? 54  TYR A CE2 1 
ATOM   433  C CZ  . TYR A 1 55  ? 9.691   -2.562  -9.612  1.00 23.54 ? 54  TYR A CZ  1 
ATOM   434  O OH  . TYR A 1 55  ? 10.849  -2.892  -10.277 1.00 25.96 ? 54  TYR A OH  1 
ATOM   435  N N   . GLY A 1 56  ? 3.718   0.602   -7.356  1.00 14.83 ? 55  GLY A N   1 
ATOM   436  C CA  . GLY A 1 56  ? 2.283   0.707   -7.180  1.00 14.70 ? 55  GLY A CA  1 
ATOM   437  C C   . GLY A 1 56  ? 1.678   1.584   -6.114  1.00 15.25 ? 55  GLY A C   1 
ATOM   438  O O   . GLY A 1 56  ? 2.359   2.327   -5.415  1.00 15.12 ? 55  GLY A O   1 
ATOM   439  N N   . ILE A 1 57  ? 0.365   1.452   -5.990  1.00 14.25 ? 56  ILE A N   1 
ATOM   440  C CA  . ILE A 1 57  ? -0.413  2.240   -5.049  1.00 15.95 ? 56  ILE A CA  1 
ATOM   441  C C   . ILE A 1 57  ? 0.027   2.087   -3.580  1.00 15.78 ? 56  ILE A C   1 
ATOM   442  O O   . ILE A 1 57  ? -0.172  3.008   -2.778  1.00 14.44 ? 56  ILE A O   1 
ATOM   443  C CB  . ILE A 1 57  ? -1.913  1.912   -5.236  1.00 16.18 ? 56  ILE A CB  1 
ATOM   444  C CG1 . ILE A 1 57  ? -2.778  2.978   -4.563  1.00 15.70 ? 56  ILE A CG1 1 
ATOM   445  C CG2 . ILE A 1 57  ? -2.215  0.502   -4.719  1.00 18.06 ? 56  ILE A CG2 1 
ATOM   446  C CD1 . ILE A 1 57  ? -4.254  2.866   -4.957  1.00 18.76 ? 56  ILE A CD1 1 
ATOM   447  N N   . PHE A 1 58  ? 0.636   0.949   -3.232  1.00 15.10 ? 57  PHE A N   1 
ATOM   448  C CA  . PHE A 1 58  ? 1.105   0.746   -1.852  1.00 15.73 ? 57  PHE A CA  1 
ATOM   449  C C   . PHE A 1 58  ? 2.632   0.775   -1.764  1.00 15.76 ? 57  PHE A C   1 
ATOM   450  O O   . PHE A 1 58  ? 3.217   0.461   -0.720  1.00 15.28 ? 57  PHE A O   1 
ATOM   451  C CB  . PHE A 1 58  ? 0.595   -0.571  -1.271  1.00 15.61 ? 57  PHE A CB  1 
ATOM   452  C CG  . PHE A 1 58  ? -0.903  -0.658  -1.183  1.00 16.67 ? 57  PHE A CG  1 
ATOM   453  C CD1 . PHE A 1 58  ? -1.655  0.434   -0.771  1.00 17.71 ? 57  PHE A CD1 1 
ATOM   454  C CD2 . PHE A 1 58  ? -1.557  -1.850  -1.482  1.00 18.01 ? 57  PHE A CD2 1 
ATOM   455  C CE1 . PHE A 1 58  ? -3.037  0.343   -0.656  1.00 19.39 ? 57  PHE A CE1 1 
ATOM   456  C CE2 . PHE A 1 58  ? -2.941  -1.954  -1.372  1.00 20.28 ? 57  PHE A CE2 1 
ATOM   457  C CZ  . PHE A 1 58  ? -3.686  -0.860  -0.957  1.00 19.84 ? 57  PHE A CZ  1 
ATOM   458  N N   . GLN A 1 59  ? 3.268   1.132   -2.876  1.00 15.34 ? 58  GLN A N   1 
ATOM   459  C CA  . GLN A 1 59  ? 4.721   1.258   -2.942  1.00 15.24 ? 58  GLN A CA  1 
ATOM   460  C C   . GLN A 1 59  ? 5.457   0.106   -2.280  1.00 17.28 ? 58  GLN A C   1 
ATOM   461  O O   . GLN A 1 59  ? 6.269   0.310   -1.352  1.00 16.66 ? 58  GLN A O   1 
ATOM   462  C CB  . GLN A 1 59  ? 5.129   2.587   -2.303  1.00 15.11 ? 58  GLN A CB  1 
ATOM   463  C CG  . GLN A 1 59  ? 4.680   3.785   -3.108  1.00 15.68 ? 58  GLN A CG  1 
ATOM   464  C CD  . GLN A 1 59  ? 5.559   4.022   -4.327  1.00 17.04 ? 58  GLN A CD  1 
ATOM   465  O OE1 . GLN A 1 59  ? 6.569   4.710   -4.244  1.00 18.42 ? 58  GLN A OE1 1 
ATOM   466  N NE2 . GLN A 1 59  ? 5.189   3.429   -5.454  1.00 15.27 ? 58  GLN A NE2 1 
ATOM   467  N N   . LEU A 1 60  ? 5.187   -1.099  -2.777  1.00 16.17 ? 59  LEU A N   1 
ATOM   468  C CA  . LEU A 1 60  ? 5.799   -2.317  -2.254  1.00 17.91 ? 59  LEU A CA  1 
ATOM   469  C C   . LEU A 1 60  ? 7.214   -2.418  -2.797  1.00 18.99 ? 59  LEU A C   1 
ATOM   470  O O   . LEU A 1 60  ? 7.439   -2.276  -4.001  1.00 18.79 ? 59  LEU A O   1 
ATOM   471  C CB  . LEU A 1 60  ? 4.950   -3.527  -2.659  1.00 16.53 ? 59  LEU A CB  1 
ATOM   472  C CG  . LEU A 1 60  ? 3.545   -3.396  -2.054  1.00 16.97 ? 59  LEU A CG  1 
ATOM   473  C CD1 . LEU A 1 60  ? 2.566   -4.338  -2.728  1.00 17.94 ? 59  LEU A CD1 1 
ATOM   474  C CD2 . LEU A 1 60  ? 3.628   -3.664  -0.558  1.00 17.74 ? 59  LEU A CD2 1 
ATOM   475  N N   . ASN A 1 61  ? 8.163   -2.664  -1.897  1.00 20.81 ? 60  ASN A N   1 
ATOM   476  C CA  . ASN A 1 61  ? 9.588   -2.723  -2.237  1.00 23.24 ? 60  ASN A CA  1 
ATOM   477  C C   . ASN A 1 61  ? 10.124  -4.041  -2.808  1.00 23.26 ? 60  ASN A C   1 
ATOM   478  O O   . ASN A 1 61  ? 9.795   -5.130  -2.328  1.00 23.09 ? 60  ASN A O   1 
ATOM   479  C CB  . ASN A 1 61  ? 10.398  -2.299  -1.001  1.00 26.88 ? 60  ASN A CB  1 
ATOM   480  C CG  . ASN A 1 61  ? 11.705  -3.035  -0.879  1.00 30.96 ? 60  ASN A CG  1 
ATOM   481  O OD1 . ASN A 1 61  ? 11.726  -4.237  -0.605  1.00 35.94 ? 60  ASN A OD1 1 
ATOM   482  N ND2 . ASN A 1 61  ? 12.806  -2.328  -1.084  1.00 33.17 ? 60  ASN A ND2 1 
ATOM   483  N N   . SER A 1 62  ? 10.986  -3.910  -3.816  1.00 23.46 ? 61  SER A N   1 
ATOM   484  C CA  . SER A 1 62  ? 11.578  -5.037  -4.529  1.00 24.48 ? 61  SER A CA  1 
ATOM   485  C C   . SER A 1 62  ? 12.655  -5.854  -3.811  1.00 26.26 ? 61  SER A C   1 
ATOM   486  O O   . SER A 1 62  ? 13.135  -6.853  -4.359  1.00 26.17 ? 61  SER A O   1 
ATOM   487  C CB  . SER A 1 62  ? 12.150  -4.544  -5.862  1.00 24.65 ? 61  SER A CB  1 
ATOM   488  O OG  . SER A 1 62  ? 13.170  -3.572  -5.655  1.00 23.63 ? 61  SER A OG  1 
ATOM   489  N N   . LYS A 1 63  ? 13.056  -5.438  -2.613  1.00 25.97 ? 62  LYS A N   1 
ATOM   490  C CA  . LYS A 1 63  ? 14.072  -6.185  -1.881  1.00 27.99 ? 62  LYS A CA  1 
ATOM   491  C C   . LYS A 1 63  ? 13.431  -7.161  -0.906  1.00 27.66 ? 62  LYS A C   1 
ATOM   492  O O   . LYS A 1 63  ? 14.043  -8.151  -0.518  1.00 27.41 ? 62  LYS A O   1 
ATOM   493  C CB  . LYS A 1 63  ? 14.993  -5.235  -1.108  1.00 30.25 ? 62  LYS A CB  1 
ATOM   494  C CG  . LYS A 1 63  ? 15.922  -5.947  -0.133  1.00 34.93 ? 62  LYS A CG  1 
ATOM   495  C CD  . LYS A 1 63  ? 16.996  -5.017  0.441   1.00 38.45 ? 62  LYS A CD  1 
ATOM   496  C CE  . LYS A 1 63  ? 17.956  -4.537  -0.652  1.00 41.11 ? 62  LYS A CE  1 
ATOM   497  N NZ  . LYS A 1 63  ? 19.176  -3.869  -0.097  1.00 43.15 ? 62  LYS A NZ  1 
ATOM   498  N N   . TRP A 1 64  ? 12.182  -6.896  -0.537  1.00 26.72 ? 63  TRP A N   1 
ATOM   499  C CA  . TRP A 1 64  ? 11.499  -7.738  0.429   1.00 26.50 ? 63  TRP A CA  1 
ATOM   500  C C   . TRP A 1 64  ? 10.200  -8.399  0.005   1.00 24.79 ? 63  TRP A C   1 
ATOM   501  O O   . TRP A 1 64  ? 9.945   -9.556  0.353   1.00 24.61 ? 63  TRP A O   1 
ATOM   502  C CB  . TRP A 1 64  ? 11.190  -6.925  1.688   1.00 30.54 ? 63  TRP A CB  1 
ATOM   503  C CG  . TRP A 1 64  ? 12.398  -6.360  2.336   1.00 36.03 ? 63  TRP A CG  1 
ATOM   504  C CD1 . TRP A 1 64  ? 12.837  -5.060  2.285   1.00 38.09 ? 63  TRP A CD1 1 
ATOM   505  C CD2 . TRP A 1 64  ? 13.370  -7.086  3.086   1.00 37.80 ? 63  TRP A CD2 1 
ATOM   506  N NE1 . TRP A 1 64  ? 14.032  -4.940  2.962   1.00 39.31 ? 63  TRP A NE1 1 
ATOM   507  C CE2 . TRP A 1 64  ? 14.380  -6.169  3.461   1.00 39.30 ? 63  TRP A CE2 1 
ATOM   508  C CE3 . TRP A 1 64  ? 13.490  -8.428  3.478   1.00 39.36 ? 63  TRP A CE3 1 
ATOM   509  C CZ2 . TRP A 1 64  ? 15.497  -6.554  4.211   1.00 40.98 ? 63  TRP A CZ2 1 
ATOM   510  C CZ3 . TRP A 1 64  ? 14.601  -8.811  4.224   1.00 40.79 ? 63  TRP A CZ3 1 
ATOM   511  C CH2 . TRP A 1 64  ? 15.589  -7.875  4.583   1.00 41.12 ? 63  TRP A CH2 1 
ATOM   512  N N   . TRP A 1 65  ? 9.387   -7.668  -0.746  1.00 21.65 ? 64  TRP A N   1 
ATOM   513  C CA  . TRP A 1 65  ? 8.061   -8.159  -1.086  1.00 20.79 ? 64  TRP A CA  1 
ATOM   514  C C   . TRP A 1 65  ? 7.810   -8.789  -2.439  1.00 19.36 ? 64  TRP A C   1 
ATOM   515  O O   . TRP A 1 65  ? 6.976   -9.680  -2.553  1.00 20.02 ? 64  TRP A O   1 
ATOM   516  C CB  . TRP A 1 65  ? 7.065   -7.019  -0.835  1.00 20.12 ? 64  TRP A CB  1 
ATOM   517  C CG  . TRP A 1 65  ? 7.256   -6.428  0.527   1.00 21.25 ? 64  TRP A CG  1 
ATOM   518  C CD1 . TRP A 1 65  ? 7.773   -5.194  0.833   1.00 22.10 ? 64  TRP A CD1 1 
ATOM   519  C CD2 . TRP A 1 65  ? 7.018   -7.083  1.777   1.00 22.74 ? 64  TRP A CD2 1 
ATOM   520  N NE1 . TRP A 1 65  ? 7.877   -5.051  2.204   1.00 23.59 ? 64  TRP A NE1 1 
ATOM   521  C CE2 . TRP A 1 65  ? 7.423   -6.195  2.804   1.00 23.81 ? 64  TRP A CE2 1 
ATOM   522  C CE3 . TRP A 1 65  ? 6.503   -8.339  2.132   1.00 23.55 ? 64  TRP A CE3 1 
ATOM   523  C CZ2 . TRP A 1 65  ? 7.328   -6.524  4.163   1.00 25.74 ? 64  TRP A CZ2 1 
ATOM   524  C CZ3 . TRP A 1 65  ? 6.413   -8.667  3.493   1.00 25.83 ? 64  TRP A CZ3 1 
ATOM   525  C CH2 . TRP A 1 65  ? 6.823   -7.762  4.485   1.00 24.82 ? 64  TRP A CH2 1 
ATOM   526  N N   . CYS A 1 66  ? 8.515   -8.342  -3.463  1.00 19.98 ? 65  CYS A N   1 
ATOM   527  C CA  . CYS A 1 66  ? 8.304   -8.904  -4.795  1.00 20.58 ? 65  CYS A CA  1 
ATOM   528  C C   . CYS A 1 66  ? 9.615   -9.048  -5.569  1.00 21.61 ? 65  CYS A C   1 
ATOM   529  O O   . CYS A 1 66  ? 10.635  -8.478  -5.177  1.00 21.13 ? 65  CYS A O   1 
ATOM   530  C CB  . CYS A 1 66  ? 7.324   -8.022  -5.567  1.00 17.62 ? 65  CYS A CB  1 
ATOM   531  S SG  . CYS A 1 66  ? 7.767   -6.253  -5.549  1.00 19.77 ? 65  CYS A SG  1 
ATOM   532  N N   . LYS A 1 67  ? 9.559   -9.825  -6.652  1.00 22.85 ? 66  LYS A N   1 
ATOM   533  C CA  . LYS A 1 67  ? 10.696  -10.105 -7.541  1.00 24.55 ? 66  LYS A CA  1 
ATOM   534  C C   . LYS A 1 67  ? 10.780  -9.133  -8.701  1.00 25.02 ? 66  LYS A C   1 
ATOM   535  O O   . LYS A 1 67  ? 9.762   -8.725  -9.260  1.00 23.41 ? 66  LYS A O   1 
ATOM   536  C CB  . LYS A 1 67  ? 10.569  -11.496 -8.185  1.00 26.71 ? 66  LYS A CB  1 
ATOM   537  C CG  . LYS A 1 67  ? 10.865  -12.682 -7.313  1.00 28.67 ? 66  LYS A CG  1 
ATOM   538  C CD  . LYS A 1 67  ? 10.886  -13.982 -8.149  1.00 29.23 ? 66  LYS A CD  1 
ATOM   539  C CE  . LYS A 1 67  ? 9.573   -14.238 -8.870  1.00 29.20 ? 66  LYS A CE  1 
ATOM   540  N NZ  . LYS A 1 67  ? 9.545   -15.575 -9.551  1.00 26.32 ? 66  LYS A NZ  1 
ATOM   541  N N   . SER A 1 68  ? 12.007  -8.786  -9.076  1.00 26.38 ? 67  SER A N   1 
ATOM   542  C CA  . SER A 1 68  ? 12.262  -7.918  -10.219 1.00 28.80 ? 67  SER A CA  1 
ATOM   543  C C   . SER A 1 68  ? 13.566  -8.461  -10.796 1.00 30.33 ? 67  SER A C   1 
ATOM   544  O O   . SER A 1 68  ? 14.327  -9.125  -10.090 1.00 30.36 ? 67  SER A O   1 
ATOM   545  C CB  . SER A 1 68  ? 12.427  -6.452  -9.795  1.00 29.25 ? 67  SER A CB  1 
ATOM   546  O OG  . SER A 1 68  ? 13.653  -6.239  -9.117  1.00 29.81 ? 67  SER A OG  1 
ATOM   547  N N   . ASN A 1 69  ? 13.810  -8.206  -12.073 1.00 32.50 ? 68  ASN A N   1 
ATOM   548  C CA  . ASN A 1 69  ? 15.026  -8.682  -12.715 1.00 35.37 ? 68  ASN A CA  1 
ATOM   549  C C   . ASN A 1 69  ? 16.248  -7.886  -12.290 1.00 37.44 ? 68  ASN A C   1 
ATOM   550  O O   . ASN A 1 69  ? 17.377  -8.296  -12.548 1.00 39.01 ? 68  ASN A O   1 
ATOM   551  C CB  . ASN A 1 69  ? 14.896  -8.582  -14.232 1.00 36.35 ? 68  ASN A CB  1 
ATOM   552  C CG  . ASN A 1 69  ? 14.202  -9.777  -14.845 1.00 36.94 ? 68  ASN A CG  1 
ATOM   553  O OD1 . ASN A 1 69  ? 14.421  -10.087 -16.017 1.00 40.50 ? 68  ASN A OD1 1 
ATOM   554  N ND2 . ASN A 1 69  ? 13.360  -10.449 -14.072 1.00 34.90 ? 68  ASN A ND2 1 
ATOM   555  N N   . SER A 1 70  ? 16.019  -6.751  -11.637 1.00 38.96 ? 69  SER A N   1 
ATOM   556  C CA  . SER A 1 70  ? 17.101  -5.862  -11.216 1.00 40.07 ? 69  SER A CA  1 
ATOM   557  C C   . SER A 1 70  ? 18.013  -6.363  -10.104 1.00 40.12 ? 69  SER A C   1 
ATOM   558  O O   . SER A 1 70  ? 19.179  -5.963  -10.033 1.00 40.80 ? 69  SER A O   1 
ATOM   559  C CB  . SER A 1 70  ? 16.523  -4.507  -10.800 1.00 41.08 ? 69  SER A CB  1 
ATOM   560  O OG  . SER A 1 70  ? 15.771  -3.929  -11.856 1.00 44.16 ? 69  SER A OG  1 
ATOM   561  N N   . HIS A 1 71  ? 17.497  -7.218  -9.230  1.00 39.07 ? 70  HIS A N   1 
ATOM   562  C CA  . HIS A 1 71  ? 18.306  -7.726  -8.128  1.00 38.13 ? 70  HIS A CA  1 
ATOM   563  C C   . HIS A 1 71  ? 17.548  -8.758  -7.314  1.00 37.26 ? 70  HIS A C   1 
ATOM   564  O O   . HIS A 1 71  ? 16.360  -8.977  -7.531  1.00 36.30 ? 70  HIS A O   1 
ATOM   565  C CB  . HIS A 1 71  ? 18.735  -6.568  -7.226  1.00 39.13 ? 70  HIS A CB  1 
ATOM   566  C CG  . HIS A 1 71  ? 17.592  -5.737  -6.734  1.00 40.69 ? 70  HIS A CG  1 
ATOM   567  N ND1 . HIS A 1 71  ? 16.759  -6.147  -5.715  1.00 41.43 ? 70  HIS A ND1 1 
ATOM   568  C CD2 . HIS A 1 71  ? 17.120  -4.537  -7.148  1.00 41.37 ? 70  HIS A CD2 1 
ATOM   569  C CE1 . HIS A 1 71  ? 15.822  -5.233  -5.521  1.00 41.98 ? 70  HIS A CE1 1 
ATOM   570  N NE2 . HIS A 1 71  ? 16.019  -4.247  -6.379  1.00 41.85 ? 70  HIS A NE2 1 
ATOM   571  N N   . SER A 1 72  ? 18.247  -9.386  -6.374  1.00 36.00 ? 71  SER A N   1 
ATOM   572  C CA  . SER A 1 72  ? 17.653  -10.412 -5.535  1.00 34.81 ? 71  SER A CA  1 
ATOM   573  C C   . SER A 1 72  ? 16.636  -9.820  -4.584  1.00 33.22 ? 71  SER A C   1 
ATOM   574  O O   . SER A 1 72  ? 16.708  -8.639  -4.231  1.00 32.58 ? 71  SER A O   1 
ATOM   575  C CB  . SER A 1 72  ? 18.741  -11.140 -4.749  1.00 36.40 ? 71  SER A CB  1 
ATOM   576  O OG  . SER A 1 72  ? 19.628  -11.789 -5.644  1.00 40.05 ? 71  SER A OG  1 
ATOM   577  N N   . SER A 1 73  ? 15.698  -10.660 -4.163  1.00 30.95 ? 72  SER A N   1 
ATOM   578  C CA  . SER A 1 73  ? 14.634  -10.244 -3.269  1.00 28.44 ? 72  SER A CA  1 
ATOM   579  C C   . SER A 1 73  ? 14.152  -11.378 -2.384  1.00 27.60 ? 72  SER A C   1 
ATOM   580  O O   . SER A 1 73  ? 14.264  -12.559 -2.742  1.00 27.32 ? 72  SER A O   1 
ATOM   581  C CB  . SER A 1 73  ? 13.442  -9.739  -4.088  1.00 29.02 ? 72  SER A CB  1 
ATOM   582  O OG  . SER A 1 73  ? 12.288  -9.621  -3.269  1.00 27.03 ? 72  SER A OG  1 
ATOM   583  N N   . ALA A 1 74  ? 13.605  -11.015 -1.230  1.00 25.83 ? 73  ALA A N   1 
ATOM   584  C CA  . ALA A 1 74  ? 13.043  -11.998 -0.319  1.00 25.55 ? 73  ALA A CA  1 
ATOM   585  C C   . ALA A 1 74  ? 11.738  -12.500 -0.965  1.00 24.76 ? 73  ALA A C   1 
ATOM   586  O O   . ALA A 1 74  ? 11.268  -13.597 -0.663  1.00 25.15 ? 73  ALA A O   1 
ATOM   587  C CB  . ALA A 1 74  ? 12.748  -11.359 1.020   1.00 24.96 ? 73  ALA A CB  1 
ATOM   588  N N   . ASN A 1 75  ? 11.161  -11.683 -1.846  1.00 22.77 ? 74  ASN A N   1 
ATOM   589  C CA  . ASN A 1 75  ? 9.931   -12.035 -2.569  1.00 22.05 ? 74  ASN A CA  1 
ATOM   590  C C   . ASN A 1 75  ? 8.874   -12.696 -1.671  1.00 21.37 ? 74  ASN A C   1 
ATOM   591  O O   . ASN A 1 75  ? 8.305   -13.724 -2.017  1.00 21.36 ? 74  ASN A O   1 
ATOM   592  C CB  . ASN A 1 75  ? 10.301  -12.956 -3.745  1.00 22.73 ? 74  ASN A CB  1 
ATOM   593  C CG  . ASN A 1 75  ? 9.145   -13.185 -4.714  1.00 23.32 ? 74  ASN A CG  1 
ATOM   594  O OD1 . ASN A 1 75  ? 8.290   -12.319 -4.904  1.00 21.72 ? 74  ASN A OD1 1 
ATOM   595  N ND2 . ASN A 1 75  ? 9.131   -14.353 -5.349  1.00 22.76 ? 74  ASN A ND2 1 
ATOM   596  N N   . ALA A 1 76  ? 8.595   -12.090 -0.523  1.00 21.79 ? 75  ALA A N   1 
ATOM   597  C CA  . ALA A 1 76  ? 7.626   -12.656 0.413   1.00 22.29 ? 75  ALA A CA  1 
ATOM   598  C C   . ALA A 1 76  ? 6.199   -12.751 -0.116  1.00 22.15 ? 75  ALA A C   1 
ATOM   599  O O   . ALA A 1 76  ? 5.386   -13.505 0.419   1.00 21.30 ? 75  ALA A O   1 
ATOM   600  C CB  . ALA A 1 76  ? 7.641   -11.867 1.718   1.00 23.56 ? 75  ALA A CB  1 
ATOM   601  N N   . CYS A 1 77  ? 5.874   -11.984 -1.153  1.00 20.04 ? 76  CYS A N   1 
ATOM   602  C CA  . CYS A 1 77  ? 4.529   -12.059 -1.704  1.00 18.72 ? 76  CYS A CA  1 
ATOM   603  C C   . CYS A 1 77  ? 4.476   -12.965 -2.918  1.00 18.87 ? 76  CYS A C   1 
ATOM   604  O O   . CYS A 1 77  ? 3.418   -13.146 -3.513  1.00 18.26 ? 76  CYS A O   1 
ATOM   605  C CB  . CYS A 1 77  ? 4.023   -10.672 -2.058  1.00 18.75 ? 76  CYS A CB  1 
ATOM   606  S SG  . CYS A 1 77  ? 3.625   -9.792  -0.542  1.00 19.92 ? 76  CYS A SG  1 
ATOM   607  N N   . ASN A 1 78  ? 5.630   -13.515 -3.276  1.00 18.05 ? 77  ASN A N   1 
ATOM   608  C CA  . ASN A 1 78  ? 5.750   -14.451 -4.395  1.00 18.48 ? 77  ASN A CA  1 
ATOM   609  C C   . ASN A 1 78  ? 5.103   -13.951 -5.671  1.00 18.60 ? 77  ASN A C   1 
ATOM   610  O O   . ASN A 1 78  ? 4.155   -14.558 -6.182  1.00 17.96 ? 77  ASN A O   1 
ATOM   611  C CB  . ASN A 1 78  ? 5.146   -15.791 -3.976  1.00 21.50 ? 77  ASN A CB  1 
ATOM   612  C CG  . ASN A 1 78  ? 6.015   -16.516 -2.983  1.00 24.01 ? 77  ASN A CG  1 
ATOM   613  O OD1 . ASN A 1 78  ? 7.118   -16.943 -3.317  1.00 26.33 ? 77  ASN A OD1 1 
ATOM   614  N ND2 . ASN A 1 78  ? 5.536   -16.651 -1.748  1.00 23.89 ? 77  ASN A ND2 1 
ATOM   615  N N   . ILE A 1 79  ? 5.660   -12.872 -6.219  1.00 17.36 ? 78  ILE A N   1 
ATOM   616  C CA  . ILE A 1 79  ? 5.080   -12.259 -7.398  1.00 17.86 ? 78  ILE A CA  1 
ATOM   617  C C   . ILE A 1 79  ? 6.066   -11.262 -8.002  1.00 17.83 ? 78  ILE A C   1 
ATOM   618  O O   . ILE A 1 79  ? 6.930   -10.749 -7.299  1.00 16.94 ? 78  ILE A O   1 
ATOM   619  C CB  . ILE A 1 79  ? 3.778   -11.520 -6.963  1.00 17.65 ? 78  ILE A CB  1 
ATOM   620  C CG1 . ILE A 1 79  ? 3.007   -10.998 -8.167  1.00 17.83 ? 78  ILE A CG1 1 
ATOM   621  C CG2 . ILE A 1 79  ? 4.134   -10.366 -5.998  1.00 18.59 ? 78  ILE A CG2 1 
ATOM   622  C CD1 . ILE A 1 79  ? 1.602   -10.479 -7.792  1.00 18.49 ? 78  ILE A CD1 1 
ATOM   623  N N   . MET A 1 80  ? 5.939   -11.004 -9.302  1.00 18.34 ? 79  MET A N   1 
ATOM   624  C CA  . MET A 1 80  ? 6.784   -10.030 -9.984  1.00 19.59 ? 79  MET A CA  1 
ATOM   625  C C   . MET A 1 80  ? 6.300   -8.635  -9.606  1.00 20.01 ? 79  MET A C   1 
ATOM   626  O O   . MET A 1 80  ? 5.100   -8.356  -9.635  1.00 19.58 ? 79  MET A O   1 
ATOM   627  C CB  . MET A 1 80  ? 6.667   -10.172 -11.509 1.00 20.44 ? 79  MET A CB  1 
ATOM   628  C CG  . MET A 1 80  ? 7.569   -11.210 -12.107 1.00 21.62 ? 79  MET A CG  1 
ATOM   629  S SD  . MET A 1 80  ? 9.282   -10.668 -12.065 1.00 25.53 ? 79  MET A SD  1 
ATOM   630  C CE  . MET A 1 80  ? 10.091  -12.175 -12.603 1.00 23.74 ? 79  MET A CE  1 
ATOM   631  N N   . CYS A 1 81  ? 7.233   -7.746  -9.284  1.00 19.23 ? 80  CYS A N   1 
ATOM   632  C CA  . CYS A 1 81  ? 6.860   -6.384  -8.916  1.00 18.83 ? 80  CYS A CA  1 
ATOM   633  C C   . CYS A 1 81  ? 6.022   -5.681  -9.973  1.00 18.93 ? 80  CYS A C   1 
ATOM   634  O O   . CYS A 1 81  ? 5.146   -4.879  -9.636  1.00 18.69 ? 80  CYS A O   1 
ATOM   635  C CB  . CYS A 1 81  ? 8.110   -5.547  -8.651  1.00 18.20 ? 80  CYS A CB  1 
ATOM   636  S SG  . CYS A 1 81  ? 9.132   -6.142  -7.290  1.00 20.64 ? 80  CYS A SG  1 
ATOM   637  N N   . SER A 1 82  ? 6.275   -5.976  -11.251 1.00 18.58 ? 81  SER A N   1 
ATOM   638  C CA  . SER A 1 82  ? 5.539   -5.308  -12.323 1.00 18.81 ? 81  SER A CA  1 
ATOM   639  C C   . SER A 1 82  ? 4.035   -5.545  -12.271 1.00 19.27 ? 81  SER A C   1 
ATOM   640  O O   . SER A 1 82  ? 3.264   -4.783  -12.856 1.00 19.02 ? 81  SER A O   1 
ATOM   641  C CB  . SER A 1 82  ? 6.096   -5.723  -13.698 1.00 18.44 ? 81  SER A CB  1 
ATOM   642  O OG  . SER A 1 82  ? 6.000   -7.128  -13.886 1.00 21.57 ? 81  SER A OG  1 
ATOM   643  N N   . LYS A 1 83  ? 3.611   -6.601  -11.580 1.00 18.91 ? 82  LYS A N   1 
ATOM   644  C CA  . LYS A 1 83  ? 2.187   -6.901  -11.442 1.00 21.12 ? 82  LYS A CA  1 
ATOM   645  C C   . LYS A 1 83  ? 1.503   -5.829  -10.598 1.00 21.94 ? 82  LYS A C   1 
ATOM   646  O O   . LYS A 1 83  ? 0.275   -5.721  -10.592 1.00 23.50 ? 82  LYS A O   1 
ATOM   647  C CB  . LYS A 1 83  ? 1.982   -8.270  -10.780 1.00 22.28 ? 82  LYS A CB  1 
ATOM   648  C CG  . LYS A 1 83  ? 2.123   -9.457  -11.717 1.00 23.40 ? 82  LYS A CG  1 
ATOM   649  C CD  . LYS A 1 83  ? 0.844   -9.672  -12.527 1.00 27.20 ? 82  LYS A CD  1 
ATOM   650  C CE  . LYS A 1 83  ? -0.297  -10.137 -11.640 1.00 28.23 ? 82  LYS A CE  1 
ATOM   651  N NZ  . LYS A 1 83  ? -1.636  -9.925  -12.267 1.00 30.85 ? 82  LYS A NZ  1 
ATOM   652  N N   . PHE A 1 84  ? 2.297   -5.049  -9.869  1.00 21.09 ? 83  PHE A N   1 
ATOM   653  C CA  . PHE A 1 84  ? 1.750   -3.976  -9.033  1.00 20.59 ? 83  PHE A CA  1 
ATOM   654  C C   . PHE A 1 84  ? 1.674   -2.652  -9.791  1.00 21.95 ? 83  PHE A C   1 
ATOM   655  O O   . PHE A 1 84  ? 1.448   -1.600  -9.184  1.00 22.18 ? 83  PHE A O   1 
ATOM   656  C CB  . PHE A 1 84  ? 2.610   -3.747  -7.793  1.00 18.70 ? 83  PHE A CB  1 
ATOM   657  C CG  . PHE A 1 84  ? 2.695   -4.930  -6.875  1.00 17.91 ? 83  PHE A CG  1 
ATOM   658  C CD1 . PHE A 1 84  ? 1.590   -5.732  -6.644  1.00 16.82 ? 83  PHE A CD1 1 
ATOM   659  C CD2 . PHE A 1 84  ? 3.881   -5.212  -6.199  1.00 17.48 ? 83  PHE A CD2 1 
ATOM   660  C CE1 . PHE A 1 84  ? 1.655   -6.808  -5.751  1.00 16.72 ? 83  PHE A CE1 1 
ATOM   661  C CE2 . PHE A 1 84  ? 3.953   -6.285  -5.306  1.00 17.58 ? 83  PHE A CE2 1 
ATOM   662  C CZ  . PHE A 1 84  ? 2.829   -7.085  -5.088  1.00 17.00 ? 83  PHE A CZ  1 
ATOM   663  N N   . LEU A 1 85  ? 1.889   -2.686  -11.103 1.00 21.17 ? 84  LEU A N   1 
ATOM   664  C CA  . LEU A 1 85  ? 1.819   -1.457  -11.889 1.00 22.89 ? 84  LEU A CA  1 
ATOM   665  C C   . LEU A 1 85  ? 0.586   -1.400  -12.786 1.00 23.98 ? 84  LEU A C   1 
ATOM   666  O O   . LEU A 1 85  ? 0.476   -0.525  -13.644 1.00 25.83 ? 84  LEU A O   1 
ATOM   667  C CB  . LEU A 1 85  ? 3.080   -1.293  -12.733 1.00 22.50 ? 84  LEU A CB  1 
ATOM   668  C CG  . LEU A 1 85  ? 4.356   -0.999  -11.949 1.00 23.30 ? 84  LEU A CG  1 
ATOM   669  C CD1 . LEU A 1 85  ? 5.528   -0.999  -12.897 1.00 23.27 ? 84  LEU A CD1 1 
ATOM   670  C CD2 . LEU A 1 85  ? 4.243   0.346   -11.240 1.00 23.56 ? 84  LEU A CD2 1 
ATOM   671  N N   . ASP A 1 86  ? -0.341  -2.323  -12.578 1.00 24.55 ? 85  ASP A N   1 
ATOM   672  C CA  . ASP A 1 86  ? -1.573  -2.367  -13.363 1.00 26.44 ? 85  ASP A CA  1 
ATOM   673  C C   . ASP A 1 86  ? -2.710  -1.610  -12.678 1.00 25.86 ? 85  ASP A C   1 
ATOM   674  O O   . ASP A 1 86  ? -2.621  -1.273  -11.496 1.00 23.74 ? 85  ASP A O   1 
ATOM   675  C CB  . ASP A 1 86  ? -2.001  -3.818  -13.596 1.00 29.38 ? 85  ASP A CB  1 
ATOM   676  C CG  . ASP A 1 86  ? -1.022  -4.577  -14.463 1.00 34.61 ? 85  ASP A CG  1 
ATOM   677  O OD1 . ASP A 1 86  ? -0.474  -3.965  -15.414 1.00 36.69 ? 85  ASP A OD1 1 
ATOM   678  O OD2 . ASP A 1 86  ? -0.807  -5.785  -14.207 1.00 37.57 ? 85  ASP A OD2 1 
ATOM   679  N N   . ASP A 1 87  ? -3.784  -1.360  -13.425 1.00 25.21 ? 86  ASP A N   1 
ATOM   680  C CA  . ASP A 1 87  ? -4.939  -0.636  -12.904 1.00 24.51 ? 86  ASP A CA  1 
ATOM   681  C C   . ASP A 1 87  ? -5.672  -1.416  -11.824 1.00 24.01 ? 86  ASP A C   1 
ATOM   682  O O   . ASP A 1 87  ? -6.267  -0.829  -10.934 1.00 23.48 ? 86  ASP A O   1 
ATOM   683  C CB  . ASP A 1 87  ? -5.920  -0.310  -14.027 1.00 26.90 ? 86  ASP A CB  1 
ATOM   684  C CG  . ASP A 1 87  ? -5.347  0.649   -15.035 1.00 28.19 ? 86  ASP A CG  1 
ATOM   685  O OD1 . ASP A 1 87  ? -4.254  1.196   -14.790 1.00 30.53 ? 86  ASP A OD1 1 
ATOM   686  O OD2 . ASP A 1 87  ? -5.998  0.862   -16.072 1.00 32.48 ? 86  ASP A OD2 1 
ATOM   687  N N   . ASN A 1 88  ? -5.643  -2.739  -11.921 1.00 22.55 ? 87  ASN A N   1 
ATOM   688  C CA  . ASN A 1 88  ? -6.298  -3.589  -10.939 1.00 21.55 ? 87  ASN A CA  1 
ATOM   689  C C   . ASN A 1 88  ? -5.358  -3.726  -9.751  1.00 20.37 ? 87  ASN A C   1 
ATOM   690  O O   . ASN A 1 88  ? -4.185  -4.022  -9.935  1.00 19.01 ? 87  ASN A O   1 
ATOM   691  C CB  . ASN A 1 88  ? -6.565  -4.969  -11.521 1.00 23.87 ? 87  ASN A CB  1 
ATOM   692  C CG  . ASN A 1 88  ? -7.190  -5.900  -10.511 1.00 25.56 ? 87  ASN A CG  1 
ATOM   693  O OD1 . ASN A 1 88  ? -8.408  -5.976  -10.390 1.00 30.79 ? 87  ASN A OD1 1 
ATOM   694  N ND2 . ASN A 1 88  ? -6.356  -6.593  -9.760  1.00 26.14 ? 87  ASN A ND2 1 
ATOM   695  N N   . ILE A 1 89  ? -5.868  -3.521  -8.539  1.00 17.94 ? 88  ILE A N   1 
ATOM   696  C CA  . ILE A 1 89  ? -5.020  -3.595  -7.349  1.00 18.15 ? 88  ILE A CA  1 
ATOM   697  C C   . ILE A 1 89  ? -5.301  -4.777  -6.431  1.00 17.68 ? 88  ILE A C   1 
ATOM   698  O O   . ILE A 1 89  ? -4.886  -4.779  -5.277  1.00 16.90 ? 88  ILE A O   1 
ATOM   699  C CB  . ILE A 1 89  ? -5.110  -2.281  -6.512  1.00 17.73 ? 88  ILE A CB  1 
ATOM   700  C CG1 . ILE A 1 89  ? -6.553  -2.014  -6.063  1.00 17.38 ? 88  ILE A CG1 1 
ATOM   701  C CG2 . ILE A 1 89  ? -4.607  -1.100  -7.346  1.00 18.30 ? 88  ILE A CG2 1 
ATOM   702  C CD1 . ILE A 1 89  ? -6.664  -0.921  -4.969  1.00 18.07 ? 88  ILE A CD1 1 
ATOM   703  N N   . ASP A 1 90  ? -5.978  -5.805  -6.941  1.00 17.93 ? 89  ASP A N   1 
ATOM   704  C CA  . ASP A 1 90  ? -6.283  -6.960  -6.099  1.00 18.78 ? 89  ASP A CA  1 
ATOM   705  C C   . ASP A 1 90  ? -5.013  -7.643  -5.599  1.00 18.34 ? 89  ASP A C   1 
ATOM   706  O O   . ASP A 1 90  ? -4.954  -8.095  -4.450  1.00 18.26 ? 89  ASP A O   1 
ATOM   707  C CB  . ASP A 1 90  ? -7.149  -7.974  -6.859  1.00 20.86 ? 89  ASP A CB  1 
ATOM   708  C CG  . ASP A 1 90  ? -8.565  -7.477  -7.082  1.00 24.41 ? 89  ASP A CG  1 
ATOM   709  O OD1 . ASP A 1 90  ? -8.901  -6.383  -6.579  1.00 26.32 ? 89  ASP A OD1 1 
ATOM   710  O OD2 . ASP A 1 90  ? -9.347  -8.180  -7.757  1.00 27.40 ? 89  ASP A OD2 1 
ATOM   711  N N   . ASP A 1 91  ? -4.004  -7.728  -6.459  1.00 17.82 ? 90  ASP A N   1 
ATOM   712  C CA  . ASP A 1 91  ? -2.746  -8.355  -6.069  1.00 17.38 ? 90  ASP A CA  1 
ATOM   713  C C   . ASP A 1 91  ? -2.023  -7.475  -5.047  1.00 16.07 ? 90  ASP A C   1 
ATOM   714  O O   . ASP A 1 91  ? -1.440  -7.981  -4.088  1.00 16.07 ? 90  ASP A O   1 
ATOM   715  C CB  . ASP A 1 91  ? -1.843  -8.577  -7.288  1.00 17.34 ? 90  ASP A CB  1 
ATOM   716  C CG  . ASP A 1 91  ? -2.449  -9.539  -8.310  1.00 19.87 ? 90  ASP A CG  1 
ATOM   717  O OD1 . ASP A 1 91  ? -3.109  -10.516 -7.917  1.00 20.47 ? 90  ASP A OD1 1 
ATOM   718  O OD2 . ASP A 1 91  ? -2.249  -9.313  -9.509  1.00 22.03 ? 90  ASP A OD2 1 
ATOM   719  N N   . ASP A 1 92  ? -2.051  -6.162  -5.259  1.00 16.31 ? 91  ASP A N   1 
ATOM   720  C CA  . ASP A 1 92  ? -1.414  -5.229  -4.310  1.00 16.92 ? 91  ASP A CA  1 
ATOM   721  C C   . ASP A 1 92  ? -2.031  -5.417  -2.919  1.00 17.02 ? 91  ASP A C   1 
ATOM   722  O O   . ASP A 1 92  ? -1.334  -5.427  -1.896  1.00 16.61 ? 91  ASP A O   1 
ATOM   723  C CB  . ASP A 1 92  ? -1.631  -3.769  -4.744  1.00 16.25 ? 91  ASP A CB  1 
ATOM   724  C CG  . ASP A 1 92  ? -1.229  -3.507  -6.186  1.00 18.61 ? 91  ASP A CG  1 
ATOM   725  O OD1 . ASP A 1 92  ? -1.778  -4.174  -7.085  1.00 17.61 ? 91  ASP A OD1 1 
ATOM   726  O OD2 . ASP A 1 92  ? -0.379  -2.625  -6.432  1.00 19.50 ? 91  ASP A OD2 1 
ATOM   727  N N   . ILE A 1 93  ? -3.354  -5.535  -2.891  1.00 17.62 ? 92  ILE A N   1 
ATOM   728  C CA  . ILE A 1 93  ? -4.093  -5.721  -1.645  1.00 17.58 ? 92  ILE A CA  1 
ATOM   729  C C   . ILE A 1 93  ? -3.677  -7.022  -0.957  1.00 18.22 ? 92  ILE A C   1 
ATOM   730  O O   . ILE A 1 93  ? -3.417  -7.031  0.245   1.00 17.29 ? 92  ILE A O   1 
ATOM   731  C CB  . ILE A 1 93  ? -5.622  -5.708  -1.919  1.00 17.89 ? 92  ILE A CB  1 
ATOM   732  C CG1 . ILE A 1 93  ? -6.062  -4.285  -2.268  1.00 19.26 ? 92  ILE A CG1 1 
ATOM   733  C CG2 . ILE A 1 93  ? -6.396  -6.227  -0.695  1.00 19.86 ? 92  ILE A CG2 1 
ATOM   734  C CD1 . ILE A 1 93  ? -7.504  -4.168  -2.730  1.00 19.75 ? 92  ILE A CD1 1 
ATOM   735  N N   . ALA A 1 94  ? -3.608  -8.118  -1.717  1.00 17.12 ? 93  ALA A N   1 
ATOM   736  C CA  . ALA A 1 94  ? -3.196  -9.406  -1.156  1.00 18.73 ? 93  ALA A CA  1 
ATOM   737  C C   . ALA A 1 94  ? -1.792  -9.311  -0.568  1.00 18.31 ? 93  ALA A C   1 
ATOM   738  O O   . ALA A 1 94  ? -1.512  -9.882  0.488   1.00 18.34 ? 93  ALA A O   1 
ATOM   739  C CB  . ALA A 1 94  ? -3.233  -10.500 -2.227  1.00 19.51 ? 93  ALA A CB  1 
ATOM   740  N N   . CYS A 1 95  ? -0.904  -8.587  -1.242  1.00 18.49 ? 94  CYS A N   1 
ATOM   741  C CA  . CYS A 1 95  ? 0.453   -8.450  -0.721  1.00 17.91 ? 94  CYS A CA  1 
ATOM   742  C C   . CYS A 1 95  ? 0.460   -7.572  0.536   1.00 18.73 ? 94  CYS A C   1 
ATOM   743  O O   . CYS A 1 95  ? 1.182   -7.848  1.489   1.00 18.97 ? 94  CYS A O   1 
ATOM   744  C CB  . CYS A 1 95  ? 1.379   -7.852  -1.782  1.00 16.57 ? 94  CYS A CB  1 
ATOM   745  S SG  . CYS A 1 95  ? 3.138   -7.804  -1.271  1.00 19.05 ? 94  CYS A SG  1 
ATOM   746  N N   . ALA A 1 96  ? -0.352  -6.520  0.540   1.00 18.32 ? 95  ALA A N   1 
ATOM   747  C CA  . ALA A 1 96  ? -0.411  -5.616  1.687   1.00 18.85 ? 95  ALA A CA  1 
ATOM   748  C C   . ALA A 1 96  ? -0.868  -6.373  2.939   1.00 19.35 ? 95  ALA A C   1 
ATOM   749  O O   . ALA A 1 96  ? -0.396  -6.104  4.044   1.00 19.50 ? 95  ALA A O   1 
ATOM   750  C CB  . ALA A 1 96  ? -1.347  -4.462  1.381   1.00 18.62 ? 95  ALA A CB  1 
ATOM   751  N N   . LYS A 1 97  ? -1.778  -7.324  2.760   1.00 18.66 ? 96  LYS A N   1 
ATOM   752  C CA  . LYS A 1 97  ? -2.258  -8.134  3.869   1.00 20.64 ? 96  LYS A CA  1 
ATOM   753  C C   . LYS A 1 97  ? -1.117  -8.964  4.458   1.00 22.58 ? 96  LYS A C   1 
ATOM   754  O O   . LYS A 1 97  ? -1.051  -9.165  5.674   1.00 24.61 ? 96  LYS A O   1 
ATOM   755  C CB  . LYS A 1 97  ? -3.392  -9.043  3.403   1.00 20.26 ? 96  LYS A CB  1 
ATOM   756  C CG  . LYS A 1 97  ? -4.684  -8.297  3.124   1.00 21.06 ? 96  LYS A CG  1 
ATOM   757  C CD  . LYS A 1 97  ? -5.758  -9.234  2.612   1.00 22.91 ? 96  LYS A CD  1 
ATOM   758  C CE  . LYS A 1 97  ? -7.120  -8.554  2.599   1.00 25.75 ? 96  LYS A CE  1 
ATOM   759  N NZ  . LYS A 1 97  ? -8.187  -9.472  2.092   1.00 27.63 ? 96  LYS A NZ  1 
ATOM   760  N N   . ARG A 1 98  ? -0.226  -9.446  3.594   1.00 22.14 ? 97  ARG A N   1 
ATOM   761  C CA  . ARG A 1 98  ? 0.923   -10.226 4.030   1.00 23.31 ? 97  ARG A CA  1 
ATOM   762  C C   . ARG A 1 98  ? 1.934   -9.335  4.763   1.00 22.77 ? 97  ARG A C   1 
ATOM   763  O O   . ARG A 1 98  ? 2.504   -9.729  5.782   1.00 23.12 ? 97  ARG A O   1 
ATOM   764  C CB  . ARG A 1 98  ? 1.598   -10.897 2.820   1.00 24.62 ? 97  ARG A CB  1 
ATOM   765  C CG  . ARG A 1 98  ? 3.001   -11.445 3.098   1.00 26.74 ? 97  ARG A CG  1 
ATOM   766  C CD  . ARG A 1 98  ? 2.995   -12.585 4.126   1.00 28.06 ? 97  ARG A CD  1 
ATOM   767  N NE  . ARG A 1 98  ? 4.354   -13.050 4.418   1.00 29.63 ? 97  ARG A NE  1 
ATOM   768  C CZ  . ARG A 1 98  ? 5.207   -12.444 5.243   1.00 31.57 ? 97  ARG A CZ  1 
ATOM   769  N NH1 . ARG A 1 98  ? 4.862   -11.333 5.889   1.00 31.23 ? 97  ARG A NH1 1 
ATOM   770  N NH2 . ARG A 1 98  ? 6.421   -12.948 5.420   1.00 33.11 ? 97  ARG A NH2 1 
ATOM   771  N N   . VAL A 1 99  ? 2.166   -8.138  4.238   1.00 21.23 ? 98  VAL A N   1 
ATOM   772  C CA  . VAL A 1 99  ? 3.105   -7.208  4.866   1.00 22.42 ? 98  VAL A CA  1 
ATOM   773  C C   . VAL A 1 99  ? 2.787   -6.875  6.332   1.00 23.63 ? 98  VAL A C   1 
ATOM   774  O O   . VAL A 1 99  ? 3.679   -6.887  7.181   1.00 22.76 ? 98  VAL A O   1 
ATOM   775  C CB  . VAL A 1 99  ? 3.170   -5.863  4.089   1.00 22.10 ? 98  VAL A CB  1 
ATOM   776  C CG1 . VAL A 1 99  ? 4.029   -4.844  4.859   1.00 22.18 ? 98  VAL A CG1 1 
ATOM   777  C CG2 . VAL A 1 99  ? 3.745   -6.099  2.694   1.00 21.44 ? 98  VAL A CG2 1 
ATOM   778  N N   . VAL A 1 100 ? 1.533   -6.563  6.635   1.00 24.85 ? 99  VAL A N   1 
ATOM   779  C CA  . VAL A 1 100 ? 1.190   -6.190  8.009   1.00 27.34 ? 99  VAL A CA  1 
ATOM   780  C C   . VAL A 1 100 ? 1.203   -7.294  9.040   1.00 29.57 ? 99  VAL A C   1 
ATOM   781  O O   . VAL A 1 100 ? 1.073   -7.019  10.228  1.00 30.11 ? 99  VAL A O   1 
ATOM   782  C CB  . VAL A 1 100 ? -0.190  -5.507  8.112   1.00 27.02 ? 99  VAL A CB  1 
ATOM   783  C CG1 . VAL A 1 100 ? -0.156  -4.203  7.391   1.00 28.74 ? 99  VAL A CG1 1 
ATOM   784  C CG2 . VAL A 1 100 ? -1.281  -6.425  7.585   1.00 23.83 ? 99  VAL A CG2 1 
ATOM   785  N N   . LYS A 1 101 ? 1.344   -8.539  8.600   1.00 31.85 ? 100 LYS A N   1 
ATOM   786  C CA  . LYS A 1 101 ? 1.377   -9.647  9.539   1.00 34.56 ? 100 LYS A CA  1 
ATOM   787  C C   . LYS A 1 101 ? 2.741   -9.721  10.213  1.00 35.77 ? 100 LYS A C   1 
ATOM   788  O O   . LYS A 1 101 ? 2.897   -10.367 11.242  1.00 37.23 ? 100 LYS A O   1 
ATOM   789  C CB  . LYS A 1 101 ? 1.041   -10.957 8.820   1.00 36.00 ? 100 LYS A CB  1 
ATOM   790  C CG  . LYS A 1 101 ? -0.394  -10.990 8.343   1.00 38.56 ? 100 LYS A CG  1 
ATOM   791  C CD  . LYS A 1 101 ? -0.757  -12.279 7.627   1.00 41.28 ? 100 LYS A CD  1 
ATOM   792  C CE  . LYS A 1 101 ? -2.216  -12.234 7.201   1.00 41.95 ? 100 LYS A CE  1 
ATOM   793  N NZ  . LYS A 1 101 ? -2.648  -13.444 6.462   1.00 44.15 ? 100 LYS A NZ  1 
ATOM   794  N N   . ASP A 1 102 ? 3.726   -9.048  9.636   1.00 37.10 ? 101 ASP A N   1 
ATOM   795  C CA  . ASP A 1 102 ? 5.059   -9.028  10.217  1.00 38.24 ? 101 ASP A CA  1 
ATOM   796  C C   . ASP A 1 102 ? 5.026   -8.157  11.468  1.00 38.26 ? 101 ASP A C   1 
ATOM   797  O O   . ASP A 1 102 ? 4.072   -7.411  11.679  1.00 37.83 ? 101 ASP A O   1 
ATOM   798  C CB  . ASP A 1 102 ? 6.069   -8.485  9.203   1.00 39.70 ? 101 ASP A CB  1 
ATOM   799  C CG  . ASP A 1 102 ? 6.627   -9.572  8.301   1.00 41.25 ? 101 ASP A CG  1 
ATOM   800  O OD1 . ASP A 1 102 ? 6.034   -10.673 8.254   1.00 41.93 ? 101 ASP A OD1 1 
ATOM   801  O OD2 . ASP A 1 102 ? 7.658   -9.324  7.637   1.00 42.78 ? 101 ASP A OD2 1 
ATOM   802  N N   . PRO A 1 103 ? 6.065   -8.247  12.316  1.00 38.46 ? 102 PRO A N   1 
ATOM   803  C CA  . PRO A 1 103 ? 6.174   -7.478  13.563  1.00 38.23 ? 102 PRO A CA  1 
ATOM   804  C C   . PRO A 1 103 ? 5.939   -5.968  13.465  1.00 37.11 ? 102 PRO A C   1 
ATOM   805  O O   . PRO A 1 103 ? 5.236   -5.392  14.293  1.00 37.68 ? 102 PRO A O   1 
ATOM   806  C CB  . PRO A 1 103 ? 7.587   -7.806  14.041  1.00 38.87 ? 102 PRO A CB  1 
ATOM   807  C CG  . PRO A 1 103 ? 7.763   -9.215  13.572  1.00 39.44 ? 102 PRO A CG  1 
ATOM   808  C CD  . PRO A 1 103 ? 7.228   -9.137  12.158  1.00 38.97 ? 102 PRO A CD  1 
ATOM   809  N N   . ASN A 1 104 ? 6.529   -5.330  12.464  1.00 36.19 ? 103 ASN A N   1 
ATOM   810  C CA  . ASN A 1 104 ? 6.384   -3.890  12.293  1.00 35.15 ? 103 ASN A CA  1 
ATOM   811  C C   . ASN A 1 104 ? 4.966   -3.408  11.973  1.00 31.69 ? 103 ASN A C   1 
ATOM   812  O O   . ASN A 1 104 ? 4.668   -2.230  12.135  1.00 30.61 ? 103 ASN A O   1 
ATOM   813  C CB  . ASN A 1 104 ? 7.339   -3.400  11.205  1.00 39.37 ? 103 ASN A CB  1 
ATOM   814  C CG  . ASN A 1 104 ? 8.623   -2.834  11.770  1.00 42.95 ? 103 ASN A CG  1 
ATOM   815  O OD1 . ASN A 1 104 ? 9.342   -3.506  12.515  1.00 45.62 ? 103 ASN A OD1 1 
ATOM   816  N ND2 . ASN A 1 104 ? 8.921   -1.585  11.416  1.00 45.66 ? 103 ASN A ND2 1 
ATOM   817  N N   . GLY A 1 105 ? 4.095   -4.313  11.535  1.00 28.57 ? 104 GLY A N   1 
ATOM   818  C CA  . GLY A 1 105 ? 2.740   -3.916  11.194  1.00 25.03 ? 104 GLY A CA  1 
ATOM   819  C C   . GLY A 1 105 ? 2.777   -2.893  10.070  1.00 23.91 ? 104 GLY A C   1 
ATOM   820  O O   . GLY A 1 105 ? 3.566   -3.041  9.136   1.00 21.85 ? 104 GLY A O   1 
ATOM   821  N N   . MET A 1 106 ? 1.956   -1.848  10.161  1.00 22.26 ? 105 MET A N   1 
ATOM   822  C CA  . MET A 1 106 ? 1.935   -0.819  9.121   1.00 20.72 ? 105 MET A CA  1 
ATOM   823  C C   . MET A 1 106 ? 3.164   0.094   9.116   1.00 20.33 ? 105 MET A C   1 
ATOM   824  O O   . MET A 1 106 ? 3.313   0.949   8.223   1.00 18.03 ? 105 MET A O   1 
ATOM   825  C CB  . MET A 1 106 ? 0.667   0.027   9.223   1.00 21.39 ? 105 MET A CB  1 
ATOM   826  C CG  . MET A 1 106 ? -0.568  -0.659  8.662   1.00 23.08 ? 105 MET A CG  1 
ATOM   827  S SD  . MET A 1 106 ? -1.927  0.490   8.380   1.00 22.66 ? 105 MET A SD  1 
ATOM   828  C CE  . MET A 1 106 ? -1.455  1.189   6.808   1.00 21.48 ? 105 MET A CE  1 
ATOM   829  N N   . SER A 1 107 ? 4.050   -0.074  10.095  1.00 19.32 ? 106 SER A N   1 
ATOM   830  C CA  . SER A 1 107 ? 5.258   0.747   10.126  1.00 19.69 ? 106 SER A CA  1 
ATOM   831  C C   . SER A 1 107 ? 6.183   0.313   9.001   1.00 19.05 ? 106 SER A C   1 
ATOM   832  O O   . SER A 1 107 ? 7.252   0.889   8.813   1.00 19.52 ? 106 SER A O   1 
ATOM   833  C CB  . SER A 1 107 ? 5.982   0.640   11.473  1.00 21.44 ? 106 SER A CB  1 
ATOM   834  O OG  . SER A 1 107 ? 5.303   1.405   12.453  1.00 23.52 ? 106 SER A OG  1 
ATOM   835  N N   . ALA A 1 108 ? 5.777   -0.711  8.258   1.00 19.10 ? 107 ALA A N   1 
ATOM   836  C CA  . ALA A 1 108 ? 6.575   -1.155  7.111   1.00 19.24 ? 107 ALA A CA  1 
ATOM   837  C C   . ALA A 1 108 ? 6.495   -0.058  6.040   1.00 19.49 ? 107 ALA A C   1 
ATOM   838  O O   . ALA A 1 108 ? 7.335   -0.002  5.140   1.00 20.48 ? 107 ALA A O   1 
ATOM   839  C CB  . ALA A 1 108 ? 6.029   -2.458  6.551   1.00 20.33 ? 107 ALA A CB  1 
ATOM   840  N N   . TRP A 1 109 ? 5.482   0.805   6.136   1.00 17.43 ? 108 TRP A N   1 
ATOM   841  C CA  . TRP A 1 109 ? 5.296   1.912   5.185   1.00 17.38 ? 108 TRP A CA  1 
ATOM   842  C C   . TRP A 1 109 ? 5.727   3.231   5.831   1.00 17.38 ? 108 TRP A C   1 
ATOM   843  O O   . TRP A 1 109 ? 4.985   3.809   6.628   1.00 16.61 ? 108 TRP A O   1 
ATOM   844  C CB  . TRP A 1 109 ? 3.823   1.997   4.765   1.00 17.34 ? 108 TRP A CB  1 
ATOM   845  C CG  . TRP A 1 109 ? 3.407   0.929   3.799   1.00 16.91 ? 108 TRP A CG  1 
ATOM   846  C CD1 . TRP A 1 109 ? 3.706   0.868   2.459   1.00 16.67 ? 108 TRP A CD1 1 
ATOM   847  C CD2 . TRP A 1 109 ? 2.649   -0.249  4.093   1.00 16.82 ? 108 TRP A CD2 1 
ATOM   848  N NE1 . TRP A 1 109 ? 3.179   -0.276  1.910   1.00 16.02 ? 108 TRP A NE1 1 
ATOM   849  C CE2 . TRP A 1 109 ? 2.524   -0.980  2.890   1.00 16.98 ? 108 TRP A CE2 1 
ATOM   850  C CE3 . TRP A 1 109 ? 2.062   -0.764  5.261   1.00 17.76 ? 108 TRP A CE3 1 
ATOM   851  C CZ2 . TRP A 1 109 ? 1.839   -2.193  2.820   1.00 16.11 ? 108 TRP A CZ2 1 
ATOM   852  C CZ3 . TRP A 1 109 ? 1.379   -1.971  5.190   1.00 17.85 ? 108 TRP A CZ3 1 
ATOM   853  C CH2 . TRP A 1 109 ? 1.273   -2.673  3.977   1.00 18.04 ? 108 TRP A CH2 1 
ATOM   854  N N   . VAL A 1 110 ? 6.907   3.725   5.465   1.00 17.18 ? 109 VAL A N   1 
ATOM   855  C CA  . VAL A 1 110 ? 7.439   4.943   6.069   1.00 18.97 ? 109 VAL A CA  1 
ATOM   856  C C   . VAL A 1 110 ? 6.556   6.171   5.946   1.00 17.82 ? 109 VAL A C   1 
ATOM   857  O O   . VAL A 1 110 ? 6.479   6.965   6.883   1.00 17.97 ? 109 VAL A O   1 
ATOM   858  C CB  . VAL A 1 110 ? 8.848   5.266   5.526   1.00 20.43 ? 109 VAL A CB  1 
ATOM   859  C CG1 . VAL A 1 110 ? 9.415   6.494   6.230   1.00 22.94 ? 109 VAL A CG1 1 
ATOM   860  C CG2 . VAL A 1 110 ? 9.756   4.080   5.761   1.00 23.34 ? 109 VAL A CG2 1 
ATOM   861  N N   . ALA A 1 111 ? 5.874   6.339   4.810   1.00 16.62 ? 110 ALA A N   1 
ATOM   862  C CA  . ALA A 1 111 ? 4.994   7.496   4.655   1.00 16.38 ? 110 ALA A CA  1 
ATOM   863  C C   . ALA A 1 111 ? 3.812   7.439   5.641   1.00 16.35 ? 110 ALA A C   1 
ATOM   864  O O   . ALA A 1 111 ? 3.289   8.475   6.057   1.00 16.77 ? 110 ALA A O   1 
ATOM   865  C CB  . ALA A 1 111 ? 4.475   7.587   3.195   1.00 17.57 ? 110 ALA A CB  1 
ATOM   866  N N   . TRP A 1 112 ? 3.374   6.235   5.989   1.00 16.52 ? 111 TRP A N   1 
ATOM   867  C CA  . TRP A 1 112 ? 2.278   6.084   6.940   1.00 16.93 ? 111 TRP A CA  1 
ATOM   868  C C   . TRP A 1 112 ? 2.805   6.499   8.319   1.00 17.19 ? 111 TRP A C   1 
ATOM   869  O O   . TRP A 1 112 ? 2.123   7.191   9.082   1.00 18.60 ? 111 TRP A O   1 
ATOM   870  C CB  . TRP A 1 112 ? 1.799   4.632   6.995   1.00 16.97 ? 111 TRP A CB  1 
ATOM   871  C CG  . TRP A 1 112 ? 0.786   4.377   8.092   1.00 16.85 ? 111 TRP A CG  1 
ATOM   872  C CD1 . TRP A 1 112 ? -0.554  4.607   8.047   1.00 15.89 ? 111 TRP A CD1 1 
ATOM   873  C CD2 . TRP A 1 112 ? 1.061   3.873   9.403   1.00 18.34 ? 111 TRP A CD2 1 
ATOM   874  N NE1 . TRP A 1 112 ? -1.139  4.279   9.248   1.00 17.62 ? 111 TRP A NE1 1 
ATOM   875  C CE2 . TRP A 1 112 ? -0.169  3.825   10.100  1.00 18.94 ? 111 TRP A CE2 1 
ATOM   876  C CE3 . TRP A 1 112 ? 2.229   3.459   10.056  1.00 18.59 ? 111 TRP A CE3 1 
ATOM   877  C CZ2 . TRP A 1 112 ? -0.264  3.378   11.423  1.00 20.17 ? 111 TRP A CZ2 1 
ATOM   878  C CZ3 . TRP A 1 112 ? 2.134   3.012   11.378  1.00 19.98 ? 111 TRP A CZ3 1 
ATOM   879  C CH2 . TRP A 1 112 ? 0.895   2.976   12.043  1.00 20.38 ? 111 TRP A CH2 1 
ATOM   880  N N   . VAL A 1 113 ? 4.013   6.051   8.644   1.00 17.18 ? 112 VAL A N   1 
ATOM   881  C CA  . VAL A 1 113 ? 4.626   6.412   9.923   1.00 18.39 ? 112 VAL A CA  1 
ATOM   882  C C   . VAL A 1 113 ? 4.747   7.934   10.063  1.00 19.01 ? 112 VAL A C   1 
ATOM   883  O O   . VAL A 1 113 ? 4.395   8.512   11.097  1.00 19.14 ? 112 VAL A O   1 
ATOM   884  C CB  . VAL A 1 113 ? 6.052   5.797   10.057  1.00 18.20 ? 112 VAL A CB  1 
ATOM   885  C CG1 . VAL A 1 113 ? 6.746   6.327   11.327  1.00 19.43 ? 112 VAL A CG1 1 
ATOM   886  C CG2 . VAL A 1 113 ? 5.959   4.278   10.103  1.00 17.23 ? 112 VAL A CG2 1 
ATOM   887  N N   . LYS A 1 114 ? 5.231   8.585   9.008   1.00 19.13 ? 113 LYS A N   1 
ATOM   888  C CA  . LYS A 1 114 ? 5.443   10.024  9.029   1.00 20.22 ? 113 LYS A CA  1 
ATOM   889  C C   . LYS A 1 114 ? 4.229   10.905  8.892   1.00 20.62 ? 113 LYS A C   1 
ATOM   890  O O   . LYS A 1 114 ? 4.198   12.003  9.451   1.00 21.14 ? 113 LYS A O   1 
ATOM   891  C CB  . LYS A 1 114 ? 6.434   10.421  7.929   1.00 23.50 ? 113 LYS A CB  1 
ATOM   892  C CG  . LYS A 1 114 ? 7.770   9.708   8.009   1.00 27.06 ? 113 LYS A CG  1 
ATOM   893  C CD  . LYS A 1 114 ? 8.528   10.093  9.268   1.00 30.59 ? 113 LYS A CD  1 
ATOM   894  C CE  . LYS A 1 114 ? 9.894   9.421   9.312   1.00 32.33 ? 113 LYS A CE  1 
ATOM   895  N NZ  . LYS A 1 114 ? 10.691  9.916   10.479  1.00 35.31 ? 113 LYS A NZ  1 
ATOM   896  N N   . HIS A 1 115 ? 3.220   10.443  8.161   1.00 18.60 ? 114 HIS A N   1 
ATOM   897  C CA  . HIS A 1 115 ? 2.047   11.278  7.929   1.00 17.54 ? 114 HIS A CA  1 
ATOM   898  C C   . HIS A 1 115 ? 0.701   10.777  8.385   1.00 17.54 ? 114 HIS A C   1 
ATOM   899  O O   . HIS A 1 115 ? -0.265  11.529  8.342   1.00 20.07 ? 114 HIS A O   1 
ATOM   900  C CB  . HIS A 1 115 ? 1.937   11.600  6.436   1.00 17.17 ? 114 HIS A CB  1 
ATOM   901  C CG  . HIS A 1 115 ? 3.152   12.266  5.879   1.00 17.76 ? 114 HIS A CG  1 
ATOM   902  N ND1 . HIS A 1 115 ? 4.103   11.591  5.138   1.00 20.47 ? 114 HIS A ND1 1 
ATOM   903  C CD2 . HIS A 1 115 ? 3.588   13.544  5.972   1.00 18.52 ? 114 HIS A CD2 1 
ATOM   904  C CE1 . HIS A 1 115 ? 5.069   12.428  4.799   1.00 18.29 ? 114 HIS A CE1 1 
ATOM   905  N NE2 . HIS A 1 115 ? 4.781   13.618  5.293   1.00 21.33 ? 114 HIS A NE2 1 
ATOM   906  N N   . CYS A 1 116 ? 0.617   9.530   8.815   1.00 16.11 ? 115 CYS A N   1 
ATOM   907  C CA  . CYS A 1 116 ? -0.678  8.989   9.213   1.00 16.99 ? 115 CYS A CA  1 
ATOM   908  C C   . CYS A 1 116 ? -0.763  8.543   10.656  1.00 18.22 ? 115 CYS A C   1 
ATOM   909  O O   . CYS A 1 116 ? -1.766  8.802   11.335  1.00 19.31 ? 115 CYS A O   1 
ATOM   910  C CB  . CYS A 1 116 ? -1.031  7.793   8.332   1.00 17.45 ? 115 CYS A CB  1 
ATOM   911  S SG  . CYS A 1 116 ? -1.097  8.176   6.564   1.00 15.37 ? 115 CYS A SG  1 
ATOM   912  N N   . LYS A 1 117 ? 0.277   7.858   11.113  1.00 18.55 ? 116 LYS A N   1 
ATOM   913  C CA  . LYS A 1 117 ? 0.294   7.324   12.476  1.00 21.09 ? 116 LYS A CA  1 
ATOM   914  C C   . LYS A 1 117 ? 0.062   8.383   13.544  1.00 21.70 ? 116 LYS A C   1 
ATOM   915  O O   . LYS A 1 117 ? -0.609  8.126   14.549  1.00 23.23 ? 116 LYS A O   1 
ATOM   916  C CB  . LYS A 1 117 ? 1.622   6.618   12.738  1.00 21.32 ? 116 LYS A CB  1 
ATOM   917  C CG  . LYS A 1 117 ? 1.721   5.939   14.092  1.00 23.56 ? 116 LYS A CG  1 
ATOM   918  C CD  . LYS A 1 117 ? 3.114   5.355   14.246  1.00 26.78 ? 116 LYS A CD  1 
ATOM   919  C CE  . LYS A 1 117 ? 3.429   5.021   15.690  1.00 29.40 ? 116 LYS A CE  1 
ATOM   920  N NZ  . LYS A 1 117 ? 4.898   4.944   15.862  1.00 32.27 ? 116 LYS A NZ  1 
ATOM   921  N N   . GLY A 1 118 ? 0.607   9.571   13.322  1.00 21.89 ? 117 GLY A N   1 
ATOM   922  C CA  . GLY A 1 118 ? 0.464   10.641  14.293  1.00 23.08 ? 117 GLY A CA  1 
ATOM   923  C C   . GLY A 1 118 ? -0.709  11.580  14.095  1.00 23.09 ? 117 GLY A C   1 
ATOM   924  O O   . GLY A 1 118 ? -0.850  12.549  14.840  1.00 22.66 ? 117 GLY A O   1 
ATOM   925  N N   . LYS A 1 119 ? -1.544  11.307  13.096  1.00 22.14 ? 118 LYS A N   1 
ATOM   926  C CA  . LYS A 1 119 ? -2.700  12.146  12.810  1.00 22.62 ? 118 LYS A CA  1 
ATOM   927  C C   . LYS A 1 119 ? -3.969  11.624  13.460  1.00 21.65 ? 118 LYS A C   1 
ATOM   928  O O   . LYS A 1 119 ? -4.118  10.420  13.691  1.00 20.94 ? 118 LYS A O   1 
ATOM   929  C CB  . LYS A 1 119 ? -2.980  12.201  11.295  1.00 25.37 ? 118 LYS A CB  1 
ATOM   930  C CG  . LYS A 1 119 ? -2.206  13.216  10.467  1.00 31.01 ? 118 LYS A CG  1 
ATOM   931  C CD  . LYS A 1 119 ? -2.825  13.284  9.056   1.00 33.69 ? 118 LYS A CD  1 
ATOM   932  C CE  . LYS A 1 119 ? -2.190  14.357  8.168   1.00 34.76 ? 118 LYS A CE  1 
ATOM   933  N NZ  . LYS A 1 119 ? -0.789  14.039  7.801   1.00 35.15 ? 118 LYS A NZ  1 
ATOM   934  N N   . ASP A 1 120 ? -4.891  12.541  13.728  1.00 19.60 ? 119 ASP A N   1 
ATOM   935  C CA  . ASP A 1 120 ? -6.201  12.200  14.257  1.00 19.88 ? 119 ASP A CA  1 
ATOM   936  C C   . ASP A 1 120 ? -6.982  11.896  12.969  1.00 19.31 ? 119 ASP A C   1 
ATOM   937  O O   . ASP A 1 120 ? -7.292  12.813  12.200  1.00 19.78 ? 119 ASP A O   1 
ATOM   938  C CB  . ASP A 1 120 ? -6.817  13.418  14.973  1.00 20.88 ? 119 ASP A CB  1 
ATOM   939  C CG  . ASP A 1 120 ? -8.224  13.157  15.481  1.00 21.75 ? 119 ASP A CG  1 
ATOM   940  O OD1 . ASP A 1 120 ? -8.890  12.240  14.963  1.00 22.04 ? 119 ASP A OD1 1 
ATOM   941  O OD2 . ASP A 1 120 ? -8.674  13.887  16.397  1.00 22.02 ? 119 ASP A OD2 1 
ATOM   942  N N   . LEU A 1 121 ? -7.282  10.624  12.717  1.00 17.68 ? 120 LEU A N   1 
ATOM   943  C CA  . LEU A 1 121 ? -8.001  10.245  11.498  1.00 18.89 ? 120 LEU A CA  1 
ATOM   944  C C   . LEU A 1 121 ? -9.487  10.016  11.717  1.00 19.71 ? 120 LEU A C   1 
ATOM   945  O O   . LEU A 1 121 ? -10.140 9.390   10.884  1.00 19.39 ? 120 LEU A O   1 
ATOM   946  C CB  . LEU A 1 121 ? -7.411  8.964   10.886  1.00 20.47 ? 120 LEU A CB  1 
ATOM   947  C CG  . LEU A 1 121 ? -5.951  8.931   10.437  1.00 20.61 ? 120 LEU A CG  1 
ATOM   948  C CD1 . LEU A 1 121 ? -5.639  7.547   9.863   1.00 21.60 ? 120 LEU A CD1 1 
ATOM   949  C CD2 . LEU A 1 121 ? -5.697  10.013  9.399   1.00 20.62 ? 120 LEU A CD2 1 
ATOM   950  N N   . SER A 1 122 ? -10.035 10.527  12.819  1.00 17.81 ? 121 SER A N   1 
ATOM   951  C CA  . SER A 1 122 ? -11.454 10.318  13.094  1.00 18.35 ? 121 SER A CA  1 
ATOM   952  C C   . SER A 1 122 ? -12.430 10.815  12.029  1.00 19.00 ? 121 SER A C   1 
ATOM   953  O O   . SER A 1 122 ? -13.504 10.231  11.865  1.00 19.76 ? 121 SER A O   1 
ATOM   954  C CB  . SER A 1 122 ? -11.833 10.925  14.452  1.00 17.66 ? 121 SER A CB  1 
ATOM   955  O OG  . SER A 1 122 ? -11.556 12.304  14.497  1.00 17.18 ? 121 SER A OG  1 
ATOM   956  N N   . LYS A 1 123 ? -12.085 11.890  11.318  1.00 19.68 ? 122 LYS A N   1 
ATOM   957  C CA  . LYS A 1 123 ? -12.988 12.407  10.283  1.00 20.52 ? 122 LYS A CA  1 
ATOM   958  C C   . LYS A 1 123 ? -12.371 12.296  8.886   1.00 20.45 ? 122 LYS A C   1 
ATOM   959  O O   . LYS A 1 123 ? -12.887 12.874  7.929   1.00 20.93 ? 122 LYS A O   1 
ATOM   960  C CB  . LYS A 1 123 ? -13.338 13.881  10.537  1.00 22.91 ? 122 LYS A CB  1 
ATOM   961  C CG  . LYS A 1 123 ? -13.669 14.247  11.991  1.00 26.57 ? 122 LYS A CG  1 
ATOM   962  C CD  . LYS A 1 123 ? -14.808 13.391  12.562  1.00 30.04 ? 122 LYS A CD  1 
ATOM   963  C CE  . LYS A 1 123 ? -15.181 13.818  13.997  1.00 31.14 ? 122 LYS A CE  1 
ATOM   964  N NZ  . LYS A 1 123 ? -14.091 13.599  15.012  1.00 30.74 ? 122 LYS A NZ  1 
ATOM   965  N N   . TYR A 1 124 ? -11.272 11.561  8.773   1.00 19.88 ? 123 TYR A N   1 
ATOM   966  C CA  . TYR A 1 124 ? -10.585 11.409  7.487   1.00 19.98 ? 123 TYR A CA  1 
ATOM   967  C C   . TYR A 1 124 ? -11.520 10.892  6.383   1.00 20.69 ? 123 TYR A C   1 
ATOM   968  O O   . TYR A 1 124 ? -11.454 11.362  5.249   1.00 21.10 ? 123 TYR A O   1 
ATOM   969  C CB  . TYR A 1 124 ? -9.380  10.480  7.668   1.00 19.97 ? 123 TYR A CB  1 
ATOM   970  C CG  . TYR A 1 124 ? -8.528  10.261  6.430   1.00 18.88 ? 123 TYR A CG  1 
ATOM   971  C CD1 . TYR A 1 124 ? -7.748  11.294  5.891   1.00 20.02 ? 123 TYR A CD1 1 
ATOM   972  C CD2 . TYR A 1 124 ? -8.491  9.013   5.811   1.00 17.19 ? 123 TYR A CD2 1 
ATOM   973  C CE1 . TYR A 1 124 ? -6.949  11.071  4.761   1.00 18.93 ? 123 TYR A CE1 1 
ATOM   974  C CE2 . TYR A 1 124 ? -7.707  8.785   4.696   1.00 17.02 ? 123 TYR A CE2 1 
ATOM   975  C CZ  . TYR A 1 124 ? -6.940  9.803   4.173   1.00 18.40 ? 123 TYR A CZ  1 
ATOM   976  O OH  . TYR A 1 124 ? -6.164  9.544   3.065   1.00 16.66 ? 123 TYR A OH  1 
ATOM   977  N N   . LEU A 1 125 ? -12.391 9.942   6.707   1.00 20.36 ? 124 LEU A N   1 
ATOM   978  C CA  . LEU A 1 125 ? -13.319 9.394   5.713   1.00 23.29 ? 124 LEU A CA  1 
ATOM   979  C C   . LEU A 1 125 ? -14.765 9.840   5.923   1.00 24.32 ? 124 LEU A C   1 
ATOM   980  O O   . LEU A 1 125 ? -15.690 9.240   5.382   1.00 24.83 ? 124 LEU A O   1 
ATOM   981  C CB  . LEU A 1 125 ? -13.271 7.864   5.725   1.00 20.83 ? 124 LEU A CB  1 
ATOM   982  C CG  . LEU A 1 125 ? -11.931 7.201   5.386   1.00 21.22 ? 124 LEU A CG  1 
ATOM   983  C CD1 . LEU A 1 125 ? -12.100 5.683   5.482   1.00 21.50 ? 124 LEU A CD1 1 
ATOM   984  C CD2 . LEU A 1 125 ? -11.463 7.602   3.982   1.00 20.62 ? 124 LEU A CD2 1 
ATOM   985  N N   . ALA A 1 126 ? -14.952 10.904  6.691   1.00 26.44 ? 125 ALA A N   1 
ATOM   986  C CA  . ALA A 1 126 ? -16.286 11.406  6.989   1.00 29.02 ? 125 ALA A CA  1 
ATOM   987  C C   . ALA A 1 126 ? -17.086 11.836  5.757   1.00 31.03 ? 125 ALA A C   1 
ATOM   988  O O   . ALA A 1 126 ? -18.319 11.781  5.765   1.00 32.10 ? 125 ALA A O   1 
ATOM   989  C CB  . ALA A 1 126 ? -16.182 12.558  7.974   1.00 28.88 ? 125 ALA A CB  1 
ATOM   990  N N   . SER A 1 127 ? -16.396 12.259  4.703   1.00 32.73 ? 126 SER A N   1 
ATOM   991  C CA  . SER A 1 127 ? -17.069 12.695  3.482   1.00 35.23 ? 126 SER A CA  1 
ATOM   992  C C   . SER A 1 127 ? -17.422 11.549  2.532   1.00 36.30 ? 126 SER A C   1 
ATOM   993  O O   . SER A 1 127 ? -17.972 11.785  1.452   1.00 36.76 ? 126 SER A O   1 
ATOM   994  C CB  . SER A 1 127 ? -16.202 13.712  2.738   1.00 35.62 ? 126 SER A CB  1 
ATOM   995  O OG  . SER A 1 127 ? -15.003 13.118  2.265   1.00 37.98 ? 126 SER A OG  1 
ATOM   996  N N   . CYS A 1 128 ? -17.107 10.319  2.931   1.00 36.31 ? 127 CYS A N   1 
ATOM   997  C CA  . CYS A 1 128 ? -17.381 9.146   2.108   1.00 37.31 ? 127 CYS A CA  1 
ATOM   998  C C   . CYS A 1 128 ? -18.677 8.447   2.487   1.00 41.10 ? 127 CYS A C   1 
ATOM   999  O O   . CYS A 1 128 ? -19.203 8.626   3.586   1.00 41.93 ? 127 CYS A O   1 
ATOM   1000 C CB  . CYS A 1 128 ? -16.246 8.122   2.234   1.00 34.26 ? 127 CYS A CB  1 
ATOM   1001 S SG  . CYS A 1 128 ? -14.590 8.754   1.892   1.00 26.42 ? 127 CYS A SG  1 
ATOM   1002 N N   . ASN A 1 129 ? -19.176 7.642   1.558   1.00 45.71 ? 128 ASN A N   1 
ATOM   1003 C CA  . ASN A 1 129 ? -20.382 6.851   1.768   1.00 50.33 ? 128 ASN A CA  1 
ATOM   1004 C C   . ASN A 1 129 ? -19.902 5.417   1.914   1.00 52.44 ? 128 ASN A C   1 
ATOM   1005 O O   . ASN A 1 129 ? -19.630 4.741   0.924   1.00 53.29 ? 128 ASN A O   1 
ATOM   1006 C CB  . ASN A 1 129 ? -21.327 6.958   0.566   1.00 51.91 ? 128 ASN A CB  1 
ATOM   1007 C CG  . ASN A 1 129 ? -22.310 8.109   0.693   1.00 53.78 ? 128 ASN A CG  1 
ATOM   1008 O OD1 . ASN A 1 129 ? -23.048 8.416   -0.244  1.00 55.50 ? 128 ASN A OD1 1 
ATOM   1009 N ND2 . ASN A 1 129 ? -22.328 8.748   1.861   1.00 54.44 ? 128 ASN A ND2 1 
ATOM   1010 N N   . LEU A 1 130 ? -19.782 4.970   3.158   1.00 54.68 ? 129 LEU A N   1 
ATOM   1011 C CA  . LEU A 1 130 ? -19.314 3.624   3.441   1.00 55.99 ? 129 LEU A CA  1 
ATOM   1012 C C   . LEU A 1 130 ? -20.439 2.748   3.983   1.00 56.96 ? 129 LEU A C   1 
ATOM   1013 O O   . LEU A 1 130 ? -20.457 2.406   5.166   1.00 57.97 ? 129 LEU A O   1 
ATOM   1014 C CB  . LEU A 1 130 ? -18.164 3.679   4.448   1.00 56.59 ? 129 LEU A CB  1 
ATOM   1015 C CG  . LEU A 1 130 ? -16.985 4.568   4.040   1.00 56.71 ? 129 LEU A CG  1 
ATOM   1016 C CD1 . LEU A 1 130 ? -15.973 4.627   5.167   1.00 57.43 ? 129 LEU A CD1 1 
ATOM   1017 C CD2 . LEU A 1 130 ? -16.350 4.019   2.774   1.00 57.10 ? 129 LEU A CD2 1 
ATOM   1018 O OXT . LEU A 1 130 ? -21.353 2.493   3.158   1.00 59.33 ? 129 LEU A OXT 1 
HETATM 1019 O O   . HOH B 2 .   ? 1.355   -1.578  -4.556  1.00 16.55 ? 130 HOH A O   1 
HETATM 1020 O O   . HOH B 2 .   ? -1.832  -4.490  -9.557  1.00 23.40 ? 131 HOH A O   1 
HETATM 1021 O O   . HOH B 2 .   ? -13.070 11.208  -2.540  1.00 26.12 ? 132 HOH A O   1 
HETATM 1022 O O   . HOH B 2 .   ? -0.841  -0.346  -7.771  1.00 15.12 ? 133 HOH A O   1 
HETATM 1023 O O   . HOH B 2 .   ? -4.330  15.350  13.397  1.00 32.68 ? 134 HOH A O   1 
HETATM 1024 O O   . HOH B 2 .   ? -12.921 1.598   -8.657  1.00 28.98 ? 135 HOH A O   1 
HETATM 1025 O O   . HOH B 2 .   ? -11.745 4.001   9.422   1.00 20.55 ? 136 HOH A O   1 
HETATM 1026 O O   . HOH B 2 .   ? 5.140   -5.091  8.544   1.00 25.37 ? 137 HOH A O   1 
HETATM 1027 O O   . HOH B 2 .   ? 0.149   -10.524 -4.164  1.00 30.46 ? 138 HOH A O   1 
HETATM 1028 O O   . HOH B 2 .   ? -4.667  14.138  4.002   1.00 37.95 ? 139 HOH A O   1 
HETATM 1029 O O   . HOH B 2 .   ? -3.412  -1.668  -16.566 1.00 42.88 ? 140 HOH A O   1 
HETATM 1030 O O   . HOH B 2 .   ? -8.611  -0.888  -9.661  1.00 40.84 ? 141 HOH A O   1 
HETATM 1031 O O   . HOH B 2 .   ? -2.575  -12.407 1.211   1.00 35.54 ? 142 HOH A O   1 
HETATM 1032 O O   . HOH B 2 .   ? -15.584 7.134   9.095   1.00 65.43 ? 143 HOH A O   1 
HETATM 1033 O O   . HOH B 2 .   ? -13.482 -4.294  5.230   1.00 31.18 ? 144 HOH A O   1 
HETATM 1034 O O   . HOH B 2 .   ? 3.612   0.273   13.971  1.00 30.92 ? 145 HOH A O   1 
HETATM 1035 O O   . HOH B 2 .   ? 12.365  -12.418 5.016   1.00 60.50 ? 146 HOH A O   1 
HETATM 1036 O O   . HOH B 2 .   ? -1.986  1.389   -18.117 1.00 58.23 ? 147 HOH A O   1 
HETATM 1037 O O   . HOH B 2 .   ? 8.595   -2.764  3.456   1.00 40.63 ? 148 HOH A O   1 
HETATM 1038 O O   . HOH B 2 .   ? -17.455 -1.137  -0.216  1.00 39.24 ? 149 HOH A O   1 
HETATM 1039 O O   . HOH B 2 .   ? -6.865  -9.414  -3.232  1.00 33.66 ? 150 HOH A O   1 
HETATM 1040 O O   . HOH B 2 .   ? -15.486 3.571   -6.409  1.00 58.41 ? 151 HOH A O   1 
HETATM 1041 O O   . HOH B 2 .   ? -12.663 8.611   9.151   1.00 34.82 ? 152 HOH A O   1 
HETATM 1042 O O   . HOH B 2 .   ? -8.037  4.112   -16.439 1.00 34.17 ? 153 HOH A O   1 
HETATM 1043 O O   . HOH B 2 .   ? 11.560  -1.048  8.478   1.00 86.26 ? 154 HOH A O   1 
HETATM 1044 O O   . HOH B 2 .   ? -3.351  6.523   12.705  1.00 31.85 ? 155 HOH A O   1 
HETATM 1045 O O   . HOH B 2 .   ? -15.559 -0.745  -5.068  1.00 50.40 ? 156 HOH A O   1 
HETATM 1046 O O   . HOH B 2 .   ? -1.630  6.707   -13.751 1.00 41.34 ? 157 HOH A O   1 
HETATM 1047 O O   . HOH B 2 .   ? -8.692  5.316   12.419  1.00 38.67 ? 158 HOH A O   1 
HETATM 1048 O O   . HOH B 2 .   ? 0.965   -15.307 6.821   1.00 80.56 ? 159 HOH A O   1 
HETATM 1049 O O   . HOH B 2 .   ? -18.259 12.257  12.659  1.00 86.05 ? 160 HOH A O   1 
HETATM 1050 O O   . HOH B 2 .   ? 8.902   -6.965  -11.956 1.00 22.14 ? 161 HOH A O   1 
HETATM 1051 O O   . HOH B 2 .   ? 10.275  -10.562 4.861   1.00 57.33 ? 162 HOH A O   1 
HETATM 1052 O O   . HOH B 2 .   ? 6.555   3.298   13.944  1.00 33.53 ? 163 HOH A O   1 
HETATM 1053 O O   . HOH B 2 .   ? -8.644  -3.515  -8.392  1.00 34.59 ? 164 HOH A O   1 
HETATM 1054 O O   . HOH B 2 .   ? 2.139   10.912  11.688  1.00 36.33 ? 165 HOH A O   1 
HETATM 1055 O O   . HOH B 2 .   ? -6.005  15.015  10.720  1.00 41.93 ? 166 HOH A O   1 
HETATM 1056 O O   . HOH B 2 .   ? 13.093  5.140   4.448   1.00 62.74 ? 167 HOH A O   1 
HETATM 1057 O O   . HOH B 2 .   ? 10.574  -4.158  6.102   1.00 80.17 ? 168 HOH A O   1 
HETATM 1058 O O   . HOH B 2 .   ? 7.475   -16.533 -6.597  1.00 29.92 ? 169 HOH A O   1 
HETATM 1059 O O   . HOH B 2 .   ? 2.107   10.817  -1.530  1.00 27.06 ? 170 HOH A O   1 
HETATM 1060 O O   . HOH B 2 .   ? 13.995  -7.418  -6.903  1.00 28.91 ? 171 HOH A O   1 
HETATM 1061 O O   . HOH B 2 .   ? -7.261  8.455   14.947  1.00 33.90 ? 172 HOH A O   1 
HETATM 1062 O O   . HOH B 2 .   ? -9.315  12.086  -3.262  1.00 27.23 ? 173 HOH A O   1 
HETATM 1063 O O   . HOH B 2 .   ? -9.666  13.686  11.282  1.00 28.35 ? 174 HOH A O   1 
HETATM 1064 O O   . HOH B 2 .   ? 14.096  7.233   -5.434  1.00 30.46 ? 175 HOH A O   1 
HETATM 1065 O O   . HOH B 2 .   ? -6.784  5.650   -18.471 1.00 32.79 ? 176 HOH A O   1 
HETATM 1066 O O   . HOH B 2 .   ? 6.850   2.004   0.674   1.00 33.61 ? 177 HOH A O   1 
HETATM 1067 O O   . HOH B 2 .   ? -6.797  1.322   13.508  1.00 33.55 ? 178 HOH A O   1 
HETATM 1068 O O   . HOH B 2 .   ? -4.567  13.569  -2.438  1.00 31.11 ? 179 HOH A O   1 
HETATM 1069 O O   . HOH B 2 .   ? 11.342  7.259   -9.331  1.00 36.03 ? 180 HOH A O   1 
HETATM 1070 O O   . HOH B 2 .   ? -14.099 9.785   -4.275  1.00 39.55 ? 181 HOH A O   1 
HETATM 1071 O O   . HOH B 2 .   ? -5.865  5.780   13.845  1.00 33.50 ? 182 HOH A O   1 
HETATM 1072 O O   . HOH B 2 .   ? -2.086  6.608   15.866  1.00 45.86 ? 183 HOH A O   1 
HETATM 1073 O O   . HOH B 2 .   ? -18.250 9.424   -2.304  1.00 53.59 ? 184 HOH A O   1 
HETATM 1074 O O   . HOH B 2 .   ? 13.081  -3.304  -9.143  1.00 38.02 ? 185 HOH A O   1 
HETATM 1075 O O   . HOH B 2 .   ? 9.815   0.606   0.470   1.00 44.35 ? 186 HOH A O   1 
HETATM 1076 O O   . HOH B 2 .   ? 0.462   -11.954 -1.979  1.00 35.36 ? 187 HOH A O   1 
HETATM 1077 O O   . HOH B 2 .   ? 1.949   -7.494  13.093  1.00 48.13 ? 188 HOH A O   1 
HETATM 1078 O O   . HOH B 2 .   ? 12.076  6.760   -0.594  1.00 38.16 ? 189 HOH A O   1 
HETATM 1079 O O   . HOH B 2 .   ? 7.877   -8.435  -15.370 1.00 40.17 ? 190 HOH A O   1 
HETATM 1080 O O   . HOH B 2 .   ? -10.586 -3.711  -11.287 1.00 60.95 ? 191 HOH A O   1 
HETATM 1081 O O   . HOH B 2 .   ? -8.060  -11.772 3.624   1.00 49.19 ? 192 HOH A O   1 
HETATM 1082 O O   . HOH B 2 .   ? -13.573 -5.619  -4.760  1.00 49.50 ? 193 HOH A O   1 
HETATM 1083 O O   . HOH B 2 .   ? -8.791  14.369  8.416   1.00 46.12 ? 194 HOH A O   1 
HETATM 1084 O O   . HOH B 2 .   ? 7.518   -17.515 4.643   1.00 56.30 ? 195 HOH A O   1 
HETATM 1085 O O   . HOH B 2 .   ? 1.821   -5.835  -15.244 1.00 52.30 ? 196 HOH A O   1 
HETATM 1086 O O   . HOH B 2 .   ? 18.696  -7.020  -3.107  1.00 51.63 ? 197 HOH A O   1 
HETATM 1087 O O   . HOH B 2 .   ? -12.545 15.560  15.743  1.00 50.68 ? 198 HOH A O   1 
HETATM 1088 O O   . HOH B 2 .   ? 12.453  -4.971  9.474   1.00 55.00 ? 199 HOH A O   1 
HETATM 1089 O O   . HOH B 2 .   ? 5.939   -15.399 2.337   1.00 52.86 ? 200 HOH A O   1 
HETATM 1090 O O   . HOH B 2 .   ? -18.259 -3.629  1.026   1.00 44.66 ? 201 HOH A O   1 
HETATM 1091 O O   . HOH B 2 .   ? -5.501  -11.554 -6.997  1.00 51.61 ? 202 HOH A O   1 
HETATM 1092 O O   . HOH B 2 .   ? 20.539  2.316   -1.406  1.00 60.88 ? 203 HOH A O   1 
HETATM 1093 O O   . HOH B 2 .   ? -11.847 -3.271  -8.856  1.00 60.77 ? 204 HOH A O   1 
HETATM 1094 O O   . HOH B 2 .   ? -8.023  -2.187  16.145  1.00 42.33 ? 205 HOH A O   1 
HETATM 1095 O O   . HOH B 2 .   ? 19.379  -8.102  -15.331 1.00 55.15 ? 206 HOH A O   1 
HETATM 1096 O O   . HOH B 2 .   ? -3.874  -6.827  -9.443  1.00 29.52 ? 207 HOH A O   1 
HETATM 1097 O O   . HOH B 2 .   ? 7.525   -1.777  0.739   1.00 33.42 ? 208 HOH A O   1 
HETATM 1098 O O   . HOH B 2 .   ? -13.663 12.611  4.323   1.00 35.30 ? 209 HOH A O   1 
HETATM 1099 O O   . HOH B 2 .   ? -10.147 -1.166  13.289  1.00 41.34 ? 210 HOH A O   1 
# 
